data_3TU9
#
_entry.id   3TU9
#
_cell.length_a   82.669
_cell.length_b   103.056
_cell.length_c   84.458
_cell.angle_alpha   90.00
_cell.angle_beta   98.34
_cell.angle_gamma   90.00
#
_symmetry.space_group_name_H-M   'P 1 21 1'
#
loop_
_entity.id
_entity.type
_entity.pdbx_description
1 polymer 'Fructose-bisphosphate aldolase A'
2 non-polymer 2-O-methyl-1,6-di-O-phosphono-D-mannitol
3 water water
#
_entity_poly.entity_id   1
_entity_poly.type   'polypeptide(L)'
_entity_poly.pdbx_seq_one_letter_code
;PHSHPALTPEQKKELSDIAHRIVAPGKGILAADESTGSIAKRLQSIGTENTEENRRFYRQLLLTADDRVNPCIGGVILFH
ETLYQKADDGRPFPQVIKSKGGVVGIKVDKGVVPLAGTNGETTTQGLDGLSERCAQYKKDGADFAKWRCVLKIGEHTPSA
LAIMENANVLARYASICQQNGIVPIVEPEILPDGDHDLKRCQYVTEKVLAAVYKALSDHHIYLEGTLLKPNMVTPGHACT
QKYSHEEIAMATVTALRRTVPPAVTGVTFLSGGQSEEEASINLNAINKCPLLKPWALTFSYGRALQASALKAWGGKKENL
KAAQEEYVKRALANSLACQGKYTPSGQAGAAASESLFISNHAY
;
_entity_poly.pdbx_strand_id   A,B,C,D
#
loop_
_chem_comp.id
_chem_comp.type
_chem_comp.name
_chem_comp.formula
5MM D-saccharide 2-O-methyl-1,6-di-O-phosphono-D-mannitol 'C7 H18 O12 P2'
#
# COMPACT_ATOMS: atom_id res chain seq x y z
N PRO A 1 -15.84 5.79 -0.08
CA PRO A 1 -15.73 5.07 1.18
C PRO A 1 -17.03 5.18 1.97
N HIS A 2 -17.81 4.11 2.01
CA HIS A 2 -19.06 4.11 2.77
C HIS A 2 -18.98 3.20 3.98
N SER A 3 -19.58 3.64 5.08
CA SER A 3 -19.59 2.88 6.32
C SER A 3 -20.62 1.74 6.26
N HIS A 4 -20.16 0.53 6.58
CA HIS A 4 -21.06 -0.59 6.85
C HIS A 4 -20.68 -1.09 8.23
N PRO A 5 -21.18 -0.41 9.27
CA PRO A 5 -20.70 -0.58 10.66
C PRO A 5 -20.39 -2.04 11.00
N ALA A 6 -19.17 -2.29 11.41
CA ALA A 6 -18.79 -3.60 11.91
C ALA A 6 -19.52 -3.90 13.24
N LEU A 7 -19.76 -2.86 14.04
CA LEU A 7 -20.27 -3.03 15.41
C LEU A 7 -21.41 -2.06 15.74
N THR A 8 -22.41 -2.51 16.48
CA THR A 8 -23.45 -1.62 16.99
C THR A 8 -22.89 -0.78 18.14
N PRO A 9 -23.61 0.27 18.54
CA PRO A 9 -23.21 0.97 19.78
C PRO A 9 -23.14 0.04 21.00
N GLU A 10 -24.01 -0.96 21.06
CA GLU A 10 -24.04 -1.86 22.22
C GLU A 10 -22.82 -2.77 22.22
N GLN A 11 -22.44 -3.24 21.04
CA GLN A 11 -21.24 -4.07 20.93
C GLN A 11 -20.00 -3.25 21.28
N LYS A 12 -19.99 -1.99 20.87
CA LYS A 12 -18.86 -1.14 21.19
C LYS A 12 -18.74 -0.91 22.70
N LYS A 13 -19.87 -0.63 23.34
CA LYS A 13 -19.84 -0.34 24.76
C LYS A 13 -19.30 -1.57 25.49
N GLU A 14 -19.72 -2.76 25.10
CA GLU A 14 -19.22 -3.94 25.77
C GLU A 14 -17.70 -4.03 25.65
N LEU A 15 -17.19 -3.97 24.42
CA LEU A 15 -15.74 -4.10 24.20
C LEU A 15 -14.96 -3.04 24.96
N SER A 16 -15.40 -1.78 24.87
CA SER A 16 -14.74 -0.70 25.57
C SER A 16 -14.76 -0.93 27.09
N ASP A 17 -15.89 -1.35 27.61
CA ASP A 17 -16.00 -1.63 29.04
C ASP A 17 -15.02 -2.71 29.51
N ILE A 18 -14.90 -3.77 28.73
CA ILE A 18 -13.96 -4.84 29.06
C ILE A 18 -12.53 -4.30 29.03
N ALA A 19 -12.17 -3.60 27.95
CA ALA A 19 -10.82 -3.08 27.81
C ALA A 19 -10.42 -2.23 29.03
N HIS A 20 -11.30 -1.31 29.42
CA HIS A 20 -11.03 -0.42 30.53
C HIS A 20 -10.92 -1.14 31.85
N ARG A 21 -11.73 -2.19 32.06
CA ARG A 21 -11.63 -2.96 33.29
C ARG A 21 -10.25 -3.60 33.41
N ILE A 22 -9.74 -4.16 32.31
CA ILE A 22 -8.49 -4.91 32.33
C ILE A 22 -7.30 -4.03 32.75
N VAL A 23 -7.33 -2.76 32.33
CA VAL A 23 -6.20 -1.86 32.60
C VAL A 23 -6.57 -0.71 33.53
N ALA A 24 -7.52 -0.98 34.42
CA ALA A 24 -7.89 -0.02 35.47
C ALA A 24 -6.64 0.37 36.25
N PRO A 25 -6.64 1.59 36.80
CA PRO A 25 -5.45 2.09 37.50
C PRO A 25 -4.90 1.10 38.52
N GLY A 26 -3.60 0.81 38.43
CA GLY A 26 -2.96 -0.13 39.32
C GLY A 26 -2.95 -1.56 38.81
N LYS A 27 -3.66 -1.82 37.73
CA LYS A 27 -3.88 -3.20 37.28
C LYS A 27 -3.12 -3.54 36.00
N GLY A 28 -2.70 -4.80 35.91
CA GLY A 28 -2.00 -5.32 34.74
C GLY A 28 -2.43 -6.75 34.50
N ILE A 29 -1.70 -7.45 33.64
CA ILE A 29 -2.13 -8.75 33.18
C ILE A 29 -1.09 -9.81 33.49
N LEU A 30 -1.54 -10.94 34.04
CA LEU A 30 -0.68 -12.10 34.19
C LEU A 30 -0.83 -12.93 32.92
N ALA A 31 0.28 -13.15 32.23
CA ALA A 31 0.28 -13.97 31.02
C ALA A 31 0.69 -15.40 31.39
N ALA A 32 -0.30 -16.27 31.57
CA ALA A 32 -0.05 -17.65 31.95
C ALA A 32 -0.44 -18.56 30.80
N ASP A 33 -0.29 -18.05 29.59
CA ASP A 33 -0.86 -18.70 28.41
C ASP A 33 0.17 -19.47 27.57
N GLU A 34 1.26 -19.91 28.20
CA GLU A 34 2.26 -20.73 27.53
C GLU A 34 1.65 -22.02 27.00
N SER A 35 1.88 -22.30 25.71
CA SER A 35 1.41 -23.54 25.10
C SER A 35 2.13 -24.76 25.65
N THR A 36 1.69 -25.95 25.26
CA THR A 36 2.24 -27.19 25.80
C THR A 36 3.76 -27.23 25.66
N GLY A 37 4.24 -26.95 24.45
CA GLY A 37 5.66 -26.98 24.15
C GLY A 37 6.45 -25.84 24.77
N SER A 38 5.78 -24.71 25.03
CA SER A 38 6.41 -23.59 25.72
C SER A 38 6.52 -23.80 27.23
N ILE A 39 5.44 -24.22 27.87
CA ILE A 39 5.47 -24.49 29.32
C ILE A 39 6.41 -25.67 29.59
N ALA A 40 6.53 -26.58 28.62
CA ALA A 40 7.49 -27.69 28.73
C ALA A 40 8.90 -27.18 29.02
N LYS A 41 9.37 -26.24 28.20
CA LYS A 41 10.67 -25.62 28.42
C LYS A 41 10.78 -25.10 29.84
N ARG A 42 9.74 -24.39 30.27
CA ARG A 42 9.74 -23.76 31.58
C ARG A 42 9.84 -24.80 32.69
N LEU A 43 9.22 -25.96 32.48
CA LEU A 43 9.19 -27.02 33.50
C LEU A 43 10.53 -27.78 33.55
N GLN A 44 11.14 -28.00 32.39
CA GLN A 44 12.45 -28.62 32.33
C GLN A 44 13.49 -27.78 33.06
N SER A 45 13.30 -26.47 33.10
CA SER A 45 14.25 -25.58 33.76
C SER A 45 14.24 -25.77 35.27
N ILE A 46 13.27 -26.53 35.77
CA ILE A 46 13.24 -26.91 37.18
C ILE A 46 13.06 -28.42 37.33
N GLY A 47 13.47 -29.16 36.29
CA GLY A 47 13.52 -30.61 36.35
C GLY A 47 12.18 -31.28 36.61
N THR A 48 11.10 -30.62 36.20
CA THR A 48 9.76 -31.09 36.48
C THR A 48 9.15 -31.62 35.17
N GLU A 49 8.50 -32.77 35.25
CA GLU A 49 7.99 -33.45 34.06
C GLU A 49 6.78 -32.73 33.51
N ASN A 50 6.68 -32.66 32.20
CA ASN A 50 5.54 -32.00 31.57
C ASN A 50 4.33 -32.93 31.46
N THR A 51 3.57 -33.01 32.54
CA THR A 51 2.30 -33.74 32.55
C THR A 51 1.17 -32.72 32.69
N GLU A 52 -0.04 -33.11 32.28
CA GLU A 52 -1.17 -32.20 32.39
C GLU A 52 -1.40 -31.82 33.84
N GLU A 53 -1.14 -32.75 34.76
CA GLU A 53 -1.42 -32.52 36.17
C GLU A 53 -0.48 -31.48 36.80
N ASN A 54 0.81 -31.55 36.47
CA ASN A 54 1.76 -30.52 36.90
C ASN A 54 1.46 -29.15 36.27
N ARG A 55 1.01 -29.13 35.03
CA ARG A 55 0.63 -27.85 34.43
C ARG A 55 -0.56 -27.31 35.21
N ARG A 56 -1.57 -28.16 35.45
CA ARG A 56 -2.75 -27.75 36.21
C ARG A 56 -2.37 -27.22 37.58
N PHE A 57 -1.47 -27.91 38.26
CA PHE A 57 -1.07 -27.51 39.60
C PHE A 57 -0.34 -26.17 39.60
N TYR A 58 0.61 -26.01 38.68
CA TYR A 58 1.33 -24.75 38.57
C TYR A 58 0.38 -23.60 38.24
N ARG A 59 -0.50 -23.80 37.27
CA ARG A 59 -1.50 -22.77 36.95
C ARG A 59 -2.42 -22.49 38.15
N GLN A 60 -2.83 -23.54 38.87
CA GLN A 60 -3.60 -23.37 40.10
C GLN A 60 -2.85 -22.50 41.11
N LEU A 61 -1.56 -22.79 41.26
CA LEU A 61 -0.71 -22.08 42.21
C LEU A 61 -0.73 -20.58 41.94
N LEU A 62 -0.64 -20.21 40.67
CA LEU A 62 -0.67 -18.81 40.31
C LEU A 62 -2.08 -18.24 40.52
N LEU A 63 -3.08 -18.97 40.03
CA LEU A 63 -4.44 -18.44 39.98
C LEU A 63 -5.10 -18.31 41.36
N THR A 64 -4.62 -19.04 42.35
CA THR A 64 -5.25 -19.02 43.68
C THR A 64 -4.42 -18.34 44.76
N ALA A 65 -3.37 -17.63 44.35
CA ALA A 65 -2.56 -16.87 45.31
C ALA A 65 -3.47 -15.90 46.05
N ASP A 66 -3.02 -15.40 47.20
CA ASP A 66 -3.92 -14.72 48.12
C ASP A 66 -4.40 -13.37 47.57
N ASP A 67 -5.38 -12.81 48.26
CA ASP A 67 -6.14 -11.65 47.78
C ASP A 67 -5.35 -10.35 47.67
N ARG A 68 -4.06 -10.38 47.99
CA ARG A 68 -3.22 -9.22 47.79
C ARG A 68 -3.04 -8.95 46.29
N VAL A 69 -3.23 -9.99 45.47
CA VAL A 69 -3.03 -9.83 44.03
C VAL A 69 -4.26 -9.21 43.35
N ASN A 70 -5.41 -9.27 44.02
CA ASN A 70 -6.67 -8.84 43.39
C ASN A 70 -6.62 -7.42 42.80
N PRO A 71 -6.15 -6.43 43.58
CA PRO A 71 -6.09 -5.07 43.02
C PRO A 71 -5.02 -4.94 41.95
N CYS A 72 -4.13 -5.93 41.87
CA CYS A 72 -2.97 -5.87 40.98
C CYS A 72 -3.28 -6.43 39.60
N ILE A 73 -4.20 -7.37 39.53
CA ILE A 73 -4.40 -8.16 38.34
C ILE A 73 -5.77 -7.89 37.74
N GLY A 74 -5.79 -7.16 36.63
CA GLY A 74 -7.03 -6.87 35.94
C GLY A 74 -7.43 -8.00 35.00
N GLY A 75 -6.46 -8.81 34.59
CA GLY A 75 -6.76 -9.87 33.64
C GLY A 75 -5.72 -10.97 33.67
N VAL A 76 -6.14 -12.18 33.27
CA VAL A 76 -5.24 -13.31 33.21
C VAL A 76 -5.42 -14.00 31.87
N ILE A 77 -4.34 -14.13 31.12
CA ILE A 77 -4.38 -14.81 29.82
C ILE A 77 -4.13 -16.30 30.00
N LEU A 78 -5.01 -17.13 29.44
CA LEU A 78 -4.87 -18.57 29.57
C LEU A 78 -4.68 -19.24 28.21
N PHE A 79 -3.97 -20.36 28.22
CA PHE A 79 -3.89 -21.24 27.06
C PHE A 79 -5.14 -22.14 27.09
N HIS A 80 -5.54 -22.66 25.93
CA HIS A 80 -6.83 -23.35 25.81
C HIS A 80 -7.05 -24.40 26.92
N GLU A 81 -6.06 -25.27 27.09
CA GLU A 81 -6.13 -26.34 28.09
C GLU A 81 -6.54 -25.82 29.48
N THR A 82 -5.96 -24.70 29.88
CA THR A 82 -6.18 -24.16 31.21
C THR A 82 -7.57 -23.55 31.41
N LEU A 83 -8.13 -23.00 30.34
CA LEU A 83 -9.46 -22.42 30.39
C LEU A 83 -10.48 -23.48 30.81
N TYR A 84 -10.19 -24.75 30.53
CA TYR A 84 -11.16 -25.81 30.84
C TYR A 84 -10.72 -26.75 31.98
N GLN A 85 -9.76 -26.30 32.77
CA GLN A 85 -9.32 -27.06 33.93
C GLN A 85 -10.01 -26.52 35.18
N LYS A 86 -9.95 -27.31 36.27
CA LYS A 86 -10.56 -26.92 37.54
C LYS A 86 -9.54 -26.95 38.67
N ALA A 87 -9.72 -26.08 39.65
CA ALA A 87 -8.95 -26.16 40.89
C ALA A 87 -9.33 -27.41 41.68
N ASP A 88 -8.65 -27.64 42.81
CA ASP A 88 -8.90 -28.83 43.64
C ASP A 88 -10.33 -28.82 44.19
N ASP A 89 -10.83 -27.66 44.57
CA ASP A 89 -12.17 -27.54 45.13
C ASP A 89 -13.28 -27.65 44.08
N GLY A 90 -12.94 -28.00 42.84
CA GLY A 90 -13.92 -28.18 41.79
C GLY A 90 -14.23 -26.96 40.93
N ARG A 91 -13.89 -25.75 41.40
CA ARG A 91 -14.18 -24.50 40.66
C ARG A 91 -13.40 -24.36 39.36
N PRO A 92 -14.10 -24.14 38.24
CA PRO A 92 -13.38 -23.83 36.99
C PRO A 92 -12.40 -22.67 37.17
N PHE A 93 -11.20 -22.79 36.63
CA PHE A 93 -10.21 -21.70 36.69
C PHE A 93 -10.80 -20.34 36.29
N PRO A 94 -11.61 -20.27 35.22
CA PRO A 94 -12.21 -18.97 34.92
C PRO A 94 -12.99 -18.39 36.11
N GLN A 95 -13.76 -19.24 36.79
CA GLN A 95 -14.52 -18.80 37.97
C GLN A 95 -13.55 -18.29 39.04
N VAL A 96 -12.47 -19.03 39.25
CA VAL A 96 -11.43 -18.61 40.20
C VAL A 96 -10.96 -17.19 39.89
N ILE A 97 -10.50 -16.98 38.65
CA ILE A 97 -9.94 -15.70 38.24
C ILE A 97 -10.96 -14.58 38.48
N LYS A 98 -12.20 -14.85 38.11
CA LYS A 98 -13.24 -13.84 38.17
C LYS A 98 -13.71 -13.50 39.58
N SER A 99 -13.62 -14.46 40.50
CA SER A 99 -14.02 -14.19 41.88
C SER A 99 -12.95 -13.32 42.55
N LYS A 100 -11.77 -13.25 41.94
CA LYS A 100 -10.69 -12.41 42.46
C LYS A 100 -10.62 -11.06 41.75
N GLY A 101 -11.64 -10.74 40.95
CA GLY A 101 -11.75 -9.43 40.32
C GLY A 101 -11.12 -9.30 38.93
N GLY A 102 -10.62 -10.41 38.39
CA GLY A 102 -9.96 -10.40 37.10
C GLY A 102 -10.84 -10.77 35.91
N VAL A 103 -10.48 -10.26 34.74
CA VAL A 103 -11.14 -10.64 33.51
C VAL A 103 -10.35 -11.83 32.97
N VAL A 104 -11.06 -12.77 32.34
CA VAL A 104 -10.41 -13.95 31.78
C VAL A 104 -10.04 -13.76 30.30
N GLY A 105 -8.81 -14.10 29.94
CA GLY A 105 -8.34 -13.95 28.57
C GLY A 105 -7.93 -15.29 27.98
N ILE A 106 -7.93 -15.39 26.64
CA ILE A 106 -7.61 -16.65 25.96
C ILE A 106 -6.64 -16.37 24.80
N LYS A 107 -5.50 -17.05 24.80
CA LYS A 107 -4.57 -16.94 23.66
C LYS A 107 -5.16 -17.77 22.55
N VAL A 108 -5.29 -17.19 21.36
CA VAL A 108 -5.95 -17.88 20.27
C VAL A 108 -5.08 -18.09 19.02
N ASP A 109 -3.83 -17.60 18.99
CA ASP A 109 -2.99 -17.88 17.82
C ASP A 109 -2.49 -19.33 17.86
N LYS A 110 -1.95 -19.81 16.74
CA LYS A 110 -1.43 -21.17 16.64
C LYS A 110 0.04 -21.17 16.26
N GLY A 111 0.76 -20.15 16.70
CA GLY A 111 2.20 -20.13 16.56
C GLY A 111 2.65 -19.51 15.24
N VAL A 112 3.95 -19.26 15.16
CA VAL A 112 4.57 -18.66 14.00
C VAL A 112 4.82 -19.69 12.91
N VAL A 113 4.81 -19.22 11.66
CA VAL A 113 5.24 -20.03 10.52
C VAL A 113 6.21 -19.21 9.68
N PRO A 114 7.08 -19.91 8.94
CA PRO A 114 8.10 -19.25 8.13
C PRO A 114 7.51 -18.53 6.92
N LEU A 115 7.95 -17.30 6.71
CA LEU A 115 7.69 -16.57 5.46
C LEU A 115 8.79 -16.87 4.45
N ALA A 116 8.43 -17.59 3.39
CA ALA A 116 9.38 -18.00 2.36
C ALA A 116 9.99 -16.78 1.71
N GLY A 117 11.27 -16.87 1.38
CA GLY A 117 11.95 -15.81 0.66
C GLY A 117 12.34 -14.65 1.56
N THR A 118 12.34 -14.89 2.88
CA THR A 118 12.83 -13.90 3.84
C THR A 118 14.01 -14.48 4.60
N ASN A 119 14.73 -13.61 5.28
CA ASN A 119 15.86 -14.06 6.07
C ASN A 119 15.38 -14.54 7.43
N GLY A 120 14.72 -15.70 7.44
CA GLY A 120 14.30 -16.32 8.69
C GLY A 120 13.14 -15.64 9.39
N GLU A 121 12.35 -14.86 8.66
CA GLU A 121 11.21 -14.15 9.26
C GLU A 121 9.94 -15.00 9.25
N THR A 122 8.98 -14.64 10.09
CA THR A 122 7.76 -15.43 10.25
C THR A 122 6.51 -14.57 10.18
N THR A 123 5.39 -15.23 9.94
CA THR A 123 4.10 -14.65 10.27
C THR A 123 3.45 -15.59 11.29
N THR A 124 2.17 -15.41 11.56
CA THR A 124 1.51 -16.21 12.59
C THR A 124 0.23 -16.77 12.03
N GLN A 125 -0.08 -18.01 12.40
CA GLN A 125 -1.26 -18.67 11.86
C GLN A 125 -2.28 -18.83 12.99
N GLY A 126 -3.54 -19.10 12.64
CA GLY A 126 -4.55 -19.30 13.65
C GLY A 126 -5.90 -18.67 13.36
N LEU A 127 -6.11 -18.20 12.13
CA LEU A 127 -7.39 -17.59 11.78
C LEU A 127 -8.49 -18.60 11.45
N ASP A 128 -8.12 -19.80 11.00
CA ASP A 128 -9.12 -20.77 10.52
C ASP A 128 -10.07 -21.16 11.65
N GLY A 129 -11.37 -20.97 11.44
CA GLY A 129 -12.34 -21.29 12.47
C GLY A 129 -12.23 -20.39 13.70
N LEU A 130 -11.59 -19.22 13.56
CA LEU A 130 -11.38 -18.34 14.71
C LEU A 130 -12.70 -17.82 15.28
N SER A 131 -13.62 -17.44 14.40
CA SER A 131 -14.90 -16.90 14.85
C SER A 131 -15.66 -17.89 15.74
N GLU A 132 -15.70 -19.15 15.33
CA GLU A 132 -16.42 -20.17 16.07
C GLU A 132 -15.73 -20.40 17.41
N ARG A 133 -14.40 -20.40 17.40
CA ARG A 133 -13.65 -20.55 18.64
C ARG A 133 -13.92 -19.40 19.62
N CYS A 134 -13.97 -18.17 19.11
CA CYS A 134 -14.17 -17.00 19.97
C CYS A 134 -15.57 -17.00 20.60
N ALA A 135 -16.57 -17.43 19.85
CA ALA A 135 -17.91 -17.48 20.38
C ALA A 135 -17.97 -18.53 21.49
N GLN A 136 -17.28 -19.64 21.32
CA GLN A 136 -17.28 -20.69 22.33
C GLN A 136 -16.51 -20.20 23.57
N TYR A 137 -15.35 -19.58 23.35
CA TYR A 137 -14.57 -19.05 24.46
C TYR A 137 -15.37 -18.00 25.23
N LYS A 138 -16.08 -17.14 24.51
CA LYS A 138 -16.90 -16.11 25.14
C LYS A 138 -17.97 -16.75 26.03
N LYS A 139 -18.65 -17.76 25.50
CA LYS A 139 -19.67 -18.52 26.22
C LYS A 139 -19.08 -19.17 27.48
N ASP A 140 -17.82 -19.57 27.37
CA ASP A 140 -17.16 -20.28 28.45
C ASP A 140 -16.33 -19.36 29.34
N GLY A 141 -16.57 -18.05 29.22
CA GLY A 141 -16.11 -17.12 30.24
C GLY A 141 -14.98 -16.15 29.87
N ALA A 142 -14.40 -16.28 28.68
CA ALA A 142 -13.32 -15.36 28.28
C ALA A 142 -13.89 -14.07 27.71
N ASP A 143 -13.26 -12.94 28.02
CA ASP A 143 -13.73 -11.65 27.52
C ASP A 143 -12.67 -10.93 26.67
N PHE A 144 -11.44 -11.42 26.70
CA PHE A 144 -10.40 -10.91 25.81
C PHE A 144 -9.50 -12.01 25.29
N ALA A 145 -8.70 -11.70 24.28
CA ALA A 145 -7.88 -12.68 23.61
C ALA A 145 -6.49 -12.12 23.40
N LYS A 146 -5.58 -12.96 22.97
CA LYS A 146 -4.21 -12.53 22.72
C LYS A 146 -3.69 -13.26 21.49
N TRP A 147 -2.93 -12.53 20.68
CA TRP A 147 -2.36 -13.06 19.45
C TRP A 147 -0.98 -12.46 19.30
N ARG A 148 0.02 -13.34 19.23
CA ARG A 148 1.42 -12.93 19.16
C ARG A 148 2.05 -13.00 17.75
N CYS A 149 2.43 -11.85 17.22
CA CYS A 149 3.28 -11.80 16.03
C CYS A 149 4.70 -11.54 16.50
N VAL A 150 5.69 -12.05 15.76
CA VAL A 150 7.10 -11.91 16.15
C VAL A 150 7.95 -11.36 14.99
N LEU A 151 8.64 -10.24 15.24
CA LEU A 151 9.52 -9.63 14.25
C LEU A 151 10.93 -9.54 14.85
N LYS A 152 11.93 -9.50 13.98
CA LYS A 152 13.33 -9.53 14.40
C LYS A 152 14.12 -8.37 13.78
N ILE A 153 14.92 -7.69 14.58
CA ILE A 153 15.82 -6.67 14.06
C ILE A 153 17.15 -7.29 13.63
N GLY A 154 17.49 -7.10 12.36
CA GLY A 154 18.70 -7.65 11.78
C GLY A 154 19.13 -6.87 10.54
N GLU A 155 20.06 -7.44 9.77
CA GLU A 155 20.62 -6.74 8.62
C GLU A 155 19.54 -6.31 7.62
N HIS A 156 18.64 -7.24 7.32
CA HIS A 156 17.63 -7.04 6.29
C HIS A 156 16.22 -7.14 6.85
N THR A 157 16.11 -7.07 8.17
CA THR A 157 14.83 -7.32 8.83
C THR A 157 14.52 -6.29 9.91
N PRO A 158 13.23 -6.07 10.19
CA PRO A 158 12.12 -6.74 9.52
C PRO A 158 11.87 -6.14 8.14
N SER A 159 11.56 -6.98 7.17
CA SER A 159 11.36 -6.54 5.80
C SER A 159 10.00 -5.89 5.66
N ALA A 160 9.79 -5.16 4.56
CA ALA A 160 8.47 -4.69 4.18
C ALA A 160 7.41 -5.79 4.21
N LEU A 161 7.71 -6.95 3.61
CA LEU A 161 6.77 -8.08 3.62
C LEU A 161 6.41 -8.53 5.04
N ALA A 162 7.39 -8.72 5.90
CA ALA A 162 7.14 -9.18 7.26
C ALA A 162 6.28 -8.16 7.99
N ILE A 163 6.56 -6.89 7.78
CA ILE A 163 5.83 -5.87 8.51
C ILE A 163 4.37 -5.80 8.02
N MET A 164 4.19 -5.86 6.70
CA MET A 164 2.86 -5.76 6.13
C MET A 164 2.03 -6.98 6.49
N GLU A 165 2.62 -8.18 6.35
CA GLU A 165 1.86 -9.41 6.57
C GLU A 165 1.45 -9.61 8.04
N ASN A 166 2.34 -9.28 8.97
CA ASN A 166 2.02 -9.41 10.38
C ASN A 166 0.99 -8.36 10.85
N ALA A 167 1.09 -7.14 10.35
CA ALA A 167 0.09 -6.10 10.62
C ALA A 167 -1.26 -6.60 10.16
N ASN A 168 -1.29 -7.09 8.93
CA ASN A 168 -2.52 -7.59 8.33
C ASN A 168 -3.18 -8.76 9.07
N VAL A 169 -2.41 -9.80 9.42
CA VAL A 169 -3.03 -10.93 10.12
C VAL A 169 -3.48 -10.49 11.53
N LEU A 170 -2.75 -9.56 12.15
CA LEU A 170 -3.20 -8.98 13.41
C LEU A 170 -4.57 -8.31 13.24
N ALA A 171 -4.76 -7.59 12.14
CA ALA A 171 -6.03 -6.90 11.94
C ALA A 171 -7.17 -7.91 11.72
N ARG A 172 -6.90 -9.02 11.02
CA ARG A 172 -7.93 -10.03 10.79
C ARG A 172 -8.36 -10.62 12.11
N TYR A 173 -7.39 -10.97 12.95
CA TYR A 173 -7.67 -11.55 14.26
C TYR A 173 -8.48 -10.57 15.09
N ALA A 174 -8.11 -9.29 15.05
CA ALA A 174 -8.81 -8.29 15.83
C ALA A 174 -10.26 -8.19 15.37
N SER A 175 -10.47 -8.17 14.07
CA SER A 175 -11.82 -8.04 13.50
C SER A 175 -12.71 -9.20 13.96
N ILE A 176 -12.17 -10.41 13.90
CA ILE A 176 -12.97 -11.59 14.24
C ILE A 176 -13.27 -11.58 15.74
N CYS A 177 -12.27 -11.29 16.56
CA CYS A 177 -12.52 -11.22 18.00
C CYS A 177 -13.68 -10.26 18.29
N GLN A 178 -13.62 -9.07 17.69
CA GLN A 178 -14.57 -8.02 18.06
C GLN A 178 -15.99 -8.35 17.63
N GLN A 179 -16.13 -9.10 16.54
CA GLN A 179 -17.43 -9.62 16.10
C GLN A 179 -18.04 -10.53 17.17
N ASN A 180 -17.20 -11.06 18.04
CA ASN A 180 -17.64 -12.07 19.03
C ASN A 180 -17.60 -11.56 20.48
N GLY A 181 -17.53 -10.25 20.64
CA GLY A 181 -17.52 -9.65 21.95
C GLY A 181 -16.26 -9.89 22.76
N ILE A 182 -15.17 -10.18 22.07
CA ILE A 182 -13.87 -10.41 22.71
C ILE A 182 -12.91 -9.24 22.41
N VAL A 183 -12.31 -8.67 23.45
CA VAL A 183 -11.34 -7.59 23.28
C VAL A 183 -10.01 -8.20 22.82
N PRO A 184 -9.53 -7.80 21.64
CA PRO A 184 -8.26 -8.38 21.19
C PRO A 184 -7.06 -7.59 21.72
N ILE A 185 -6.11 -8.30 22.32
CA ILE A 185 -4.83 -7.72 22.63
C ILE A 185 -3.92 -7.95 21.42
N VAL A 186 -3.47 -6.86 20.81
CA VAL A 186 -2.68 -6.92 19.59
C VAL A 186 -1.20 -6.96 19.96
N GLU A 187 -0.52 -8.07 19.76
CA GLU A 187 0.90 -8.17 20.21
C GLU A 187 1.87 -8.31 19.04
N PRO A 188 2.43 -7.18 18.58
CA PRO A 188 3.49 -7.23 17.58
C PRO A 188 4.84 -7.17 18.27
N GLU A 189 5.35 -8.31 18.70
CA GLU A 189 6.59 -8.28 19.49
C GLU A 189 7.80 -8.14 18.59
N ILE A 190 8.57 -7.10 18.81
CA ILE A 190 9.88 -7.00 18.18
C ILE A 190 10.92 -7.55 19.14
N LEU A 191 11.59 -8.63 18.74
CA LEU A 191 12.55 -9.31 19.61
C LEU A 191 13.70 -8.40 20.00
N PRO A 192 14.25 -8.63 21.20
CA PRO A 192 15.43 -7.85 21.61
C PRO A 192 16.74 -8.47 21.10
N ASP A 193 16.66 -9.55 20.32
CA ASP A 193 17.84 -10.22 19.76
C ASP A 193 18.73 -9.32 18.91
N GLY A 194 20.04 -9.39 19.14
CA GLY A 194 21.00 -8.71 18.28
C GLY A 194 21.75 -7.61 19.01
N ASP A 195 22.63 -6.92 18.30
CA ASP A 195 23.48 -5.90 18.91
C ASP A 195 23.11 -4.46 18.51
N HIS A 196 21.93 -4.29 17.91
CA HIS A 196 21.42 -2.95 17.59
C HIS A 196 21.29 -2.11 18.86
N ASP A 197 21.35 -0.79 18.72
CA ASP A 197 21.23 0.11 19.88
C ASP A 197 19.81 0.57 20.10
N LEU A 198 19.63 1.46 21.08
CA LEU A 198 18.30 1.95 21.47
C LEU A 198 17.59 2.70 20.35
N LYS A 199 18.30 3.58 19.65
CA LYS A 199 17.61 4.32 18.61
C LYS A 199 17.16 3.43 17.44
N ARG A 200 17.88 2.36 17.17
CA ARG A 200 17.44 1.44 16.11
C ARG A 200 16.17 0.73 16.55
N CYS A 201 16.13 0.28 17.79
CA CYS A 201 14.89 -0.32 18.27
C CYS A 201 13.76 0.71 18.17
N GLN A 202 14.04 1.96 18.50
CA GLN A 202 12.97 2.95 18.55
C GLN A 202 12.42 3.14 17.15
N TYR A 203 13.33 3.16 16.18
CA TYR A 203 12.98 3.39 14.79
C TYR A 203 12.15 2.23 14.25
N VAL A 204 12.57 1.01 14.49
CA VAL A 204 11.84 -0.15 14.02
C VAL A 204 10.47 -0.26 14.73
N THR A 205 10.42 0.12 15.99
CA THR A 205 9.17 0.08 16.75
C THR A 205 8.16 1.07 16.14
N GLU A 206 8.62 2.28 15.82
CA GLU A 206 7.77 3.30 15.23
C GLU A 206 7.25 2.87 13.86
N LYS A 207 8.12 2.27 13.03
CA LYS A 207 7.68 1.80 11.73
C LYS A 207 6.67 0.65 11.85
N VAL A 208 6.91 -0.28 12.78
CA VAL A 208 6.05 -1.43 12.94
C VAL A 208 4.68 -0.99 13.45
N LEU A 209 4.65 -0.13 14.46
CA LEU A 209 3.37 0.32 15.03
C LEU A 209 2.56 1.19 14.06
N ALA A 210 3.22 1.96 13.21
CA ALA A 210 2.52 2.73 12.18
C ALA A 210 1.81 1.76 11.21
N ALA A 211 2.51 0.71 10.82
CA ALA A 211 1.93 -0.29 9.93
C ALA A 211 0.76 -1.01 10.61
N VAL A 212 0.94 -1.37 11.88
CA VAL A 212 -0.12 -2.06 12.63
C VAL A 212 -1.39 -1.21 12.66
N TYR A 213 -1.25 0.06 13.04
CA TYR A 213 -2.44 0.91 13.16
C TYR A 213 -3.10 1.25 11.83
N LYS A 214 -2.31 1.35 10.76
CA LYS A 214 -2.91 1.50 9.44
C LYS A 214 -3.70 0.25 9.05
N ALA A 215 -3.17 -0.93 9.35
CA ALA A 215 -3.88 -2.16 9.05
C ALA A 215 -5.17 -2.26 9.87
N LEU A 216 -5.13 -1.84 11.13
CA LEU A 216 -6.32 -1.88 11.99
C LEU A 216 -7.39 -0.96 11.42
N SER A 217 -7.01 0.20 10.91
CA SER A 217 -7.97 1.12 10.30
C SER A 217 -8.57 0.54 9.00
N ASP A 218 -7.72 0.02 8.11
CA ASP A 218 -8.19 -0.63 6.88
C ASP A 218 -9.22 -1.72 7.16
N HIS A 219 -9.05 -2.45 8.27
CA HIS A 219 -9.96 -3.56 8.60
C HIS A 219 -11.08 -3.14 9.56
N HIS A 220 -11.23 -1.83 9.79
CA HIS A 220 -12.35 -1.26 10.57
C HIS A 220 -12.37 -1.68 12.04
N ILE A 221 -11.20 -1.76 12.65
CA ILE A 221 -11.07 -2.13 14.05
C ILE A 221 -11.44 -0.98 15.00
N TYR A 222 -12.27 -1.32 15.99
CA TYR A 222 -12.71 -0.38 16.99
C TYR A 222 -11.64 -0.31 18.07
N LEU A 223 -10.86 0.75 18.01
CA LEU A 223 -9.62 0.86 18.78
C LEU A 223 -9.89 0.96 20.26
N GLU A 224 -11.02 1.55 20.63
CA GLU A 224 -11.39 1.68 22.04
C GLU A 224 -11.59 0.30 22.64
N GLY A 225 -11.98 -0.65 21.80
CA GLY A 225 -12.15 -2.02 22.25
C GLY A 225 -10.93 -2.89 21.97
N THR A 226 -9.74 -2.30 22.03
CA THR A 226 -8.50 -3.06 21.85
C THR A 226 -7.48 -2.66 22.89
N LEU A 227 -6.47 -3.50 23.07
CA LEU A 227 -5.26 -3.14 23.80
C LEU A 227 -4.07 -3.46 22.91
N LEU A 228 -2.95 -2.80 23.17
CA LEU A 228 -1.71 -3.03 22.44
C LEU A 228 -0.73 -3.69 23.42
N LYS A 229 -0.01 -4.70 22.96
CA LYS A 229 1.05 -5.36 23.73
C LYS A 229 2.35 -5.31 22.95
N PRO A 230 3.10 -4.19 23.04
CA PRO A 230 4.37 -4.14 22.29
C PRO A 230 5.55 -4.43 23.20
N ASN A 231 6.72 -4.67 22.62
CA ASN A 231 7.97 -4.57 23.34
C ASN A 231 8.13 -3.14 23.87
N MET A 232 8.81 -3.02 25.01
CA MET A 232 9.40 -1.75 25.38
C MET A 232 10.52 -1.51 24.36
N VAL A 233 10.90 -0.25 24.19
CA VAL A 233 12.03 0.10 23.33
C VAL A 233 13.30 0.03 24.16
N THR A 234 14.19 -0.90 23.81
CA THR A 234 15.43 -1.13 24.55
C THR A 234 16.55 -1.49 23.58
N PRO A 235 17.81 -1.33 24.02
CA PRO A 235 18.92 -1.78 23.16
C PRO A 235 18.83 -3.29 22.94
N GLY A 236 19.42 -3.80 21.86
CA GLY A 236 19.53 -5.25 21.69
C GLY A 236 20.27 -5.93 22.83
N HIS A 237 20.08 -7.24 22.96
CA HIS A 237 20.70 -8.02 24.03
C HIS A 237 22.20 -7.94 23.94
N ALA A 238 22.73 -8.04 22.72
CA ALA A 238 24.17 -8.08 22.51
C ALA A 238 24.80 -6.69 22.37
N CYS A 239 24.02 -5.64 22.57
CA CYS A 239 24.51 -4.27 22.40
C CYS A 239 25.49 -3.88 23.52
N THR A 240 26.63 -3.33 23.13
CA THR A 240 27.70 -3.01 24.09
C THR A 240 27.46 -1.69 24.83
N GLN A 241 26.61 -0.83 24.27
CA GLN A 241 26.33 0.48 24.86
C GLN A 241 25.30 0.42 26.00
N LYS A 242 25.50 1.25 27.02
CA LYS A 242 24.66 1.19 28.22
C LYS A 242 23.67 2.35 28.30
N TYR A 243 22.45 2.06 28.70
CA TYR A 243 21.42 3.09 28.81
C TYR A 243 20.79 3.04 30.19
N SER A 244 20.33 4.19 30.67
CA SER A 244 19.58 4.26 31.91
C SER A 244 18.13 3.89 31.68
N HIS A 245 17.42 3.57 32.77
CA HIS A 245 15.99 3.27 32.69
C HIS A 245 15.21 4.47 32.19
N GLU A 246 15.71 5.66 32.49
CA GLU A 246 15.05 6.88 32.05
C GLU A 246 15.10 7.04 30.51
N GLU A 247 16.19 6.58 29.90
CA GLU A 247 16.34 6.68 28.44
C GLU A 247 15.50 5.61 27.76
N ILE A 248 15.43 4.44 28.37
CA ILE A 248 14.55 3.40 27.88
C ILE A 248 13.10 3.89 27.95
N ALA A 249 12.72 4.50 29.07
CA ALA A 249 11.39 5.03 29.24
C ALA A 249 11.09 6.13 28.21
N MET A 250 12.05 7.03 28.01
CA MET A 250 11.85 8.13 27.08
C MET A 250 11.67 7.60 25.66
N ALA A 251 12.55 6.69 25.25
CA ALA A 251 12.48 6.09 23.92
C ALA A 251 11.16 5.34 23.71
N THR A 252 10.74 4.59 24.71
CA THR A 252 9.51 3.82 24.62
C THR A 252 8.29 4.73 24.47
N VAL A 253 8.19 5.73 25.33
CA VAL A 253 7.03 6.61 25.35
C VAL A 253 7.00 7.51 24.13
N THR A 254 8.18 7.91 23.65
CA THR A 254 8.26 8.70 22.43
C THR A 254 7.78 7.87 21.25
N ALA A 255 8.24 6.62 21.18
CA ALA A 255 7.82 5.74 20.12
C ALA A 255 6.29 5.60 20.11
N LEU A 256 5.72 5.30 21.27
CA LEU A 256 4.27 5.14 21.40
C LEU A 256 3.53 6.44 21.05
N ARG A 257 4.05 7.58 21.49
CA ARG A 257 3.38 8.87 21.24
C ARG A 257 3.29 9.19 19.74
N ARG A 258 4.22 8.66 18.96
CA ARG A 258 4.27 8.93 17.52
C ARG A 258 3.41 8.01 16.66
N THR A 259 2.81 6.97 17.26
CA THR A 259 2.14 5.93 16.48
C THR A 259 0.80 5.44 17.02
N VAL A 260 0.63 5.42 18.33
CA VAL A 260 -0.59 4.84 18.91
C VAL A 260 -1.69 5.90 19.12
N PRO A 261 -2.79 5.81 18.37
CA PRO A 261 -3.86 6.79 18.56
C PRO A 261 -4.34 6.82 20.00
N PRO A 262 -4.69 8.01 20.52
CA PRO A 262 -5.18 8.18 21.89
C PRO A 262 -6.38 7.30 22.18
N ALA A 263 -7.09 6.89 21.13
CA ALA A 263 -8.31 6.10 21.28
C ALA A 263 -8.02 4.71 21.81
N VAL A 264 -6.79 4.25 21.67
CA VAL A 264 -6.43 2.93 22.22
C VAL A 264 -6.56 2.99 23.75
N THR A 265 -7.26 2.02 24.33
CA THR A 265 -7.56 2.08 25.75
C THR A 265 -6.35 1.79 26.63
N GLY A 266 -5.48 0.89 26.21
CA GLY A 266 -4.29 0.64 27.00
C GLY A 266 -3.15 -0.05 26.28
N VAL A 267 -1.97 0.09 26.87
CA VAL A 267 -0.74 -0.52 26.38
C VAL A 267 -0.22 -1.42 27.48
N THR A 268 -0.13 -2.72 27.20
CA THR A 268 0.29 -3.69 28.20
C THR A 268 1.59 -4.36 27.70
N PHE A 269 2.72 -3.89 28.22
CA PHE A 269 4.02 -4.33 27.72
C PHE A 269 4.31 -5.81 28.00
N LEU A 270 4.92 -6.48 27.04
CA LEU A 270 5.48 -7.81 27.27
C LEU A 270 6.84 -7.62 27.92
N SER A 271 7.32 -8.60 28.68
CA SER A 271 8.56 -8.41 29.43
C SER A 271 9.78 -8.80 28.58
N GLY A 272 9.58 -9.73 27.66
CA GLY A 272 10.54 -9.98 26.59
C GLY A 272 11.91 -10.48 27.01
N GLY A 273 12.00 -11.13 28.16
CA GLY A 273 13.28 -11.65 28.62
C GLY A 273 14.02 -10.75 29.60
N GLN A 274 13.39 -9.65 29.99
CA GLN A 274 13.92 -8.84 31.08
C GLN A 274 13.69 -9.59 32.38
N SER A 275 14.58 -9.42 33.35
CA SER A 275 14.38 -10.00 34.68
C SER A 275 13.15 -9.36 35.31
N GLU A 276 12.67 -9.96 36.39
CA GLU A 276 11.53 -9.43 37.13
C GLU A 276 11.73 -7.98 37.57
N GLU A 277 12.88 -7.72 38.17
CA GLU A 277 13.16 -6.39 38.68
C GLU A 277 13.32 -5.38 37.54
N GLU A 278 14.01 -5.78 36.49
CA GLU A 278 14.28 -4.88 35.37
C GLU A 278 12.96 -4.51 34.71
N ALA A 279 12.10 -5.50 34.52
CA ALA A 279 10.79 -5.26 33.91
C ALA A 279 9.96 -4.28 34.73
N SER A 280 10.03 -4.38 36.07
CA SER A 280 9.25 -3.50 36.95
C SER A 280 9.83 -2.10 36.97
N ILE A 281 11.15 -2.02 37.00
CA ILE A 281 11.82 -0.74 37.10
C ILE A 281 11.59 0.06 35.81
N ASN A 282 11.58 -0.63 34.66
CA ASN A 282 11.35 0.04 33.38
C ASN A 282 9.90 0.53 33.25
N LEU A 283 8.95 -0.31 33.63
CA LEU A 283 7.55 0.09 33.59
C LEU A 283 7.32 1.31 34.49
N ASN A 284 8.02 1.34 35.60
CA ASN A 284 7.93 2.45 36.54
C ASN A 284 8.46 3.72 35.90
N ALA A 285 9.64 3.64 35.29
CA ALA A 285 10.20 4.79 34.59
C ALA A 285 9.29 5.25 33.44
N ILE A 286 8.67 4.29 32.76
CA ILE A 286 7.75 4.60 31.67
C ILE A 286 6.57 5.43 32.19
N ASN A 287 6.05 5.05 33.36
CA ASN A 287 4.91 5.78 33.92
C ASN A 287 5.30 7.12 34.57
N LYS A 288 6.59 7.33 34.81
CA LYS A 288 7.06 8.60 35.35
C LYS A 288 7.58 9.51 34.24
N CYS A 289 7.70 8.99 33.03
CA CYS A 289 8.18 9.80 31.90
C CYS A 289 7.31 11.04 31.80
N PRO A 290 7.95 12.22 31.78
CA PRO A 290 7.22 13.49 31.90
C PRO A 290 6.31 13.89 30.71
N LEU A 291 6.35 13.15 29.62
CA LEU A 291 5.52 13.46 28.45
C LEU A 291 4.06 13.04 28.63
N LEU A 292 3.17 13.63 27.84
CA LEU A 292 1.76 13.28 27.88
C LEU A 292 1.56 11.85 27.35
N LYS A 293 0.83 11.04 28.11
CA LYS A 293 0.60 9.63 27.80
C LYS A 293 -0.88 9.33 27.91
N PRO A 294 -1.60 9.35 26.78
CA PRO A 294 -3.06 9.26 26.81
C PRO A 294 -3.62 7.82 26.78
N TRP A 295 -2.83 6.85 27.22
CA TRP A 295 -3.35 5.50 27.40
C TRP A 295 -2.71 4.93 28.66
N ALA A 296 -3.39 3.97 29.29
CA ALA A 296 -2.80 3.26 30.40
C ALA A 296 -1.49 2.63 29.94
N LEU A 297 -0.46 2.69 30.77
CA LEU A 297 0.79 2.01 30.48
C LEU A 297 1.04 1.01 31.59
N THR A 298 0.87 -0.28 31.29
CA THR A 298 0.90 -1.29 32.33
C THR A 298 1.59 -2.56 31.81
N PHE A 299 1.37 -3.69 32.47
CA PHE A 299 2.12 -4.91 32.17
C PHE A 299 1.23 -6.04 31.65
N SER A 300 1.78 -6.86 30.78
CA SER A 300 1.20 -8.16 30.47
C SER A 300 2.38 -9.11 30.49
N TYR A 301 2.76 -9.50 31.70
CA TYR A 301 4.01 -10.21 31.92
C TYR A 301 3.81 -11.70 32.07
N GLY A 302 4.63 -12.47 31.38
CA GLY A 302 4.73 -13.89 31.61
C GLY A 302 5.90 -14.14 32.53
N ARG A 303 7.10 -14.16 31.97
CA ARG A 303 8.28 -14.51 32.75
C ARG A 303 8.52 -13.55 33.92
N ALA A 304 8.30 -12.26 33.70
CA ALA A 304 8.57 -11.24 34.73
C ALA A 304 7.61 -11.29 35.92
N LEU A 305 6.58 -12.13 35.85
CA LEU A 305 5.70 -12.35 36.99
C LEU A 305 5.91 -13.74 37.60
N GLN A 306 6.51 -14.64 36.84
CA GLN A 306 6.56 -16.07 37.18
C GLN A 306 7.93 -16.64 37.57
N ALA A 307 9.02 -16.02 37.12
CA ALA A 307 10.33 -16.68 37.21
C ALA A 307 10.70 -17.15 38.61
N SER A 308 10.44 -16.31 39.61
CA SER A 308 10.81 -16.65 40.99
C SER A 308 9.81 -17.65 41.60
N ALA A 309 8.54 -17.54 41.22
CA ALA A 309 7.52 -18.45 41.72
C ALA A 309 7.76 -19.86 41.18
N LEU A 310 8.20 -19.93 39.94
CA LEU A 310 8.47 -21.21 39.33
C LEU A 310 9.68 -21.82 40.00
N LYS A 311 10.65 -20.97 40.35
CA LYS A 311 11.87 -21.46 41.01
C LYS A 311 11.59 -21.90 42.46
N ALA A 312 10.81 -21.11 43.19
CA ALA A 312 10.51 -21.39 44.58
C ALA A 312 9.64 -22.66 44.68
N TRP A 313 8.98 -22.99 43.59
CA TRP A 313 8.11 -24.18 43.52
C TRP A 313 8.91 -25.44 43.21
N GLY A 314 9.77 -25.36 42.20
CA GLY A 314 10.66 -26.46 41.84
C GLY A 314 9.96 -27.79 41.67
N GLY A 315 8.65 -27.76 41.41
CA GLY A 315 7.89 -28.97 41.16
C GLY A 315 7.44 -29.72 42.41
N LYS A 316 7.80 -29.22 43.60
CA LYS A 316 7.40 -29.85 44.87
C LYS A 316 6.11 -29.24 45.40
N LYS A 317 5.07 -30.05 45.51
CA LYS A 317 3.79 -29.58 46.06
C LYS A 317 3.97 -28.79 47.36
N GLU A 318 4.94 -29.16 48.19
CA GLU A 318 5.09 -28.55 49.51
C GLU A 318 5.70 -27.14 49.47
N ASN A 319 6.18 -26.71 48.32
CA ASN A 319 6.68 -25.34 48.18
C ASN A 319 5.60 -24.36 47.69
N LEU A 320 4.34 -24.79 47.77
CA LEU A 320 3.21 -23.99 47.28
C LEU A 320 3.23 -22.55 47.79
N LYS A 321 3.31 -22.39 49.11
CA LYS A 321 3.25 -21.06 49.72
C LYS A 321 4.48 -20.18 49.45
N ALA A 322 5.66 -20.78 49.41
CA ALA A 322 6.88 -20.04 49.10
C ALA A 322 6.79 -19.54 47.66
N ALA A 323 6.29 -20.40 46.77
CA ALA A 323 6.13 -20.10 45.36
C ALA A 323 5.15 -18.95 45.15
N GLN A 324 3.94 -19.10 45.67
CA GLN A 324 2.91 -18.08 45.52
C GLN A 324 3.38 -16.74 46.06
N GLU A 325 4.10 -16.78 47.16
CA GLU A 325 4.67 -15.58 47.76
C GLU A 325 5.55 -14.81 46.77
N GLU A 326 6.30 -15.53 45.95
CA GLU A 326 7.19 -14.89 44.97
C GLU A 326 6.39 -14.18 43.87
N TYR A 327 5.32 -14.84 43.42
CA TYR A 327 4.39 -14.25 42.46
C TYR A 327 3.70 -13.02 43.04
N VAL A 328 3.19 -13.13 44.26
CA VAL A 328 2.47 -12.02 44.86
C VAL A 328 3.38 -10.79 44.97
N LYS A 329 4.65 -10.98 45.32
CA LYS A 329 5.55 -9.82 45.41
C LYS A 329 5.78 -9.17 44.03
N ARG A 330 5.82 -9.95 42.96
CA ARG A 330 5.95 -9.35 41.62
C ARG A 330 4.65 -8.69 41.18
N ALA A 331 3.52 -9.26 41.58
CA ALA A 331 2.24 -8.63 41.30
C ALA A 331 2.19 -7.27 41.98
N LEU A 332 2.61 -7.23 43.25
CA LEU A 332 2.60 -6.00 44.02
C LEU A 332 3.55 -5.00 43.40
N ALA A 333 4.76 -5.45 43.09
CA ALA A 333 5.78 -4.54 42.55
C ALA A 333 5.32 -3.91 41.24
N ASN A 334 4.71 -4.70 40.37
CA ASN A 334 4.31 -4.20 39.07
C ASN A 334 3.07 -3.32 39.15
N SER A 335 2.18 -3.59 40.11
CA SER A 335 1.03 -2.71 40.29
C SER A 335 1.52 -1.34 40.72
N LEU A 336 2.58 -1.32 41.52
CA LEU A 336 3.18 -0.05 41.90
C LEU A 336 3.88 0.58 40.69
N ALA A 337 4.50 -0.24 39.85
CA ALA A 337 5.26 0.28 38.70
C ALA A 337 4.33 1.00 37.73
N CYS A 338 3.16 0.44 37.50
CA CYS A 338 2.23 1.06 36.56
C CYS A 338 1.50 2.24 37.21
N GLN A 339 1.95 2.63 38.41
CA GLN A 339 1.50 3.87 39.03
C GLN A 339 2.66 4.85 39.21
N GLY A 340 3.86 4.40 38.85
CA GLY A 340 5.05 5.21 39.01
C GLY A 340 5.47 5.36 40.46
N LYS A 341 5.11 4.37 41.28
CA LYS A 341 5.40 4.40 42.72
C LYS A 341 6.30 3.27 43.17
N TYR A 342 6.97 2.60 42.23
CA TYR A 342 7.79 1.45 42.58
C TYR A 342 9.24 1.80 42.83
N THR A 343 9.74 1.38 43.98
CA THR A 343 11.16 1.54 44.29
C THR A 343 11.67 0.20 44.81
N PRO A 344 12.68 -0.38 44.14
CA PRO A 344 13.21 -1.69 44.55
C PRO A 344 13.70 -1.69 45.99
N SER A 359 15.76 17.42 26.74
CA SER A 359 16.54 16.76 25.71
C SER A 359 15.76 15.59 25.10
N ASN A 360 14.44 15.74 25.00
CA ASN A 360 13.63 14.71 24.38
C ASN A 360 13.75 14.77 22.86
N HIS A 361 14.37 15.85 22.35
CA HIS A 361 14.59 16.00 20.91
C HIS A 361 15.74 15.11 20.45
N ALA A 362 16.35 14.39 21.39
CA ALA A 362 17.39 13.44 21.05
C ALA A 362 16.74 12.16 20.52
N TYR A 363 15.44 12.02 20.78
CA TYR A 363 14.70 10.84 20.36
C TYR A 363 13.88 11.13 19.11
N PRO B 1 16.11 -3.69 -1.37
CA PRO B 1 15.68 -4.98 -0.84
C PRO B 1 16.67 -6.07 -1.20
N HIS B 2 16.89 -7.02 -0.30
CA HIS B 2 17.86 -8.08 -0.57
C HIS B 2 17.20 -9.41 -0.85
N SER B 3 17.84 -10.20 -1.71
CA SER B 3 17.29 -11.47 -2.13
C SER B 3 17.63 -12.61 -1.15
N HIS B 4 16.61 -13.38 -0.80
CA HIS B 4 16.77 -14.56 0.07
C HIS B 4 15.98 -15.69 -0.57
N PRO B 5 16.50 -16.25 -1.67
CA PRO B 5 15.72 -17.07 -2.59
C PRO B 5 14.73 -17.97 -1.88
N ALA B 6 13.46 -17.87 -2.24
CA ALA B 6 12.45 -18.80 -1.74
C ALA B 6 12.66 -20.22 -2.29
N LEU B 7 13.07 -20.32 -3.55
CA LEU B 7 13.19 -21.61 -4.21
C LEU B 7 14.57 -21.77 -4.86
N THR B 8 15.06 -23.01 -4.92
CA THR B 8 16.28 -23.33 -5.66
C THR B 8 15.93 -23.56 -7.14
N PRO B 9 16.94 -23.57 -8.03
CA PRO B 9 16.64 -23.86 -9.44
C PRO B 9 15.93 -25.19 -9.66
N GLU B 10 16.22 -26.17 -8.82
CA GLU B 10 15.60 -27.48 -8.99
C GLU B 10 14.13 -27.44 -8.56
N GLN B 11 13.83 -26.72 -7.49
CA GLN B 11 12.44 -26.54 -7.07
C GLN B 11 11.66 -25.77 -8.13
N LYS B 12 12.30 -24.74 -8.70
CA LYS B 12 11.65 -23.98 -9.77
C LYS B 12 11.33 -24.85 -10.97
N LYS B 13 12.29 -25.67 -11.38
CA LYS B 13 12.09 -26.51 -12.56
C LYS B 13 10.90 -27.45 -12.33
N GLU B 14 10.83 -28.03 -11.14
CA GLU B 14 9.75 -28.97 -10.84
C GLU B 14 8.40 -28.29 -11.00
N LEU B 15 8.26 -27.12 -10.39
CA LEU B 15 6.99 -26.39 -10.41
C LEU B 15 6.61 -25.98 -11.84
N SER B 16 7.59 -25.50 -12.59
CA SER B 16 7.35 -25.07 -13.96
C SER B 16 6.93 -26.25 -14.84
N ASP B 17 7.62 -27.37 -14.71
CA ASP B 17 7.26 -28.58 -15.45
C ASP B 17 5.83 -29.01 -15.13
N ILE B 18 5.45 -28.94 -13.86
CA ILE B 18 4.08 -29.30 -13.49
C ILE B 18 3.07 -28.38 -14.15
N ALA B 19 3.29 -27.08 -14.06
CA ALA B 19 2.32 -26.11 -14.57
C ALA B 19 2.13 -26.26 -16.08
N HIS B 20 3.22 -26.49 -16.78
CA HIS B 20 3.16 -26.66 -18.24
C HIS B 20 2.45 -27.97 -18.64
N ARG B 21 2.66 -29.04 -17.86
CA ARG B 21 1.97 -30.30 -18.13
C ARG B 21 0.47 -30.12 -18.05
N ILE B 22 0.02 -29.39 -17.04
CA ILE B 22 -1.40 -29.23 -16.82
C ILE B 22 -2.05 -28.54 -17.99
N VAL B 23 -1.39 -27.50 -18.52
CA VAL B 23 -1.99 -26.71 -19.60
C VAL B 23 -1.31 -26.94 -20.96
N ALA B 24 -0.67 -28.09 -21.14
CA ALA B 24 -0.12 -28.44 -22.45
C ALA B 24 -1.21 -28.25 -23.51
N PRO B 25 -0.80 -27.98 -24.77
CA PRO B 25 -1.78 -27.60 -25.80
C PRO B 25 -2.95 -28.58 -25.95
N GLY B 26 -4.16 -28.04 -26.02
CA GLY B 26 -5.36 -28.86 -26.13
C GLY B 26 -5.86 -29.44 -24.81
N LYS B 27 -5.15 -29.18 -23.70
CA LYS B 27 -5.57 -29.72 -22.41
C LYS B 27 -6.11 -28.66 -21.45
N GLY B 28 -7.06 -29.10 -20.63
CA GLY B 28 -7.59 -28.28 -19.56
C GLY B 28 -7.77 -29.08 -18.28
N ILE B 29 -8.49 -28.49 -17.32
CA ILE B 29 -8.63 -29.11 -16.01
C ILE B 29 -10.08 -29.49 -15.75
N LEU B 30 -10.28 -30.68 -15.23
CA LEU B 30 -11.57 -31.07 -14.68
C LEU B 30 -11.58 -30.66 -13.21
N ALA B 31 -12.53 -29.82 -12.83
CA ALA B 31 -12.71 -29.44 -11.42
C ALA B 31 -13.81 -30.28 -10.80
N ALA B 32 -13.41 -31.31 -10.07
CA ALA B 32 -14.37 -32.20 -9.42
C ALA B 32 -14.20 -32.09 -7.91
N ASP B 33 -13.85 -30.88 -7.44
CA ASP B 33 -13.40 -30.68 -6.07
C ASP B 33 -14.49 -30.11 -5.15
N GLU B 34 -15.74 -30.34 -5.49
CA GLU B 34 -16.84 -29.86 -4.66
C GLU B 34 -16.77 -30.51 -3.28
N SER B 35 -16.85 -29.68 -2.25
CA SER B 35 -16.85 -30.16 -0.87
C SER B 35 -18.16 -30.89 -0.59
N THR B 36 -18.27 -31.48 0.60
CA THR B 36 -19.45 -32.26 0.94
C THR B 36 -20.72 -31.45 0.75
N GLY B 37 -20.76 -30.24 1.31
CA GLY B 37 -21.94 -29.39 1.25
C GLY B 37 -22.28 -28.92 -0.15
N SER B 38 -21.26 -28.75 -0.98
CA SER B 38 -21.46 -28.25 -2.32
C SER B 38 -21.93 -29.37 -3.26
N ILE B 39 -21.28 -30.53 -3.19
CA ILE B 39 -21.68 -31.68 -3.99
C ILE B 39 -23.07 -32.15 -3.54
N ALA B 40 -23.39 -31.95 -2.27
CA ALA B 40 -24.72 -32.25 -1.78
C ALA B 40 -25.76 -31.57 -2.68
N LYS B 41 -25.52 -30.30 -3.00
CA LYS B 41 -26.43 -29.54 -3.86
C LYS B 41 -26.57 -30.19 -5.22
N ARG B 42 -25.44 -30.62 -5.78
CA ARG B 42 -25.45 -31.34 -7.05
C ARG B 42 -26.40 -32.53 -6.97
N LEU B 43 -26.11 -33.45 -6.07
CA LEU B 43 -26.85 -34.70 -5.96
C LEU B 43 -28.33 -34.45 -5.69
N GLN B 44 -28.61 -33.35 -5.00
CA GLN B 44 -29.97 -32.96 -4.65
C GLN B 44 -30.76 -32.64 -5.91
N SER B 45 -30.11 -32.01 -6.87
CA SER B 45 -30.78 -31.62 -8.11
C SER B 45 -31.12 -32.83 -8.98
N ILE B 46 -30.61 -34.01 -8.63
CA ILE B 46 -30.95 -35.22 -9.35
C ILE B 46 -31.59 -36.26 -8.42
N GLY B 47 -32.21 -35.78 -7.35
CA GLY B 47 -32.90 -36.65 -6.42
C GLY B 47 -32.04 -37.80 -5.94
N THR B 48 -30.80 -37.50 -5.57
CA THR B 48 -29.88 -38.53 -5.10
C THR B 48 -29.34 -38.16 -3.73
N GLU B 49 -29.34 -39.14 -2.84
CA GLU B 49 -28.89 -38.95 -1.47
C GLU B 49 -27.40 -38.56 -1.45
N ASN B 50 -26.99 -37.75 -0.47
CA ASN B 50 -25.60 -37.36 -0.35
C ASN B 50 -24.86 -38.29 0.61
N THR B 51 -24.56 -39.49 0.16
CA THR B 51 -23.80 -40.46 0.94
C THR B 51 -22.38 -40.55 0.39
N GLU B 52 -21.44 -41.03 1.19
CA GLU B 52 -20.07 -41.19 0.73
C GLU B 52 -19.98 -42.11 -0.49
N GLU B 53 -20.81 -43.15 -0.53
CA GLU B 53 -20.79 -44.07 -1.66
C GLU B 53 -21.27 -43.38 -2.94
N ASN B 54 -22.32 -42.55 -2.86
CA ASN B 54 -22.78 -41.84 -4.04
C ASN B 54 -21.76 -40.79 -4.52
N ARG B 55 -21.10 -40.14 -3.59
CA ARG B 55 -19.99 -39.25 -3.93
C ARG B 55 -18.87 -40.03 -4.63
N ARG B 56 -18.45 -41.14 -4.02
CA ARG B 56 -17.39 -41.97 -4.59
C ARG B 56 -17.78 -42.44 -5.99
N PHE B 57 -19.04 -42.83 -6.16
CA PHE B 57 -19.49 -43.40 -7.43
C PHE B 57 -19.54 -42.33 -8.51
N TYR B 58 -20.04 -41.15 -8.17
CA TYR B 58 -20.11 -40.06 -9.14
C TYR B 58 -18.71 -39.67 -9.59
N ARG B 59 -17.77 -39.54 -8.67
CA ARG B 59 -16.41 -39.19 -9.03
C ARG B 59 -15.79 -40.29 -9.87
N GLN B 60 -16.04 -41.54 -9.50
CA GLN B 60 -15.52 -42.67 -10.27
C GLN B 60 -15.99 -42.53 -11.71
N LEU B 61 -17.27 -42.23 -11.87
CA LEU B 61 -17.90 -42.09 -13.17
C LEU B 61 -17.16 -41.09 -14.05
N LEU B 62 -16.82 -39.94 -13.47
CA LEU B 62 -16.10 -38.89 -14.19
C LEU B 62 -14.65 -39.29 -14.46
N LEU B 63 -13.99 -39.85 -13.46
CA LEU B 63 -12.55 -40.10 -13.54
C LEU B 63 -12.15 -41.32 -14.37
N THR B 64 -13.09 -42.24 -14.62
CA THR B 64 -12.78 -43.46 -15.38
C THR B 64 -13.43 -43.47 -16.75
N ALA B 65 -13.88 -42.30 -17.22
CA ALA B 65 -14.42 -42.20 -18.58
C ALA B 65 -13.37 -42.71 -19.56
N ASP B 66 -13.77 -43.02 -20.79
CA ASP B 66 -12.88 -43.71 -21.71
C ASP B 66 -11.68 -42.84 -22.15
N ASP B 67 -10.73 -43.45 -22.84
CA ASP B 67 -9.44 -42.82 -23.14
C ASP B 67 -9.50 -41.60 -24.07
N ARG B 68 -10.68 -41.30 -24.62
CA ARG B 68 -10.85 -40.12 -25.45
C ARG B 68 -10.72 -38.81 -24.66
N VAL B 69 -10.73 -38.87 -23.33
CA VAL B 69 -10.55 -37.66 -22.53
C VAL B 69 -9.08 -37.47 -22.20
N ASN B 70 -8.29 -38.52 -22.38
CA ASN B 70 -6.90 -38.48 -21.95
C ASN B 70 -6.13 -37.27 -22.50
N PRO B 71 -6.32 -36.94 -23.79
CA PRO B 71 -5.60 -35.80 -24.38
C PRO B 71 -6.26 -34.46 -24.08
N CYS B 72 -7.50 -34.52 -23.61
CA CYS B 72 -8.26 -33.32 -23.24
C CYS B 72 -7.96 -32.80 -21.85
N ILE B 73 -7.51 -33.70 -20.97
CA ILE B 73 -7.48 -33.43 -19.54
C ILE B 73 -6.05 -33.44 -19.00
N GLY B 74 -5.50 -32.25 -18.77
CA GLY B 74 -4.16 -32.14 -18.21
C GLY B 74 -4.16 -32.30 -16.70
N GLY B 75 -5.28 -31.99 -16.06
CA GLY B 75 -5.33 -32.04 -14.61
C GLY B 75 -6.73 -32.31 -14.09
N VAL B 76 -6.81 -32.85 -12.88
CA VAL B 76 -8.09 -33.06 -12.24
C VAL B 76 -7.98 -32.62 -10.76
N ILE B 77 -8.84 -31.68 -10.37
CA ILE B 77 -8.84 -31.20 -9.00
C ILE B 77 -9.83 -32.00 -8.18
N LEU B 78 -9.36 -32.48 -7.02
CA LEU B 78 -10.18 -33.26 -6.11
C LEU B 78 -10.32 -32.56 -4.76
N PHE B 79 -11.38 -32.93 -4.06
CA PHE B 79 -11.59 -32.56 -2.67
C PHE B 79 -10.92 -33.62 -1.82
N HIS B 80 -10.52 -33.27 -0.60
CA HIS B 80 -9.78 -34.19 0.29
C HIS B 80 -10.32 -35.61 0.29
N GLU B 81 -11.63 -35.74 0.49
CA GLU B 81 -12.23 -37.05 0.68
C GLU B 81 -11.91 -37.93 -0.51
N THR B 82 -12.08 -37.35 -1.69
CA THR B 82 -11.96 -38.09 -2.95
C THR B 82 -10.53 -38.53 -3.19
N LEU B 83 -9.57 -37.73 -2.77
CA LEU B 83 -8.16 -38.06 -2.96
C LEU B 83 -7.83 -39.40 -2.29
N TYR B 84 -8.63 -39.78 -1.29
CA TYR B 84 -8.39 -41.02 -0.54
C TYR B 84 -9.45 -42.09 -0.79
N GLN B 85 -10.29 -41.88 -1.78
CA GLN B 85 -11.22 -42.91 -2.19
C GLN B 85 -10.61 -43.75 -3.31
N LYS B 86 -11.30 -44.84 -3.65
CA LYS B 86 -10.80 -45.78 -4.66
C LYS B 86 -11.93 -46.12 -5.60
N ALA B 87 -11.58 -46.45 -6.85
CA ALA B 87 -12.54 -46.91 -7.82
C ALA B 87 -12.89 -48.38 -7.53
N ASP B 88 -13.86 -48.93 -8.28
CA ASP B 88 -14.34 -50.30 -8.07
C ASP B 88 -13.25 -51.35 -8.28
N ASP B 89 -12.23 -51.01 -9.07
CA ASP B 89 -11.12 -51.92 -9.31
C ASP B 89 -10.04 -51.82 -8.23
N GLY B 90 -10.31 -51.09 -7.16
CA GLY B 90 -9.37 -51.00 -6.05
C GLY B 90 -8.27 -49.95 -6.19
N ARG B 91 -8.18 -49.31 -7.35
CA ARG B 91 -7.14 -48.30 -7.55
C ARG B 91 -7.53 -46.98 -6.91
N PRO B 92 -6.62 -46.41 -6.12
CA PRO B 92 -6.81 -45.05 -5.58
C PRO B 92 -7.11 -44.06 -6.70
N PHE B 93 -7.98 -43.09 -6.44
CA PHE B 93 -8.36 -42.16 -7.51
C PHE B 93 -7.18 -41.39 -8.11
N PRO B 94 -6.19 -41.02 -7.29
CA PRO B 94 -4.98 -40.37 -7.82
C PRO B 94 -4.27 -41.22 -8.86
N GLN B 95 -4.28 -42.54 -8.66
CA GLN B 95 -3.65 -43.46 -9.59
C GLN B 95 -4.45 -43.56 -10.89
N VAL B 96 -5.79 -43.67 -10.78
CA VAL B 96 -6.66 -43.66 -11.95
C VAL B 96 -6.31 -42.46 -12.84
N ILE B 97 -6.28 -41.28 -12.22
CA ILE B 97 -6.03 -40.02 -12.92
C ILE B 97 -4.67 -40.03 -13.60
N LYS B 98 -3.63 -40.38 -12.85
CA LYS B 98 -2.28 -40.42 -13.39
C LYS B 98 -2.12 -41.43 -14.55
N SER B 99 -2.83 -42.55 -14.46
CA SER B 99 -2.71 -43.60 -15.48
C SER B 99 -3.36 -43.15 -16.78
N LYS B 100 -4.19 -42.11 -16.70
CA LYS B 100 -4.84 -41.56 -17.89
C LYS B 100 -4.13 -40.31 -18.44
N GLY B 101 -2.94 -40.01 -17.93
CA GLY B 101 -2.18 -38.86 -18.40
C GLY B 101 -2.40 -37.57 -17.60
N GLY B 102 -3.09 -37.67 -16.47
CA GLY B 102 -3.48 -36.49 -15.72
C GLY B 102 -2.64 -36.18 -14.50
N VAL B 103 -2.48 -34.89 -14.22
CA VAL B 103 -1.83 -34.42 -13.00
C VAL B 103 -2.92 -34.33 -11.97
N VAL B 104 -2.61 -34.71 -10.72
CA VAL B 104 -3.58 -34.68 -9.64
C VAL B 104 -3.51 -33.35 -8.87
N GLY B 105 -4.67 -32.72 -8.70
CA GLY B 105 -4.77 -31.47 -7.96
C GLY B 105 -5.68 -31.64 -6.74
N ILE B 106 -5.46 -30.80 -5.74
CA ILE B 106 -6.18 -30.88 -4.48
C ILE B 106 -6.60 -29.46 -4.06
N LYS B 107 -7.89 -29.27 -3.84
CA LYS B 107 -8.39 -28.02 -3.30
C LYS B 107 -8.01 -27.97 -1.82
N VAL B 108 -7.43 -26.87 -1.36
CA VAL B 108 -6.93 -26.81 0.00
C VAL B 108 -7.55 -25.67 0.83
N ASP B 109 -8.43 -24.86 0.27
CA ASP B 109 -9.03 -23.78 1.08
C ASP B 109 -10.15 -24.34 1.96
N LYS B 110 -10.54 -23.58 2.98
CA LYS B 110 -11.60 -23.99 3.87
C LYS B 110 -12.77 -23.03 3.84
N GLY B 111 -13.01 -22.42 2.68
CA GLY B 111 -14.25 -21.72 2.46
C GLY B 111 -14.14 -20.26 2.83
N VAL B 112 -15.13 -19.49 2.38
CA VAL B 112 -15.15 -18.04 2.57
C VAL B 112 -15.65 -17.73 3.97
N VAL B 113 -15.24 -16.58 4.49
CA VAL B 113 -15.71 -16.08 5.76
C VAL B 113 -16.01 -14.59 5.59
N PRO B 114 -16.95 -14.04 6.39
CA PRO B 114 -17.30 -12.63 6.23
C PRO B 114 -16.20 -11.68 6.68
N LEU B 115 -15.98 -10.62 5.92
CA LEU B 115 -15.15 -9.51 6.38
C LEU B 115 -16.05 -8.49 7.08
N ALA B 116 -15.77 -8.21 8.34
CA ALA B 116 -16.64 -7.33 9.11
C ALA B 116 -16.38 -5.90 8.66
N GLY B 117 -17.43 -5.07 8.66
CA GLY B 117 -17.31 -3.70 8.19
C GLY B 117 -17.52 -3.55 6.68
N THR B 118 -17.79 -4.65 5.99
CA THR B 118 -18.02 -4.56 4.55
C THR B 118 -19.48 -4.89 4.23
N ASN B 119 -19.89 -4.55 3.02
CA ASN B 119 -21.23 -4.88 2.57
C ASN B 119 -21.29 -6.30 2.03
N GLY B 120 -21.25 -7.27 2.94
CA GLY B 120 -21.43 -8.67 2.57
C GLY B 120 -20.25 -9.31 1.87
N GLU B 121 -19.06 -8.74 2.02
CA GLU B 121 -17.89 -9.28 1.34
C GLU B 121 -17.15 -10.30 2.21
N THR B 122 -16.30 -11.10 1.56
CA THR B 122 -15.62 -12.20 2.20
C THR B 122 -14.13 -12.22 1.93
N THR B 123 -13.41 -12.95 2.78
CA THR B 123 -12.09 -13.44 2.42
C THR B 123 -12.18 -14.95 2.52
N THR B 124 -11.05 -15.64 2.40
CA THR B 124 -11.05 -17.08 2.41
C THR B 124 -10.08 -17.57 3.50
N GLN B 125 -10.46 -18.61 4.25
CA GLN B 125 -9.59 -19.16 5.29
C GLN B 125 -8.98 -20.47 4.81
N GLY B 126 -7.97 -20.96 5.52
CA GLY B 126 -7.42 -22.26 5.23
C GLY B 126 -5.91 -22.35 5.33
N LEU B 127 -5.27 -21.28 5.83
CA LEU B 127 -3.80 -21.26 5.91
C LEU B 127 -3.24 -22.13 7.04
N ASP B 128 -4.02 -22.39 8.06
CA ASP B 128 -3.48 -23.03 9.26
C ASP B 128 -3.08 -24.48 8.99
N GLY B 129 -1.83 -24.80 9.31
CA GLY B 129 -1.32 -26.14 9.05
C GLY B 129 -1.25 -26.44 7.56
N LEU B 130 -1.35 -25.41 6.71
CA LEU B 130 -1.35 -25.64 5.27
C LEU B 130 -0.08 -26.32 4.77
N SER B 131 1.06 -25.96 5.34
CA SER B 131 2.32 -26.51 4.87
C SER B 131 2.37 -28.03 5.09
N GLU B 132 1.90 -28.46 6.25
CA GLU B 132 1.95 -29.88 6.61
C GLU B 132 0.97 -30.65 5.75
N ARG B 133 -0.21 -30.07 5.54
CA ARG B 133 -1.16 -30.66 4.60
C ARG B 133 -0.53 -30.79 3.22
N CYS B 134 0.10 -29.74 2.72
CA CYS B 134 0.68 -29.76 1.37
C CYS B 134 1.77 -30.84 1.24
N ALA B 135 2.64 -30.95 2.23
CA ALA B 135 3.67 -31.98 2.24
C ALA B 135 3.04 -33.36 2.14
N GLN B 136 1.93 -33.57 2.84
CA GLN B 136 1.26 -34.87 2.81
C GLN B 136 0.56 -35.09 1.48
N TYR B 137 -0.11 -34.06 0.96
CA TYR B 137 -0.81 -34.18 -0.31
C TYR B 137 0.19 -34.54 -1.41
N LYS B 138 1.35 -33.91 -1.36
CA LYS B 138 2.40 -34.13 -2.35
C LYS B 138 2.80 -35.60 -2.30
N LYS B 139 3.03 -36.09 -1.09
CA LYS B 139 3.44 -37.47 -0.85
C LYS B 139 2.38 -38.46 -1.38
N ASP B 140 1.11 -38.08 -1.28
CA ASP B 140 0.01 -38.93 -1.69
C ASP B 140 -0.43 -38.72 -3.14
N GLY B 141 0.41 -38.08 -3.95
CA GLY B 141 0.15 -38.01 -5.39
C GLY B 141 -0.25 -36.66 -6.00
N ALA B 142 -0.43 -35.61 -5.21
CA ALA B 142 -0.92 -34.33 -5.79
C ALA B 142 0.25 -33.46 -6.17
N ASP B 143 0.12 -32.77 -7.29
CA ASP B 143 1.18 -31.90 -7.78
C ASP B 143 0.73 -30.44 -7.90
N PHE B 144 -0.57 -30.20 -7.82
CA PHE B 144 -1.06 -28.84 -7.78
C PHE B 144 -2.24 -28.69 -6.81
N ALA B 145 -2.56 -27.45 -6.52
CA ALA B 145 -3.58 -27.13 -5.52
C ALA B 145 -4.49 -26.04 -6.06
N LYS B 146 -5.56 -25.79 -5.32
CA LYS B 146 -6.53 -24.79 -5.71
C LYS B 146 -7.01 -24.05 -4.46
N TRP B 147 -7.20 -22.75 -4.59
CA TRP B 147 -7.71 -21.93 -3.50
C TRP B 147 -8.63 -20.88 -4.13
N ARG B 148 -9.87 -20.79 -3.67
CA ARG B 148 -10.88 -19.89 -4.26
C ARG B 148 -11.20 -18.68 -3.38
N CYS B 149 -10.87 -17.48 -3.86
CA CYS B 149 -11.38 -16.24 -3.27
C CYS B 149 -12.58 -15.77 -4.07
N VAL B 150 -13.55 -15.14 -3.41
CA VAL B 150 -14.76 -14.70 -4.08
C VAL B 150 -14.96 -13.20 -3.84
N LEU B 151 -15.17 -12.46 -4.92
CA LEU B 151 -15.43 -11.03 -4.88
C LEU B 151 -16.72 -10.78 -5.64
N LYS B 152 -17.40 -9.67 -5.36
CA LYS B 152 -18.67 -9.39 -5.98
C LYS B 152 -18.75 -7.95 -6.45
N ILE B 153 -19.30 -7.76 -7.65
CA ILE B 153 -19.49 -6.42 -8.18
C ILE B 153 -20.86 -5.92 -7.72
N GLY B 154 -20.85 -4.80 -7.03
CA GLY B 154 -22.06 -4.23 -6.49
C GLY B 154 -21.89 -2.75 -6.26
N GLU B 155 -22.71 -2.18 -5.39
CA GLU B 155 -22.76 -0.74 -5.25
C GLU B 155 -21.44 -0.19 -4.71
N HIS B 156 -20.91 -0.85 -3.67
CA HIS B 156 -19.66 -0.43 -3.05
C HIS B 156 -18.65 -1.58 -2.99
N THR B 157 -18.77 -2.52 -3.92
CA THR B 157 -17.89 -3.69 -3.92
C THR B 157 -17.41 -4.02 -5.33
N PRO B 158 -16.25 -4.68 -5.45
CA PRO B 158 -15.36 -5.07 -4.34
C PRO B 158 -14.67 -3.85 -3.72
N SER B 159 -14.64 -3.75 -2.39
CA SER B 159 -13.97 -2.63 -1.73
C SER B 159 -12.45 -2.80 -1.78
N ALA B 160 -11.71 -1.75 -1.47
CA ALA B 160 -10.25 -1.84 -1.40
C ALA B 160 -9.83 -2.89 -0.38
N LEU B 161 -10.54 -2.98 0.74
CA LEU B 161 -10.20 -3.97 1.77
C LEU B 161 -10.35 -5.38 1.24
N ALA B 162 -11.47 -5.69 0.60
CA ALA B 162 -11.73 -7.02 0.06
C ALA B 162 -10.70 -7.40 -1.00
N ILE B 163 -10.41 -6.47 -1.90
CA ILE B 163 -9.39 -6.72 -2.93
C ILE B 163 -8.02 -6.98 -2.30
N MET B 164 -7.58 -6.08 -1.42
CA MET B 164 -6.29 -6.18 -0.78
C MET B 164 -6.17 -7.48 0.02
N GLU B 165 -7.21 -7.81 0.78
CA GLU B 165 -7.14 -8.97 1.68
C GLU B 165 -7.21 -10.29 0.91
N ASN B 166 -8.06 -10.37 -0.11
CA ASN B 166 -8.12 -11.60 -0.90
C ASN B 166 -6.83 -11.83 -1.70
N ALA B 167 -6.25 -10.75 -2.21
CA ALA B 167 -4.98 -10.83 -2.93
C ALA B 167 -3.89 -11.31 -1.98
N ASN B 168 -3.90 -10.77 -0.76
CA ASN B 168 -2.87 -11.14 0.21
C ASN B 168 -2.99 -12.60 0.63
N VAL B 169 -4.20 -13.08 0.89
CA VAL B 169 -4.30 -14.46 1.36
C VAL B 169 -3.96 -15.43 0.23
N LEU B 170 -4.25 -15.05 -1.01
CA LEU B 170 -3.92 -15.89 -2.15
C LEU B 170 -2.40 -16.04 -2.28
N ALA B 171 -1.69 -14.97 -1.95
CA ALA B 171 -0.23 -14.97 -2.01
C ALA B 171 0.36 -15.85 -0.91
N ARG B 172 -0.21 -15.78 0.28
CA ARG B 172 0.26 -16.62 1.37
C ARG B 172 0.10 -18.07 0.98
N TYR B 173 -1.06 -18.42 0.44
CA TYR B 173 -1.34 -19.81 0.03
C TYR B 173 -0.40 -20.25 -1.10
N ALA B 174 -0.18 -19.38 -2.09
CA ALA B 174 0.72 -19.75 -3.20
C ALA B 174 2.12 -20.05 -2.68
N SER B 175 2.59 -19.18 -1.79
CA SER B 175 3.93 -19.28 -1.20
C SER B 175 4.11 -20.62 -0.50
N ILE B 176 3.12 -21.01 0.32
CA ILE B 176 3.22 -22.25 1.07
C ILE B 176 3.20 -23.44 0.11
N CYS B 177 2.33 -23.38 -0.90
CA CYS B 177 2.25 -24.45 -1.88
C CYS B 177 3.61 -24.67 -2.53
N GLN B 178 4.25 -23.57 -2.97
CA GLN B 178 5.50 -23.67 -3.73
C GLN B 178 6.64 -24.22 -2.87
N GLN B 179 6.60 -23.94 -1.57
CA GLN B 179 7.58 -24.50 -0.65
C GLN B 179 7.49 -26.03 -0.56
N ASN B 180 6.37 -26.59 -0.99
CA ASN B 180 6.15 -28.04 -0.89
C ASN B 180 6.00 -28.72 -2.24
N GLY B 181 6.46 -28.06 -3.30
CA GLY B 181 6.43 -28.64 -4.65
C GLY B 181 5.03 -28.78 -5.22
N ILE B 182 4.10 -27.96 -4.75
CA ILE B 182 2.76 -27.95 -5.30
C ILE B 182 2.57 -26.67 -6.12
N VAL B 183 2.06 -26.81 -7.34
CA VAL B 183 1.69 -25.67 -8.15
C VAL B 183 0.36 -25.11 -7.68
N PRO B 184 0.35 -23.85 -7.21
CA PRO B 184 -0.92 -23.23 -6.83
C PRO B 184 -1.68 -22.65 -8.02
N ILE B 185 -2.90 -23.08 -8.22
CA ILE B 185 -3.87 -22.39 -9.01
C ILE B 185 -4.42 -21.23 -8.13
N VAL B 186 -4.31 -20.03 -8.62
CA VAL B 186 -4.74 -18.82 -7.96
C VAL B 186 -6.09 -18.41 -8.54
N GLU B 187 -7.14 -18.59 -7.76
CA GLU B 187 -8.48 -18.27 -8.17
C GLU B 187 -9.09 -17.06 -7.45
N PRO B 188 -9.06 -15.90 -8.09
CA PRO B 188 -9.74 -14.71 -7.59
C PRO B 188 -11.02 -14.51 -8.38
N GLU B 189 -12.06 -15.21 -8.01
CA GLU B 189 -13.28 -15.18 -8.74
C GLU B 189 -14.14 -13.94 -8.48
N ILE B 190 -14.44 -13.21 -9.51
CA ILE B 190 -15.34 -12.12 -9.45
C ILE B 190 -16.66 -12.67 -9.96
N LEU B 191 -17.63 -12.80 -9.08
CA LEU B 191 -18.95 -13.35 -9.42
C LEU B 191 -19.61 -12.58 -10.56
N PRO B 192 -20.45 -13.26 -11.34
CA PRO B 192 -21.22 -12.55 -12.37
C PRO B 192 -22.53 -11.97 -11.84
N ASP B 193 -22.80 -12.12 -10.55
CA ASP B 193 -24.08 -11.65 -10.00
C ASP B 193 -24.27 -10.17 -10.25
N GLY B 194 -25.46 -9.80 -10.74
CA GLY B 194 -25.81 -8.38 -10.84
C GLY B 194 -26.09 -7.94 -12.26
N ASP B 195 -26.39 -6.66 -12.42
CA ASP B 195 -26.85 -6.13 -13.70
C ASP B 195 -25.84 -5.17 -14.33
N HIS B 196 -24.59 -5.24 -13.87
CA HIS B 196 -23.51 -4.44 -14.42
C HIS B 196 -23.24 -4.88 -15.86
N ASP B 197 -22.68 -3.98 -16.65
CA ASP B 197 -22.42 -4.27 -18.03
C ASP B 197 -21.02 -4.84 -18.20
N LEU B 198 -20.62 -5.08 -19.45
CA LEU B 198 -19.37 -5.76 -19.74
C LEU B 198 -18.15 -4.94 -19.33
N LYS B 199 -18.18 -3.64 -19.58
CA LYS B 199 -17.00 -2.83 -19.27
C LYS B 199 -16.78 -2.66 -17.77
N ARG B 200 -17.83 -2.72 -16.97
CA ARG B 200 -17.64 -2.64 -15.53
C ARG B 200 -16.95 -3.91 -15.06
N CYS B 201 -17.38 -5.06 -15.56
CA CYS B 201 -16.68 -6.31 -15.23
C CYS B 201 -15.23 -6.20 -15.69
N GLN B 202 -14.99 -5.64 -16.86
CA GLN B 202 -13.61 -5.56 -17.36
C GLN B 202 -12.77 -4.68 -16.43
N TYR B 203 -13.36 -3.58 -15.97
CA TYR B 203 -12.69 -2.64 -15.09
C TYR B 203 -12.36 -3.29 -13.74
N VAL B 204 -13.33 -3.93 -13.13
CA VAL B 204 -13.11 -4.61 -11.86
C VAL B 204 -12.11 -5.76 -12.01
N THR B 205 -12.24 -6.54 -13.08
CA THR B 205 -11.31 -7.62 -13.31
C THR B 205 -9.87 -7.09 -13.46
N GLU B 206 -9.70 -5.97 -14.15
CA GLU B 206 -8.37 -5.37 -14.30
C GLU B 206 -7.80 -4.89 -12.96
N LYS B 207 -8.62 -4.26 -12.14
CA LYS B 207 -8.17 -3.78 -10.84
C LYS B 207 -7.83 -4.96 -9.91
N VAL B 208 -8.62 -6.02 -10.00
CA VAL B 208 -8.43 -7.16 -9.10
C VAL B 208 -7.11 -7.89 -9.41
N LEU B 209 -6.86 -8.18 -10.67
CA LEU B 209 -5.66 -8.90 -11.08
C LEU B 209 -4.39 -8.05 -10.88
N ALA B 210 -4.47 -6.73 -11.01
CA ALA B 210 -3.31 -5.88 -10.68
C ALA B 210 -2.94 -6.08 -9.21
N ALA B 211 -3.94 -6.09 -8.34
CA ALA B 211 -3.71 -6.33 -6.92
C ALA B 211 -3.15 -7.73 -6.65
N VAL B 212 -3.74 -8.74 -7.27
CA VAL B 212 -3.28 -10.13 -7.13
C VAL B 212 -1.79 -10.25 -7.47
N TYR B 213 -1.37 -9.71 -8.60
CA TYR B 213 0.01 -9.85 -9.05
C TYR B 213 0.99 -8.99 -8.25
N LYS B 214 0.57 -7.81 -7.80
CA LYS B 214 1.40 -7.06 -6.87
C LYS B 214 1.61 -7.87 -5.58
N ALA B 215 0.54 -8.48 -5.06
CA ALA B 215 0.67 -9.29 -3.85
C ALA B 215 1.57 -10.50 -4.11
N LEU B 216 1.39 -11.17 -5.24
CA LEU B 216 2.24 -12.32 -5.55
C LEU B 216 3.70 -11.89 -5.62
N SER B 217 3.95 -10.67 -6.08
CA SER B 217 5.32 -10.13 -6.12
C SER B 217 5.86 -9.85 -4.72
N ASP B 218 5.07 -9.19 -3.87
CA ASP B 218 5.48 -8.89 -2.50
C ASP B 218 5.82 -10.17 -1.73
N HIS B 219 5.14 -11.27 -2.05
CA HIS B 219 5.35 -12.54 -1.36
C HIS B 219 6.36 -13.45 -2.09
N HIS B 220 7.00 -12.94 -3.14
CA HIS B 220 8.05 -13.66 -3.86
C HIS B 220 7.53 -14.94 -4.50
N ILE B 221 6.36 -14.86 -5.13
CA ILE B 221 5.81 -16.02 -5.82
C ILE B 221 6.51 -16.21 -7.17
N TYR B 222 6.86 -17.46 -7.45
CA TYR B 222 7.45 -17.85 -8.73
C TYR B 222 6.33 -18.08 -9.76
N LEU B 223 6.10 -17.09 -10.62
CA LEU B 223 4.92 -17.07 -11.49
C LEU B 223 4.91 -18.19 -12.50
N GLU B 224 6.09 -18.61 -12.93
CA GLU B 224 6.22 -19.69 -13.91
C GLU B 224 5.67 -21.00 -13.33
N GLY B 225 5.69 -21.11 -12.01
CA GLY B 225 5.14 -22.26 -11.33
C GLY B 225 3.81 -21.97 -10.66
N THR B 226 2.97 -21.16 -11.33
CA THR B 226 1.61 -20.90 -10.88
C THR B 226 0.68 -20.99 -12.09
N LEU B 227 -0.62 -21.13 -11.82
CA LEU B 227 -1.63 -20.96 -12.84
C LEU B 227 -2.63 -19.94 -12.32
N LEU B 228 -3.31 -19.26 -13.24
CA LEU B 228 -4.33 -18.28 -12.86
C LEU B 228 -5.70 -18.81 -13.22
N LYS B 229 -6.68 -18.66 -12.33
CA LYS B 229 -8.03 -19.15 -12.58
C LYS B 229 -9.01 -18.01 -12.38
N PRO B 230 -9.17 -17.17 -13.39
CA PRO B 230 -10.04 -16.01 -13.29
C PRO B 230 -11.39 -16.31 -13.88
N ASN B 231 -12.35 -15.46 -13.59
CA ASN B 231 -13.57 -15.36 -14.36
C ASN B 231 -13.22 -14.83 -15.74
N MET B 232 -13.94 -15.27 -16.77
CA MET B 232 -13.92 -14.54 -18.03
C MET B 232 -14.55 -13.19 -17.76
N VAL B 233 -14.27 -12.22 -18.62
CA VAL B 233 -14.94 -10.93 -18.51
C VAL B 233 -16.25 -11.00 -19.28
N THR B 234 -17.34 -10.88 -18.54
CA THR B 234 -18.68 -10.98 -19.10
C THR B 234 -19.56 -9.95 -18.44
N PRO B 235 -20.68 -9.61 -19.10
CA PRO B 235 -21.72 -8.81 -18.45
C PRO B 235 -22.28 -9.56 -17.24
N GLY B 236 -22.78 -8.82 -16.26
CA GLY B 236 -23.50 -9.42 -15.14
C GLY B 236 -24.66 -10.27 -15.62
N HIS B 237 -25.10 -11.18 -14.76
CA HIS B 237 -26.10 -12.17 -15.12
C HIS B 237 -27.45 -11.54 -15.49
N ALA B 238 -27.75 -10.38 -14.91
CA ALA B 238 -29.04 -9.71 -15.14
C ALA B 238 -28.88 -8.43 -15.96
N CYS B 239 -27.74 -8.29 -16.65
CA CYS B 239 -27.49 -7.10 -17.45
C CYS B 239 -28.45 -7.05 -18.63
N THR B 240 -29.13 -5.93 -18.80
CA THR B 240 -30.11 -5.78 -19.86
C THR B 240 -29.43 -5.69 -21.23
N GLN B 241 -28.22 -5.12 -21.26
CA GLN B 241 -27.48 -5.03 -22.53
C GLN B 241 -26.95 -6.39 -22.95
N LYS B 242 -27.03 -6.70 -24.25
CA LYS B 242 -26.53 -7.98 -24.75
C LYS B 242 -25.22 -7.81 -25.50
N TYR B 243 -24.41 -8.86 -25.54
CA TYR B 243 -23.10 -8.81 -26.20
C TYR B 243 -22.85 -10.09 -27.01
N SER B 244 -21.96 -10.00 -27.98
CA SER B 244 -21.56 -11.16 -28.74
C SER B 244 -20.43 -11.87 -28.01
N HIS B 245 -20.13 -13.09 -28.45
CA HIS B 245 -19.05 -13.85 -27.86
C HIS B 245 -17.71 -13.20 -28.19
N GLU B 246 -17.65 -12.52 -29.33
CA GLU B 246 -16.42 -11.90 -29.76
C GLU B 246 -16.08 -10.73 -28.85
N GLU B 247 -17.10 -9.99 -28.45
CA GLU B 247 -16.93 -8.90 -27.48
C GLU B 247 -16.50 -9.45 -26.10
N ILE B 248 -17.14 -10.52 -25.67
CA ILE B 248 -16.74 -11.18 -24.43
C ILE B 248 -15.25 -11.57 -24.51
N ALA B 249 -14.85 -12.16 -25.62
CA ALA B 249 -13.45 -12.57 -25.82
C ALA B 249 -12.50 -11.36 -25.79
N MET B 250 -12.91 -10.27 -26.44
CA MET B 250 -12.04 -9.10 -26.54
C MET B 250 -11.86 -8.45 -25.16
N ALA B 251 -12.96 -8.28 -24.43
CA ALA B 251 -12.91 -7.71 -23.09
C ALA B 251 -12.04 -8.57 -22.16
N THR B 252 -12.18 -9.89 -22.27
CA THR B 252 -11.42 -10.84 -21.46
C THR B 252 -9.92 -10.78 -21.75
N VAL B 253 -9.58 -10.94 -23.02
CA VAL B 253 -8.18 -11.00 -23.42
C VAL B 253 -7.49 -9.66 -23.17
N THR B 254 -8.25 -8.58 -23.27
CA THR B 254 -7.71 -7.25 -23.00
C THR B 254 -7.41 -7.08 -21.50
N ALA B 255 -8.34 -7.52 -20.65
CA ALA B 255 -8.14 -7.43 -19.21
C ALA B 255 -6.89 -8.17 -18.81
N LEU B 256 -6.73 -9.39 -19.34
CA LEU B 256 -5.57 -10.22 -18.99
C LEU B 256 -4.27 -9.61 -19.51
N ARG B 257 -4.28 -9.12 -20.75
CA ARG B 257 -3.09 -8.51 -21.35
C ARG B 257 -2.63 -7.29 -20.53
N ARG B 258 -3.57 -6.64 -19.86
CA ARG B 258 -3.22 -5.44 -19.11
C ARG B 258 -2.75 -5.72 -17.67
N THR B 259 -2.78 -6.99 -17.24
CA THR B 259 -2.50 -7.30 -15.83
C THR B 259 -1.63 -8.55 -15.59
N VAL B 260 -1.74 -9.54 -16.47
CA VAL B 260 -1.11 -10.84 -16.23
C VAL B 260 0.26 -10.90 -16.89
N PRO B 261 1.33 -10.95 -16.08
CA PRO B 261 2.67 -11.00 -16.65
C PRO B 261 2.85 -12.24 -17.52
N PRO B 262 3.54 -12.11 -18.66
CA PRO B 262 3.84 -13.22 -19.58
C PRO B 262 4.44 -14.44 -18.87
N ALA B 263 5.10 -14.23 -17.74
CA ALA B 263 5.78 -15.33 -17.03
C ALA B 263 4.79 -16.37 -16.51
N VAL B 264 3.52 -16.00 -16.36
CA VAL B 264 2.50 -16.93 -15.88
C VAL B 264 2.28 -18.00 -16.94
N THR B 265 2.36 -19.25 -16.50
CA THR B 265 2.38 -20.36 -17.44
C THR B 265 1.01 -20.55 -18.11
N GLY B 266 -0.07 -20.37 -17.36
CA GLY B 266 -1.38 -20.57 -17.96
C GLY B 266 -2.53 -19.93 -17.22
N VAL B 267 -3.62 -19.71 -17.95
CA VAL B 267 -4.85 -19.17 -17.39
C VAL B 267 -5.92 -20.21 -17.65
N THR B 268 -6.52 -20.72 -16.57
CA THR B 268 -7.55 -21.76 -16.67
C THR B 268 -8.86 -21.18 -16.16
N PHE B 269 -9.72 -20.79 -17.09
CA PHE B 269 -10.94 -20.08 -16.75
C PHE B 269 -11.93 -20.94 -15.98
N LEU B 270 -12.56 -20.34 -14.97
CA LEU B 270 -13.74 -20.93 -14.36
C LEU B 270 -14.96 -20.66 -15.26
N SER B 271 -15.94 -21.56 -15.22
CA SER B 271 -17.10 -21.47 -16.10
C SER B 271 -18.21 -20.60 -15.52
N GLY B 272 -18.20 -20.39 -14.21
CA GLY B 272 -19.21 -19.57 -13.56
C GLY B 272 -20.58 -20.20 -13.71
N GLY B 273 -21.58 -19.39 -14.02
CA GLY B 273 -22.91 -19.91 -14.25
C GLY B 273 -23.20 -20.12 -15.73
N GLN B 274 -22.15 -20.20 -16.54
CA GLN B 274 -22.32 -20.42 -17.98
C GLN B 274 -22.71 -21.87 -18.23
N SER B 275 -23.58 -22.07 -19.23
CA SER B 275 -23.98 -23.40 -19.64
C SER B 275 -22.77 -24.06 -20.29
N GLU B 276 -22.85 -25.37 -20.49
CA GLU B 276 -21.74 -26.13 -21.06
C GLU B 276 -21.33 -25.59 -22.42
N GLU B 277 -22.33 -25.21 -23.20
CA GLU B 277 -22.11 -24.80 -24.59
C GLU B 277 -21.51 -23.41 -24.62
N GLU B 278 -22.09 -22.52 -23.82
CA GLU B 278 -21.65 -21.14 -23.71
C GLU B 278 -20.19 -21.06 -23.26
N ALA B 279 -19.84 -21.85 -22.26
CA ALA B 279 -18.48 -21.92 -21.74
C ALA B 279 -17.48 -22.33 -22.82
N SER B 280 -17.88 -23.25 -23.69
CA SER B 280 -17.00 -23.72 -24.76
C SER B 280 -16.88 -22.68 -25.88
N ILE B 281 -18.00 -22.07 -26.23
CA ILE B 281 -18.01 -21.07 -27.31
C ILE B 281 -17.16 -19.86 -26.93
N ASN B 282 -17.27 -19.44 -25.67
CA ASN B 282 -16.50 -18.30 -25.18
C ASN B 282 -15.02 -18.61 -25.11
N LEU B 283 -14.66 -19.79 -24.60
CA LEU B 283 -13.26 -20.17 -24.52
C LEU B 283 -12.64 -20.24 -25.92
N ASN B 284 -13.45 -20.64 -26.89
CA ASN B 284 -13.00 -20.73 -28.27
C ASN B 284 -12.80 -19.33 -28.85
N ALA B 285 -13.73 -18.43 -28.55
CA ALA B 285 -13.64 -17.04 -29.01
C ALA B 285 -12.40 -16.36 -28.41
N ILE B 286 -12.16 -16.61 -27.14
CA ILE B 286 -11.01 -16.05 -26.44
C ILE B 286 -9.72 -16.49 -27.13
N ASN B 287 -9.62 -17.77 -27.47
CA ASN B 287 -8.44 -18.29 -28.16
C ASN B 287 -8.37 -17.85 -29.63
N LYS B 288 -9.47 -17.43 -30.20
CA LYS B 288 -9.50 -16.80 -31.51
C LYS B 288 -9.28 -15.27 -31.50
N CYS B 289 -9.23 -14.63 -30.35
CA CYS B 289 -9.03 -13.21 -30.32
C CYS B 289 -7.73 -12.82 -30.99
N PRO B 290 -7.77 -11.74 -31.73
CA PRO B 290 -6.68 -11.28 -32.58
C PRO B 290 -5.52 -10.63 -31.89
N LEU B 291 -5.45 -10.70 -30.58
CA LEU B 291 -4.34 -10.16 -29.86
C LEU B 291 -3.32 -11.19 -29.48
N LEU B 292 -2.13 -10.71 -29.16
CA LEU B 292 -1.09 -11.55 -28.61
C LEU B 292 -1.47 -12.10 -27.22
N LYS B 293 -1.33 -13.38 -27.07
CA LYS B 293 -1.73 -14.04 -25.83
C LYS B 293 -0.62 -15.00 -25.41
N PRO B 294 0.28 -14.52 -24.53
CA PRO B 294 1.52 -15.18 -24.14
C PRO B 294 1.36 -16.17 -22.97
N TRP B 295 0.14 -16.66 -22.78
CA TRP B 295 -0.09 -17.78 -21.85
C TRP B 295 -1.15 -18.69 -22.44
N ALA B 296 -1.13 -19.95 -22.03
CA ALA B 296 -2.20 -20.86 -22.43
C ALA B 296 -3.50 -20.28 -21.91
N LEU B 297 -4.55 -20.38 -22.71
CA LEU B 297 -5.87 -19.97 -22.30
C LEU B 297 -6.76 -21.19 -22.42
N THR B 298 -7.09 -21.79 -21.29
CA THR B 298 -7.81 -23.05 -21.32
C THR B 298 -8.82 -23.07 -20.17
N PHE B 299 -9.20 -24.26 -19.72
CA PHE B 299 -10.36 -24.39 -18.87
C PHE B 299 -10.05 -25.07 -17.54
N SER B 300 -10.79 -24.69 -16.51
CA SER B 300 -10.86 -25.46 -15.27
C SER B 300 -12.33 -25.45 -14.90
N TYR B 301 -13.08 -26.34 -15.56
CA TYR B 301 -14.52 -26.31 -15.50
C TYR B 301 -15.05 -27.31 -14.50
N GLY B 302 -16.07 -26.92 -13.74
CA GLY B 302 -16.78 -27.87 -12.90
C GLY B 302 -18.10 -28.17 -13.57
N ARG B 303 -19.07 -27.29 -13.35
CA ARG B 303 -20.41 -27.44 -13.88
C ARG B 303 -20.41 -27.62 -15.40
N ALA B 304 -19.52 -26.92 -16.10
CA ALA B 304 -19.50 -26.91 -17.56
C ALA B 304 -18.83 -28.16 -18.15
N LEU B 305 -18.27 -29.01 -17.31
CA LEU B 305 -17.85 -30.33 -17.76
C LEU B 305 -18.79 -31.40 -17.25
N GLN B 306 -19.69 -31.04 -16.31
CA GLN B 306 -20.45 -32.03 -15.55
C GLN B 306 -21.97 -31.98 -15.69
N ALA B 307 -22.52 -30.86 -16.14
CA ALA B 307 -23.96 -30.64 -16.04
C ALA B 307 -24.75 -31.83 -16.60
N SER B 308 -24.38 -32.26 -17.79
CA SER B 308 -25.14 -33.24 -18.53
C SER B 308 -24.79 -34.65 -18.10
N ALA B 309 -23.55 -34.84 -17.65
CA ALA B 309 -23.15 -36.13 -17.10
C ALA B 309 -24.03 -36.44 -15.89
N LEU B 310 -24.15 -35.45 -15.01
CA LEU B 310 -24.88 -35.62 -13.77
C LEU B 310 -26.35 -35.93 -14.02
N LYS B 311 -26.97 -35.19 -14.93
CA LYS B 311 -28.37 -35.38 -15.26
C LYS B 311 -28.62 -36.76 -15.89
N ALA B 312 -27.72 -37.21 -16.74
CA ALA B 312 -27.87 -38.49 -17.42
C ALA B 312 -27.61 -39.66 -16.47
N TRP B 313 -26.78 -39.43 -15.46
CA TRP B 313 -26.55 -40.44 -14.43
C TRP B 313 -27.86 -40.59 -13.66
N GLY B 314 -28.34 -39.49 -13.09
CA GLY B 314 -29.60 -39.48 -12.38
C GLY B 314 -29.57 -40.30 -11.11
N GLY B 315 -28.39 -40.79 -10.74
CA GLY B 315 -28.23 -41.53 -9.51
C GLY B 315 -28.36 -43.03 -9.72
N LYS B 316 -28.40 -43.45 -10.97
CA LYS B 316 -28.66 -44.85 -11.29
C LYS B 316 -27.43 -45.56 -11.86
N LYS B 317 -27.02 -46.63 -11.18
CA LYS B 317 -25.82 -47.37 -11.56
C LYS B 317 -25.82 -47.71 -13.04
N GLU B 318 -27.02 -47.89 -13.61
CA GLU B 318 -27.15 -48.41 -14.97
C GLU B 318 -27.03 -47.32 -16.04
N ASN B 319 -26.96 -46.06 -15.60
CA ASN B 319 -26.80 -44.95 -16.52
C ASN B 319 -25.34 -44.50 -16.60
N LEU B 320 -24.44 -45.37 -16.16
CA LEU B 320 -23.02 -45.03 -16.09
C LEU B 320 -22.49 -44.60 -17.46
N LYS B 321 -22.69 -45.46 -18.46
CA LYS B 321 -22.14 -45.24 -19.79
C LYS B 321 -22.66 -43.96 -20.45
N ALA B 322 -23.96 -43.71 -20.37
CA ALA B 322 -24.55 -42.52 -21.00
C ALA B 322 -24.04 -41.24 -20.35
N ALA B 323 -23.89 -41.27 -19.02
CA ALA B 323 -23.34 -40.14 -18.28
C ALA B 323 -21.87 -39.93 -18.65
N GLN B 324 -21.08 -40.99 -18.65
CA GLN B 324 -19.66 -40.85 -19.01
C GLN B 324 -19.53 -40.32 -20.44
N GLU B 325 -20.57 -40.56 -21.23
CA GLU B 325 -20.58 -40.13 -22.62
C GLU B 325 -20.78 -38.62 -22.71
N GLU B 326 -21.68 -38.07 -21.89
CA GLU B 326 -21.89 -36.63 -21.85
C GLU B 326 -20.63 -35.91 -21.39
N TYR B 327 -19.92 -36.46 -20.41
CA TYR B 327 -18.68 -35.84 -19.94
C TYR B 327 -17.61 -35.86 -21.02
N VAL B 328 -17.51 -36.95 -21.76
CA VAL B 328 -16.48 -37.06 -22.78
C VAL B 328 -16.75 -36.06 -23.90
N LYS B 329 -18.02 -35.76 -24.15
CA LYS B 329 -18.39 -34.82 -25.21
C LYS B 329 -17.99 -33.39 -24.84
N ARG B 330 -18.20 -33.03 -23.57
CA ARG B 330 -17.79 -31.72 -23.10
C ARG B 330 -16.27 -31.62 -22.98
N ALA B 331 -15.60 -32.72 -22.68
CA ALA B 331 -14.15 -32.68 -22.60
C ALA B 331 -13.58 -32.42 -23.99
N LEU B 332 -14.13 -33.12 -24.98
CA LEU B 332 -13.68 -33.02 -26.36
C LEU B 332 -13.97 -31.63 -26.91
N ALA B 333 -15.14 -31.09 -26.57
CA ALA B 333 -15.56 -29.78 -27.02
C ALA B 333 -14.64 -28.68 -26.49
N ASN B 334 -14.22 -28.82 -25.24
CA ASN B 334 -13.38 -27.81 -24.60
C ASN B 334 -11.92 -27.94 -24.98
N SER B 335 -11.48 -29.17 -25.23
CA SER B 335 -10.15 -29.41 -25.74
C SER B 335 -9.96 -28.69 -27.09
N LEU B 336 -10.97 -28.76 -27.95
CA LEU B 336 -10.91 -28.06 -29.23
C LEU B 336 -10.96 -26.55 -28.94
N ALA B 337 -11.77 -26.17 -27.95
CA ALA B 337 -12.00 -24.75 -27.62
C ALA B 337 -10.72 -24.03 -27.20
N CYS B 338 -9.91 -24.67 -26.36
CA CYS B 338 -8.69 -24.05 -25.86
C CYS B 338 -7.60 -24.03 -26.93
N GLN B 339 -7.97 -24.45 -28.14
CA GLN B 339 -7.11 -24.38 -29.32
C GLN B 339 -7.74 -23.47 -30.36
N GLY B 340 -8.97 -23.02 -30.10
CA GLY B 340 -9.68 -22.16 -31.04
C GLY B 340 -10.16 -22.93 -32.26
N LYS B 341 -10.43 -24.22 -32.07
CA LYS B 341 -10.86 -25.11 -33.16
C LYS B 341 -12.26 -25.67 -32.93
N TYR B 342 -13.04 -25.03 -32.06
CA TYR B 342 -14.35 -25.56 -31.72
C TYR B 342 -15.46 -24.87 -32.48
N THR B 343 -16.22 -25.65 -33.25
CA THR B 343 -17.44 -25.16 -33.86
C THR B 343 -18.62 -25.87 -33.19
N PRO B 344 -19.61 -25.10 -32.72
CA PRO B 344 -20.82 -25.72 -32.17
C PRO B 344 -21.84 -26.05 -33.27
N SER B 359 -12.79 -1.51 -33.39
CA SER B 359 -12.03 -0.70 -32.45
C SER B 359 -11.88 -1.41 -31.12
N ASN B 360 -10.75 -2.09 -30.93
CA ASN B 360 -10.44 -2.68 -29.64
C ASN B 360 -9.93 -1.62 -28.66
N HIS B 361 -9.89 -0.37 -29.13
CA HIS B 361 -9.64 0.77 -28.26
C HIS B 361 -10.92 1.17 -27.54
N ALA B 362 -12.01 0.48 -27.84
CA ALA B 362 -13.26 0.70 -27.14
C ALA B 362 -13.26 -0.05 -25.81
N TYR B 363 -12.35 -1.01 -25.68
CA TYR B 363 -12.22 -1.76 -24.44
C TYR B 363 -11.14 -1.17 -23.56
N PRO C 1 -15.32 0.80 -6.55
CA PRO C 1 -14.63 0.37 -7.77
C PRO C 1 -15.41 0.74 -9.02
N HIS C 2 -15.62 2.03 -9.24
CA HIS C 2 -16.38 2.47 -10.39
C HIS C 2 -15.50 3.14 -11.44
N SER C 3 -15.80 2.86 -12.70
CA SER C 3 -15.04 3.40 -13.80
C SER C 3 -15.53 4.80 -14.17
N HIS C 4 -14.59 5.74 -14.20
CA HIS C 4 -14.82 7.06 -14.76
C HIS C 4 -13.73 7.27 -15.79
N PRO C 5 -13.95 6.76 -17.01
CA PRO C 5 -12.87 6.61 -17.97
C PRO C 5 -11.96 7.83 -18.04
N ALA C 6 -10.66 7.63 -17.89
CA ALA C 6 -9.72 8.73 -18.08
C ALA C 6 -9.71 9.16 -19.54
N LEU C 7 -9.94 8.22 -20.45
CA LEU C 7 -9.74 8.48 -21.88
C LEU C 7 -10.88 7.91 -22.73
N THR C 8 -11.27 8.62 -23.78
CA THR C 8 -12.25 8.10 -24.73
C THR C 8 -11.58 7.13 -25.70
N PRO C 9 -12.38 6.36 -26.46
CA PRO C 9 -11.81 5.46 -27.47
C PRO C 9 -10.94 6.17 -28.51
N GLU C 10 -11.32 7.38 -28.90
CA GLU C 10 -10.56 8.14 -29.88
C GLU C 10 -9.17 8.51 -29.31
N GLN C 11 -9.14 8.91 -28.05
CA GLN C 11 -7.88 9.28 -27.41
C GLN C 11 -6.97 8.07 -27.26
N LYS C 12 -7.55 6.93 -26.87
CA LYS C 12 -6.79 5.70 -26.73
C LYS C 12 -6.16 5.32 -28.06
N LYS C 13 -6.96 5.36 -29.12
CA LYS C 13 -6.48 4.99 -30.44
C LYS C 13 -5.30 5.87 -30.78
N GLU C 14 -5.39 7.16 -30.50
CA GLU C 14 -4.30 8.07 -30.85
C GLU C 14 -3.01 7.67 -30.12
N LEU C 15 -3.13 7.39 -28.83
CA LEU C 15 -1.97 7.06 -28.01
C LEU C 15 -1.36 5.74 -28.45
N SER C 16 -2.18 4.75 -28.79
CA SER C 16 -1.66 3.46 -29.21
C SER C 16 -0.92 3.58 -30.56
N ASP C 17 -1.49 4.33 -31.48
CA ASP C 17 -0.87 4.54 -32.78
C ASP C 17 0.48 5.19 -32.66
N ILE C 18 0.58 6.21 -31.81
CA ILE C 18 1.85 6.89 -31.57
C ILE C 18 2.89 5.93 -31.00
N ALA C 19 2.51 5.19 -29.96
CA ALA C 19 3.44 4.27 -29.29
C ALA C 19 3.94 3.19 -30.26
N HIS C 20 3.05 2.65 -31.09
CA HIS C 20 3.44 1.63 -32.07
C HIS C 20 4.36 2.20 -33.16
N ARG C 21 4.11 3.41 -33.62
CA ARG C 21 4.96 4.00 -34.67
C ARG C 21 6.38 4.12 -34.16
N ILE C 22 6.51 4.50 -32.90
CA ILE C 22 7.81 4.77 -32.32
C ILE C 22 8.65 3.50 -32.28
N VAL C 23 8.05 2.37 -31.93
CA VAL C 23 8.82 1.15 -31.79
C VAL C 23 8.51 0.15 -32.91
N ALA C 24 8.11 0.64 -34.07
CA ALA C 24 7.80 -0.23 -35.21
C ALA C 24 9.03 -1.08 -35.53
N PRO C 25 8.82 -2.24 -36.16
CA PRO C 25 9.92 -3.19 -36.39
C PRO C 25 11.13 -2.54 -37.04
N GLY C 26 12.30 -2.76 -36.48
CA GLY C 26 13.53 -2.15 -36.97
C GLY C 26 13.88 -0.82 -36.32
N LYS C 27 12.93 -0.20 -35.64
CA LYS C 27 13.11 1.18 -35.16
C LYS C 27 13.35 1.33 -33.66
N GLY C 28 14.09 2.37 -33.29
CA GLY C 28 14.28 2.74 -31.91
C GLY C 28 14.33 4.24 -31.77
N ILE C 29 14.79 4.70 -30.62
CA ILE C 29 14.74 6.10 -30.27
C ILE C 29 16.13 6.67 -30.06
N LEU C 30 16.38 7.83 -30.65
CA LEU C 30 17.56 8.60 -30.33
C LEU C 30 17.22 9.48 -29.14
N ALA C 31 17.98 9.33 -28.05
CA ALA C 31 17.86 10.20 -26.89
C ALA C 31 18.87 11.33 -27.00
N ALA C 32 18.42 12.50 -27.46
CA ALA C 32 19.28 13.68 -27.63
C ALA C 32 18.80 14.75 -26.68
N ASP C 33 18.20 14.33 -25.57
CA ASP C 33 17.48 15.24 -24.67
C ASP C 33 18.28 15.68 -23.46
N GLU C 34 19.61 15.66 -23.58
CA GLU C 34 20.48 16.16 -22.50
C GLU C 34 20.19 17.62 -22.20
N SER C 35 20.01 17.91 -20.91
CA SER C 35 19.81 19.28 -20.44
C SER C 35 21.09 20.11 -20.59
N THR C 36 20.95 21.43 -20.44
CA THR C 36 22.08 22.35 -20.58
C THR C 36 23.27 21.90 -19.73
N GLY C 37 23.02 21.61 -18.47
CA GLY C 37 24.04 21.10 -17.56
C GLY C 37 24.66 19.79 -18.04
N SER C 38 23.81 18.85 -18.44
CA SER C 38 24.28 17.52 -18.80
C SER C 38 25.05 17.49 -20.14
N ILE C 39 24.66 18.33 -21.09
CA ILE C 39 25.31 18.38 -22.39
C ILE C 39 26.60 19.18 -22.29
N ALA C 40 26.67 20.04 -21.26
CA ALA C 40 27.90 20.76 -20.95
C ALA C 40 29.01 19.76 -20.68
N LYS C 41 28.71 18.77 -19.83
CA LYS C 41 29.66 17.72 -19.53
C LYS C 41 30.13 17.12 -20.86
N ARG C 42 29.18 16.87 -21.75
CA ARG C 42 29.46 16.28 -23.04
C ARG C 42 30.41 17.13 -23.91
N LEU C 43 30.17 18.43 -23.95
CA LEU C 43 30.97 19.31 -24.78
C LEU C 43 32.35 19.49 -24.18
N GLN C 44 32.41 19.46 -22.87
CA GLN C 44 33.66 19.66 -22.15
C GLN C 44 34.65 18.55 -22.48
N SER C 45 34.14 17.37 -22.78
CA SER C 45 34.99 16.21 -23.02
C SER C 45 35.57 16.18 -24.43
N ILE C 46 35.22 17.18 -25.25
CA ILE C 46 35.84 17.36 -26.55
C ILE C 46 36.29 18.81 -26.70
N GLY C 47 36.69 19.42 -25.59
CA GLY C 47 37.17 20.78 -25.58
C GLY C 47 36.35 21.66 -26.49
N THR C 48 35.07 21.82 -26.14
CA THR C 48 34.15 22.64 -26.92
C THR C 48 33.30 23.49 -25.97
N GLU C 49 33.12 24.76 -26.32
CA GLU C 49 32.41 25.71 -25.45
C GLU C 49 30.92 25.39 -25.39
N ASN C 50 30.31 25.59 -24.22
CA ASN C 50 28.89 25.32 -24.07
C ASN C 50 28.04 26.53 -24.43
N THR C 51 27.81 26.71 -25.73
CA THR C 51 27.03 27.83 -26.20
C THR C 51 25.77 27.32 -26.89
N GLU C 52 24.74 28.16 -26.95
CA GLU C 52 23.51 27.75 -27.59
C GLU C 52 23.77 27.39 -29.04
N GLU C 53 24.68 28.11 -29.68
CA GLU C 53 24.96 27.84 -31.08
C GLU C 53 25.65 26.47 -31.24
N ASN C 54 26.55 26.13 -30.32
CA ASN C 54 27.22 24.83 -30.41
C ASN C 54 26.25 23.69 -30.14
N ARG C 55 25.31 23.91 -29.23
CA ARG C 55 24.31 22.90 -28.92
C ARG C 55 23.42 22.70 -30.14
N ARG C 56 23.01 23.81 -30.76
CA ARG C 56 22.16 23.74 -31.93
C ARG C 56 22.88 22.99 -33.03
N PHE C 57 24.17 23.27 -33.18
CA PHE C 57 24.94 22.69 -34.28
C PHE C 57 25.06 21.19 -34.08
N TYR C 58 25.30 20.76 -32.85
CA TYR C 58 25.49 19.35 -32.55
C TYR C 58 24.18 18.58 -32.74
N ARG C 59 23.09 19.12 -32.23
CA ARG C 59 21.78 18.51 -32.44
C ARG C 59 21.45 18.43 -33.92
N GLN C 60 21.67 19.54 -34.65
CA GLN C 60 21.51 19.55 -36.11
C GLN C 60 22.32 18.41 -36.71
N LEU C 61 23.55 18.24 -36.27
CA LEU C 61 24.42 17.21 -36.81
C LEU C 61 23.72 15.85 -36.76
N LEU C 62 23.12 15.53 -35.62
CA LEU C 62 22.44 14.25 -35.48
C LEU C 62 21.15 14.18 -36.29
N LEU C 63 20.35 15.24 -36.25
CA LEU C 63 18.98 15.18 -36.75
C LEU C 63 18.93 15.20 -38.27
N THR C 64 19.94 15.80 -38.90
CA THR C 64 19.97 15.92 -40.37
C THR C 64 20.87 14.89 -41.05
N ALA C 65 21.26 13.86 -40.29
CA ALA C 65 22.04 12.76 -40.84
C ALA C 65 21.29 12.20 -42.04
N ASP C 66 22.01 11.58 -42.98
CA ASP C 66 21.41 11.15 -44.24
C ASP C 66 20.34 10.07 -44.05
N ASP C 67 19.57 9.84 -45.11
CA ASP C 67 18.34 9.05 -45.03
C ASP C 67 18.53 7.58 -44.69
N ARG C 68 19.76 7.15 -44.44
CA ARG C 68 20.01 5.79 -43.98
C ARG C 68 19.46 5.59 -42.55
N VAL C 69 19.34 6.68 -41.79
CA VAL C 69 18.80 6.57 -40.43
C VAL C 69 17.29 6.49 -40.43
N ASN C 70 16.65 6.85 -41.54
CA ASN C 70 15.19 6.95 -41.55
C ASN C 70 14.48 5.66 -41.06
N PRO C 71 14.86 4.50 -41.60
CA PRO C 71 14.23 3.23 -41.17
C PRO C 71 14.66 2.79 -39.78
N CYS C 72 15.67 3.46 -39.23
CA CYS C 72 16.26 3.10 -37.95
C CYS C 72 15.67 3.87 -36.77
N ILE C 73 15.15 5.05 -37.05
CA ILE C 73 14.77 5.98 -35.99
C ILE C 73 13.26 6.23 -36.00
N GLY C 74 12.59 5.65 -35.02
CA GLY C 74 11.16 5.80 -34.89
C GLY C 74 10.83 7.02 -34.06
N GLY C 75 11.74 7.46 -33.19
CA GLY C 75 11.51 8.67 -32.42
C GLY C 75 12.78 9.38 -31.97
N VAL C 76 12.70 10.69 -31.77
CA VAL C 76 13.81 11.46 -31.24
C VAL C 76 13.33 12.23 -30.00
N ILE C 77 14.05 12.11 -28.90
CA ILE C 77 13.72 12.84 -27.69
C ILE C 77 14.55 14.12 -27.62
N LEU C 78 13.86 15.25 -27.49
CA LEU C 78 14.51 16.55 -27.39
C LEU C 78 14.39 17.13 -25.98
N PHE C 79 15.34 17.97 -25.61
CA PHE C 79 15.25 18.85 -24.44
C PHE C 79 14.51 20.12 -24.87
N HIS C 80 13.90 20.81 -23.92
CA HIS C 80 13.02 21.94 -24.25
C HIS C 80 13.66 22.90 -25.28
N GLU C 81 14.90 23.30 -25.04
CA GLU C 81 15.60 24.24 -25.91
C GLU C 81 15.58 23.83 -27.38
N THR C 82 15.86 22.56 -27.63
CA THR C 82 16.07 22.05 -28.98
C THR C 82 14.77 21.96 -29.77
N LEU C 83 13.67 21.68 -29.06
CA LEU C 83 12.34 21.61 -29.69
C LEU C 83 12.00 22.89 -30.44
N TYR C 84 12.57 24.01 -29.98
CA TYR C 84 12.26 25.32 -30.57
C TYR C 84 13.45 25.91 -31.33
N GLN C 85 14.42 25.07 -31.66
CA GLN C 85 15.54 25.50 -32.49
C GLN C 85 15.30 25.13 -33.95
N LYS C 86 16.08 25.72 -34.84
CA LYS C 86 15.88 25.51 -36.26
C LYS C 86 17.17 25.04 -36.93
N ALA C 87 17.03 24.22 -37.96
CA ALA C 87 18.14 23.87 -38.81
C ALA C 87 18.58 25.13 -39.58
N ASP C 88 19.73 25.05 -40.27
CA ASP C 88 20.29 26.18 -41.00
C ASP C 88 19.35 26.65 -42.10
N ASP C 89 18.58 25.71 -42.65
CA ASP C 89 17.63 26.01 -43.73
C ASP C 89 16.32 26.59 -43.21
N GLY C 90 16.27 26.97 -41.93
CA GLY C 90 15.09 27.60 -41.38
C GLY C 90 14.02 26.65 -40.87
N ARG C 91 14.18 25.35 -41.10
CA ARG C 91 13.17 24.39 -40.65
C ARG C 91 13.29 24.12 -39.14
N PRO C 92 12.17 24.25 -38.41
CA PRO C 92 12.17 23.82 -37.01
C PRO C 92 12.69 22.37 -36.88
N PHE C 93 13.44 22.04 -35.83
CA PHE C 93 13.95 20.68 -35.68
C PHE C 93 12.86 19.62 -35.64
N PRO C 94 11.69 19.94 -35.05
CA PRO C 94 10.64 18.92 -35.07
C PRO C 94 10.18 18.59 -36.49
N GLN C 95 10.18 19.58 -37.36
CA GLN C 95 9.83 19.37 -38.77
C GLN C 95 10.89 18.49 -39.45
N VAL C 96 12.15 18.74 -39.13
CA VAL C 96 13.26 17.90 -39.63
C VAL C 96 13.04 16.43 -39.25
N ILE C 97 12.73 16.19 -37.99
CA ILE C 97 12.57 14.84 -37.49
C ILE C 97 11.40 14.14 -38.16
N LYS C 98 10.26 14.82 -38.25
CA LYS C 98 9.09 14.27 -38.92
C LYS C 98 9.33 13.98 -40.41
N SER C 99 10.10 14.83 -41.09
CA SER C 99 10.30 14.68 -42.53
C SER C 99 11.10 13.41 -42.80
N LYS C 100 11.84 12.96 -41.79
CA LYS C 100 12.64 11.74 -41.92
C LYS C 100 11.92 10.53 -41.33
N GLY C 101 10.66 10.71 -40.93
CA GLY C 101 9.81 9.61 -40.51
C GLY C 101 9.79 9.35 -39.00
N GLY C 102 10.41 10.23 -38.25
CA GLY C 102 10.48 10.11 -36.80
C GLY C 102 9.39 10.86 -36.06
N VAL C 103 8.90 10.24 -34.99
CA VAL C 103 8.03 10.91 -34.03
C VAL C 103 8.88 11.80 -33.13
N VAL C 104 8.36 12.97 -32.76
CA VAL C 104 9.09 13.92 -31.91
C VAL C 104 8.71 13.73 -30.44
N GLY C 105 9.73 13.67 -29.58
CA GLY C 105 9.52 13.48 -28.15
C GLY C 105 10.16 14.60 -27.35
N ILE C 106 9.64 14.81 -26.15
CA ILE C 106 10.11 15.88 -25.29
C ILE C 106 10.33 15.36 -23.86
N LYS C 107 11.51 15.64 -23.31
CA LYS C 107 11.78 15.36 -21.91
C LYS C 107 11.11 16.42 -21.05
N VAL C 108 10.31 15.99 -20.08
CA VAL C 108 9.50 16.92 -19.31
C VAL C 108 9.80 16.94 -17.80
N ASP C 109 10.64 16.04 -17.32
CA ASP C 109 11.00 16.07 -15.90
C ASP C 109 11.94 17.24 -15.61
N LYS C 110 12.06 17.60 -14.32
CA LYS C 110 12.91 18.68 -13.88
C LYS C 110 14.00 18.19 -12.92
N GLY C 111 14.44 16.96 -13.13
CA GLY C 111 15.60 16.42 -12.45
C GLY C 111 15.25 15.80 -11.12
N VAL C 112 16.23 15.14 -10.52
CA VAL C 112 16.04 14.48 -9.24
C VAL C 112 16.25 15.43 -8.07
N VAL C 113 15.70 15.05 -6.93
CA VAL C 113 15.79 15.81 -5.69
C VAL C 113 15.88 14.77 -4.56
N PRO C 114 16.55 15.13 -3.46
CA PRO C 114 16.82 14.20 -2.36
C PRO C 114 15.54 13.81 -1.61
N LEU C 115 15.40 12.51 -1.33
CA LEU C 115 14.40 12.03 -0.39
C LEU C 115 14.97 12.06 1.02
N ALA C 116 14.46 12.92 1.88
CA ALA C 116 14.94 13.00 3.24
C ALA C 116 14.71 11.67 3.96
N GLY C 117 15.64 11.31 4.84
CA GLY C 117 15.53 10.11 5.65
C GLY C 117 15.96 8.85 4.93
N THR C 118 16.60 9.00 3.77
CA THR C 118 17.07 7.84 3.02
C THR C 118 18.58 7.92 2.84
N ASN C 119 19.16 6.85 2.34
CA ASN C 119 20.60 6.85 2.15
C ASN C 119 20.94 7.32 0.76
N GLY C 120 20.88 8.62 0.57
CA GLY C 120 21.24 9.21 -0.72
C GLY C 120 20.26 8.91 -1.83
N GLU C 121 19.02 8.53 -1.51
CA GLU C 121 18.04 8.25 -2.54
C GLU C 121 17.28 9.51 -3.00
N THR C 122 16.73 9.44 -4.21
CA THR C 122 16.02 10.57 -4.79
C THR C 122 14.64 10.20 -5.29
N THR C 123 13.83 11.23 -5.51
CA THR C 123 12.66 11.15 -6.37
C THR C 123 12.85 12.21 -7.46
N THR C 124 11.89 12.36 -8.36
CA THR C 124 12.03 13.32 -9.47
C THR C 124 10.92 14.35 -9.45
N GLN C 125 11.26 15.61 -9.71
CA GLN C 125 10.26 16.66 -9.73
C GLN C 125 9.89 17.01 -11.16
N GLY C 126 8.84 17.81 -11.33
CA GLY C 126 8.44 18.28 -12.64
C GLY C 126 6.97 18.21 -12.94
N LEU C 127 6.14 17.93 -11.94
CA LEU C 127 4.70 17.80 -12.17
C LEU C 127 4.00 19.15 -12.31
N ASP C 128 4.55 20.19 -11.68
CA ASP C 128 3.87 21.49 -11.60
C ASP C 128 3.72 22.15 -12.97
N GLY C 129 2.48 22.46 -13.35
CA GLY C 129 2.21 23.07 -14.63
C GLY C 129 2.46 22.09 -15.78
N LEU C 130 2.51 20.78 -15.47
CA LEU C 130 2.87 19.79 -16.50
C LEU C 130 1.81 19.63 -17.57
N SER C 131 0.54 19.69 -17.18
CA SER C 131 -0.52 19.55 -18.17
C SER C 131 -0.45 20.68 -19.19
N GLU C 132 -0.19 21.91 -18.73
CA GLU C 132 -0.13 23.05 -19.64
C GLU C 132 1.09 22.92 -20.56
N ARG C 133 2.21 22.50 -19.98
CA ARG C 133 3.40 22.26 -20.76
C ARG C 133 3.15 21.19 -21.81
N CYS C 134 2.44 20.11 -21.47
CA CYS C 134 2.18 19.04 -22.44
C CYS C 134 1.25 19.48 -23.55
N ALA C 135 0.24 20.29 -23.22
CA ALA C 135 -0.67 20.83 -24.23
C ALA C 135 0.11 21.69 -25.21
N GLN C 136 1.04 22.48 -24.70
CA GLN C 136 1.84 23.35 -25.54
C GLN C 136 2.77 22.52 -26.41
N TYR C 137 3.44 21.54 -25.81
CA TYR C 137 4.39 20.71 -26.55
C TYR C 137 3.66 19.93 -27.64
N LYS C 138 2.47 19.44 -27.33
CA LYS C 138 1.66 18.72 -28.30
C LYS C 138 1.41 19.62 -29.50
N LYS C 139 1.03 20.86 -29.22
CA LYS C 139 0.73 21.84 -30.26
C LYS C 139 1.98 22.13 -31.12
N ASP C 140 3.16 22.08 -30.50
CA ASP C 140 4.41 22.40 -31.20
C ASP C 140 5.12 21.16 -31.77
N GLY C 141 4.40 20.05 -31.91
CA GLY C 141 4.88 18.93 -32.70
C GLY C 141 5.31 17.67 -31.97
N ALA C 142 5.34 17.67 -30.65
CA ALA C 142 5.76 16.48 -29.90
C ALA C 142 4.55 15.55 -29.70
N ASP C 143 4.80 14.24 -29.77
CA ASP C 143 3.75 13.24 -29.55
C ASP C 143 4.07 12.27 -28.40
N PHE C 144 5.29 12.32 -27.88
CA PHE C 144 5.62 11.52 -26.69
C PHE C 144 6.58 12.29 -25.79
N ALA C 145 6.79 11.75 -24.59
CA ALA C 145 7.56 12.44 -23.57
C ALA C 145 8.40 11.43 -22.80
N LYS C 146 9.30 11.96 -21.99
CA LYS C 146 10.21 11.14 -21.21
C LYS C 146 10.33 11.76 -19.84
N TRP C 147 10.35 10.92 -18.81
CA TRP C 147 10.53 11.35 -17.43
C TRP C 147 11.44 10.31 -16.79
N ARG C 148 12.55 10.75 -16.22
CA ARG C 148 13.53 9.82 -15.69
C ARG C 148 13.59 9.84 -14.15
N CYS C 149 13.30 8.69 -13.54
CA CYS C 149 13.48 8.46 -12.12
C CYS C 149 14.74 7.65 -11.96
N VAL C 150 15.44 7.80 -10.83
CA VAL C 150 16.71 7.13 -10.63
C VAL C 150 16.77 6.44 -9.28
N LEU C 151 17.17 5.17 -9.29
CA LEU C 151 17.25 4.33 -8.10
C LEU C 151 18.63 3.68 -8.07
N LYS C 152 19.12 3.38 -6.88
CA LYS C 152 20.45 2.80 -6.73
C LYS C 152 20.39 1.53 -5.90
N ILE C 153 21.14 0.51 -6.34
CA ILE C 153 21.32 -0.71 -5.58
C ILE C 153 22.48 -0.53 -4.59
N GLY C 154 22.21 -0.81 -3.33
CA GLY C 154 23.17 -0.60 -2.26
C GLY C 154 22.77 -1.40 -1.03
N GLU C 155 23.37 -1.08 0.12
CA GLU C 155 23.09 -1.84 1.33
C GLU C 155 21.62 -1.74 1.72
N HIS C 156 21.07 -0.52 1.70
CA HIS C 156 19.71 -0.30 2.15
C HIS C 156 18.91 0.38 1.06
N THR C 157 19.25 0.11 -0.20
CA THR C 157 18.54 0.74 -1.30
C THR C 157 18.41 -0.25 -2.45
N PRO C 158 17.35 -0.10 -3.25
CA PRO C 158 16.32 0.95 -3.09
C PRO C 158 15.38 0.66 -1.92
N SER C 159 15.07 1.67 -1.13
CA SER C 159 14.17 1.48 -0.01
C SER C 159 12.72 1.34 -0.48
N ALA C 160 11.87 0.86 0.40
CA ALA C 160 10.45 0.82 0.15
C ALA C 160 9.93 2.22 -0.20
N LEU C 161 10.37 3.25 0.52
CA LEU C 161 9.95 4.62 0.26
C LEU C 161 10.34 5.08 -1.15
N ALA C 162 11.61 4.91 -1.52
CA ALA C 162 12.10 5.33 -2.82
C ALA C 162 11.35 4.62 -3.94
N ILE C 163 11.12 3.33 -3.77
CA ILE C 163 10.42 2.55 -4.79
C ILE C 163 9.00 3.06 -4.96
N MET C 164 8.28 3.21 -3.85
CA MET C 164 6.88 3.62 -3.87
C MET C 164 6.74 5.06 -4.38
N GLU C 165 7.61 5.95 -3.93
CA GLU C 165 7.51 7.37 -4.30
C GLU C 165 7.86 7.59 -5.77
N ASN C 166 8.88 6.91 -6.28
CA ASN C 166 9.25 7.05 -7.70
C ASN C 166 8.21 6.42 -8.64
N ALA C 167 7.63 5.30 -8.24
CA ALA C 167 6.58 4.67 -9.02
C ALA C 167 5.36 5.61 -9.05
N ASN C 168 5.06 6.22 -7.91
CA ASN C 168 3.90 7.09 -7.81
C ASN C 168 4.05 8.32 -8.73
N VAL C 169 5.22 8.95 -8.71
CA VAL C 169 5.42 10.17 -9.48
C VAL C 169 5.42 9.85 -10.96
N LEU C 170 5.96 8.68 -11.32
CA LEU C 170 5.90 8.23 -12.70
C LEU C 170 4.45 8.08 -13.18
N ALA C 171 3.57 7.58 -12.31
CA ALA C 171 2.19 7.37 -12.71
C ALA C 171 1.46 8.71 -12.90
N ARG C 172 1.79 9.69 -12.06
CA ARG C 172 1.17 11.01 -12.16
C ARG C 172 1.59 11.64 -13.47
N TYR C 173 2.90 11.60 -13.76
CA TYR C 173 3.44 12.09 -15.02
C TYR C 173 2.76 11.40 -16.21
N ALA C 174 2.60 10.08 -16.16
CA ALA C 174 1.93 9.36 -17.24
C ALA C 174 0.46 9.79 -17.41
N SER C 175 -0.23 9.99 -16.31
CA SER C 175 -1.64 10.35 -16.36
C SER C 175 -1.80 11.70 -17.07
N ILE C 176 -0.99 12.67 -16.68
CA ILE C 176 -1.03 14.01 -17.26
C ILE C 176 -0.66 13.98 -18.75
N CYS C 177 0.36 13.21 -19.12
CA CYS C 177 0.72 13.09 -20.52
C CYS C 177 -0.45 12.58 -21.37
N GLN C 178 -1.14 11.56 -20.88
CA GLN C 178 -2.16 10.91 -21.70
C GLN C 178 -3.39 11.79 -21.82
N GLN C 179 -3.63 12.65 -20.85
CA GLN C 179 -4.72 13.62 -20.95
C GLN C 179 -4.47 14.64 -22.07
N ASN C 180 -3.23 14.77 -22.50
CA ASN C 180 -2.89 15.75 -23.54
C ASN C 180 -2.43 15.14 -24.85
N GLY C 181 -2.75 13.86 -25.05
CA GLY C 181 -2.41 13.19 -26.29
C GLY C 181 -0.93 12.86 -26.41
N ILE C 182 -0.22 12.85 -25.29
CA ILE C 182 1.21 12.55 -25.28
C ILE C 182 1.47 11.13 -24.75
N VAL C 183 2.20 10.31 -25.50
CA VAL C 183 2.62 8.99 -25.03
C VAL C 183 3.77 9.11 -24.03
N PRO C 184 3.54 8.64 -22.80
CA PRO C 184 4.63 8.73 -21.82
C PRO C 184 5.59 7.55 -21.92
N ILE C 185 6.88 7.84 -22.02
CA ILE C 185 7.90 6.85 -21.78
C ILE C 185 8.18 6.85 -20.28
N VAL C 186 7.98 5.72 -19.64
CA VAL C 186 8.23 5.55 -18.22
C VAL C 186 9.66 5.02 -17.94
N GLU C 187 10.51 5.84 -17.38
CA GLU C 187 11.89 5.47 -17.06
C GLU C 187 12.20 5.32 -15.58
N PRO C 188 12.16 4.09 -15.12
CA PRO C 188 12.57 3.84 -13.76
C PRO C 188 14.02 3.33 -13.83
N GLU C 189 15.01 4.18 -13.91
CA GLU C 189 16.36 3.69 -14.06
C GLU C 189 17.00 3.16 -12.79
N ILE C 190 17.37 1.91 -12.82
CA ILE C 190 18.21 1.38 -11.77
C ILE C 190 19.67 1.47 -12.20
N LEU C 191 20.44 2.31 -11.53
CA LEU C 191 21.85 2.50 -11.84
C LEU C 191 22.65 1.20 -11.74
N PRO C 192 23.74 1.10 -12.50
CA PRO C 192 24.58 -0.09 -12.42
C PRO C 192 25.71 0.10 -11.39
N ASP C 193 25.82 1.29 -10.81
CA ASP C 193 26.81 1.56 -9.75
C ASP C 193 26.84 0.44 -8.70
N GLY C 194 28.04 -0.03 -8.37
CA GLY C 194 28.24 -0.96 -7.27
C GLY C 194 28.81 -2.31 -7.67
N ASP C 195 29.00 -3.20 -6.70
CA ASP C 195 29.61 -4.48 -6.99
C ASP C 195 28.67 -5.68 -6.83
N HIS C 196 27.36 -5.44 -6.82
CA HIS C 196 26.36 -6.51 -6.77
C HIS C 196 26.47 -7.38 -8.02
N ASP C 197 25.90 -8.58 -7.98
CA ASP C 197 25.98 -9.49 -9.12
C ASP C 197 24.73 -9.39 -10.02
N LEU C 198 24.69 -10.24 -11.05
CA LEU C 198 23.61 -10.19 -12.03
C LEU C 198 22.26 -10.47 -11.40
N LYS C 199 22.20 -11.44 -10.48
CA LYS C 199 20.92 -11.83 -9.92
C LYS C 199 20.38 -10.81 -8.91
N ARG C 200 21.26 -10.07 -8.25
CA ARG C 200 20.79 -8.98 -7.39
C ARG C 200 20.14 -7.90 -8.25
N CYS C 201 20.74 -7.59 -9.40
CA CYS C 201 20.12 -6.64 -10.33
C CYS C 201 18.77 -7.16 -10.80
N GLN C 202 18.70 -8.46 -11.07
CA GLN C 202 17.48 -9.03 -11.62
C GLN C 202 16.35 -8.93 -10.58
N TYR C 203 16.71 -9.15 -9.32
CA TYR C 203 15.73 -9.17 -8.25
C TYR C 203 15.17 -7.76 -8.03
N VAL C 204 16.05 -6.78 -7.98
CA VAL C 204 15.67 -5.39 -7.72
C VAL C 204 14.87 -4.85 -8.90
N THR C 205 15.30 -5.18 -10.10
CA THR C 205 14.57 -4.79 -11.31
C THR C 205 13.15 -5.35 -11.27
N GLU C 206 13.01 -6.60 -10.87
CA GLU C 206 11.69 -7.22 -10.78
C GLU C 206 10.83 -6.53 -9.73
N LYS C 207 11.42 -6.17 -8.60
CA LYS C 207 10.65 -5.52 -7.53
C LYS C 207 10.22 -4.12 -7.98
N VAL C 208 11.13 -3.40 -8.61
CA VAL C 208 10.88 -2.02 -9.02
C VAL C 208 9.79 -2.03 -10.10
N LEU C 209 9.88 -2.94 -11.06
CA LEU C 209 8.90 -2.95 -12.13
C LEU C 209 7.50 -3.41 -11.65
N ALA C 210 7.44 -4.27 -10.65
CA ALA C 210 6.16 -4.65 -10.07
C ALA C 210 5.49 -3.43 -9.45
N ALA C 211 6.26 -2.63 -8.74
CA ALA C 211 5.73 -1.42 -8.12
C ALA C 211 5.28 -0.41 -9.17
N VAL C 212 6.05 -0.28 -10.23
CA VAL C 212 5.72 0.68 -11.28
C VAL C 212 4.36 0.35 -11.88
N TYR C 213 4.13 -0.91 -12.25
CA TYR C 213 2.90 -1.26 -12.93
C TYR C 213 1.67 -1.29 -12.01
N LYS C 214 1.87 -1.61 -10.73
CA LYS C 214 0.80 -1.39 -9.77
C LYS C 214 0.42 0.11 -9.66
N ALA C 215 1.41 1.00 -9.61
CA ALA C 215 1.10 2.43 -9.54
C ALA C 215 0.36 2.87 -10.80
N LEU C 216 0.84 2.45 -11.96
CA LEU C 216 0.19 2.80 -13.21
C LEU C 216 -1.26 2.31 -13.20
N SER C 217 -1.49 1.12 -12.65
CA SER C 217 -2.85 0.59 -12.58
C SER C 217 -3.71 1.46 -11.66
N ASP C 218 -3.18 1.82 -10.49
CA ASP C 218 -3.91 2.63 -9.53
C ASP C 218 -4.27 3.99 -10.10
N HIS C 219 -3.43 4.51 -10.99
CA HIS C 219 -3.60 5.85 -11.54
C HIS C 219 -4.31 5.83 -12.89
N HIS C 220 -4.78 4.63 -13.28
CA HIS C 220 -5.62 4.43 -14.46
C HIS C 220 -4.90 4.68 -15.79
N ILE C 221 -3.62 4.34 -15.83
CA ILE C 221 -2.81 4.56 -17.02
C ILE C 221 -3.14 3.53 -18.11
N TYR C 222 -3.30 4.03 -19.32
CA TYR C 222 -3.56 3.19 -20.48
C TYR C 222 -2.23 2.65 -21.02
N LEU C 223 -1.92 1.42 -20.64
CA LEU C 223 -0.64 0.78 -20.94
C LEU C 223 -0.29 0.73 -22.42
N GLU C 224 -1.29 0.51 -23.25
CA GLU C 224 -1.10 0.43 -24.71
C GLU C 224 -0.58 1.76 -25.26
N GLY C 225 -0.88 2.85 -24.55
CA GLY C 225 -0.39 4.16 -24.93
C GLY C 225 0.79 4.59 -24.08
N THR C 226 1.62 3.61 -23.71
CA THR C 226 2.86 3.88 -22.98
C THR C 226 3.99 3.06 -23.52
N LEU C 227 5.21 3.49 -23.21
CA LEU C 227 6.41 2.68 -23.42
C LEU C 227 7.18 2.60 -22.10
N LEU C 228 8.03 1.59 -21.97
CA LEU C 228 8.84 1.41 -20.77
C LEU C 228 10.32 1.57 -21.14
N LYS C 229 11.06 2.30 -20.33
CA LYS C 229 12.47 2.53 -20.57
C LYS C 229 13.25 2.09 -19.34
N PRO C 230 13.54 0.77 -19.24
CA PRO C 230 14.21 0.24 -18.07
C PRO C 230 15.71 0.07 -18.32
N ASN C 231 16.48 -0.09 -17.25
CA ASN C 231 17.82 -0.62 -17.39
C ASN C 231 17.71 -2.05 -17.88
N MET C 232 18.68 -2.48 -18.66
CA MET C 232 18.92 -3.91 -18.86
C MET C 232 19.34 -4.45 -17.51
N VAL C 233 19.11 -5.74 -17.29
CA VAL C 233 19.63 -6.38 -16.07
C VAL C 233 21.09 -6.78 -16.31
N THR C 234 21.99 -6.17 -15.55
CA THR C 234 23.42 -6.45 -15.70
C THR C 234 24.04 -6.51 -14.31
N PRO C 235 25.21 -7.15 -14.19
CA PRO C 235 25.97 -7.00 -12.94
C PRO C 235 26.32 -5.54 -12.70
N GLY C 236 26.65 -5.19 -11.45
CA GLY C 236 27.15 -3.86 -11.14
C GLY C 236 28.50 -3.59 -11.81
N HIS C 237 28.80 -2.31 -12.06
CA HIS C 237 30.02 -1.93 -12.75
C HIS C 237 31.24 -2.55 -12.07
N ALA C 238 31.21 -2.65 -10.74
CA ALA C 238 32.36 -3.11 -10.00
C ALA C 238 32.29 -4.58 -9.61
N CYS C 239 31.32 -5.31 -10.16
CA CYS C 239 31.20 -6.74 -9.88
C CYS C 239 32.40 -7.48 -10.47
N THR C 240 32.88 -8.51 -9.78
CA THR C 240 34.08 -9.21 -10.25
C THR C 240 33.72 -10.41 -11.12
N GLN C 241 32.56 -10.99 -10.87
CA GLN C 241 32.07 -12.08 -11.71
C GLN C 241 31.76 -11.56 -13.11
N LYS C 242 32.14 -12.34 -14.13
CA LYS C 242 31.89 -12.01 -15.52
C LYS C 242 30.65 -12.74 -16.01
N TYR C 243 29.94 -12.14 -16.95
CA TYR C 243 28.76 -12.77 -17.55
C TYR C 243 28.80 -12.65 -19.07
N SER C 244 28.18 -13.60 -19.74
CA SER C 244 28.06 -13.54 -21.19
C SER C 244 26.88 -12.64 -21.54
N HIS C 245 26.78 -12.27 -22.80
CA HIS C 245 25.66 -11.47 -23.27
C HIS C 245 24.39 -12.31 -23.25
N GLU C 246 24.54 -13.62 -23.37
CA GLU C 246 23.39 -14.52 -23.32
C GLU C 246 22.74 -14.50 -21.93
N GLU C 247 23.58 -14.40 -20.90
CA GLU C 247 23.10 -14.37 -19.52
C GLU C 247 22.46 -13.01 -19.20
N ILE C 248 23.05 -11.93 -19.71
CA ILE C 248 22.45 -10.60 -19.58
C ILE C 248 21.08 -10.58 -20.26
N ALA C 249 21.01 -11.13 -21.46
CA ALA C 249 19.74 -11.20 -22.18
C ALA C 249 18.70 -11.97 -21.36
N MET C 250 19.07 -13.19 -20.93
CA MET C 250 18.14 -14.06 -20.24
C MET C 250 17.61 -13.39 -18.98
N ALA C 251 18.51 -12.82 -18.18
CA ALA C 251 18.12 -12.17 -16.93
C ALA C 251 17.20 -10.97 -17.19
N THR C 252 17.55 -10.17 -18.20
CA THR C 252 16.75 -9.01 -18.58
C THR C 252 15.35 -9.42 -18.97
N VAL C 253 15.24 -10.39 -19.88
CA VAL C 253 13.97 -10.80 -20.46
C VAL C 253 13.12 -11.56 -19.43
N THR C 254 13.77 -12.28 -18.53
CA THR C 254 13.06 -12.94 -17.45
C THR C 254 12.44 -11.89 -16.54
N ALA C 255 13.23 -10.88 -16.15
CA ALA C 255 12.71 -9.81 -15.29
C ALA C 255 11.51 -9.14 -15.92
N LEU C 256 11.59 -8.85 -17.22
CA LEU C 256 10.48 -8.19 -17.91
C LEU C 256 9.26 -9.11 -17.99
N ARG C 257 9.47 -10.39 -18.32
CA ARG C 257 8.36 -11.33 -18.47
C ARG C 257 7.58 -11.50 -17.16
N ARG C 258 8.25 -11.27 -16.04
CA ARG C 258 7.63 -11.47 -14.73
C ARG C 258 6.87 -10.25 -14.21
N THR C 259 6.96 -9.11 -14.91
CA THR C 259 6.43 -7.85 -14.38
C THR C 259 5.71 -6.96 -15.41
N VAL C 260 6.11 -7.04 -16.67
CA VAL C 260 5.60 -6.10 -17.68
C VAL C 260 4.40 -6.70 -18.38
N PRO C 261 3.21 -6.16 -18.14
CA PRO C 261 2.02 -6.69 -18.81
C PRO C 261 2.20 -6.63 -20.34
N PRO C 262 1.68 -7.63 -21.05
CA PRO C 262 1.72 -7.69 -22.51
C PRO C 262 1.10 -6.47 -23.21
N ALA C 263 0.24 -5.73 -22.52
CA ALA C 263 -0.45 -4.61 -23.17
C ALA C 263 0.51 -3.46 -23.39
N VAL C 264 1.65 -3.47 -22.70
CA VAL C 264 2.65 -2.44 -22.92
C VAL C 264 3.19 -2.60 -24.35
N THR C 265 3.22 -1.50 -25.08
CA THR C 265 3.52 -1.54 -26.51
C THR C 265 4.99 -1.84 -26.80
N GLY C 266 5.89 -1.27 -26.01
CA GLY C 266 7.30 -1.51 -26.23
C GLY C 266 8.19 -1.16 -25.05
N VAL C 267 9.34 -1.82 -25.01
CA VAL C 267 10.37 -1.55 -24.03
C VAL C 267 11.56 -0.96 -24.79
N THR C 268 11.93 0.27 -24.47
CA THR C 268 13.05 0.95 -25.13
C THR C 268 14.20 1.10 -24.12
N PHE C 269 15.18 0.20 -24.19
CA PHE C 269 16.24 0.17 -23.18
C PHE C 269 17.12 1.40 -23.16
N LEU C 270 17.47 1.87 -21.97
CA LEU C 270 18.54 2.85 -21.81
C LEU C 270 19.87 2.10 -21.86
N SER C 271 20.94 2.78 -22.26
CA SER C 271 22.22 2.09 -22.44
C SER C 271 23.11 2.22 -21.22
N GLY C 272 22.80 3.15 -20.33
CA GLY C 272 23.53 3.30 -19.09
C GLY C 272 24.97 3.71 -19.34
N GLY C 273 25.91 2.94 -18.80
CA GLY C 273 27.32 3.23 -19.03
C GLY C 273 27.94 2.30 -20.07
N GLN C 274 27.10 1.55 -20.78
CA GLN C 274 27.62 0.59 -21.75
C GLN C 274 28.22 1.30 -22.95
N SER C 275 29.29 0.73 -23.50
CA SER C 275 29.88 1.26 -24.72
C SER C 275 28.88 1.08 -25.85
N GLU C 276 29.14 1.74 -26.98
CA GLU C 276 28.26 1.68 -28.14
C GLU C 276 28.04 0.26 -28.61
N GLU C 277 29.12 -0.51 -28.73
CA GLU C 277 29.04 -1.86 -29.27
C GLU C 277 28.39 -2.82 -28.26
N GLU C 278 28.75 -2.67 -26.99
CA GLU C 278 28.19 -3.46 -25.90
C GLU C 278 26.66 -3.34 -25.88
N ALA C 279 26.17 -2.10 -25.90
CA ALA C 279 24.74 -1.83 -25.93
C ALA C 279 24.06 -2.47 -27.12
N SER C 280 24.76 -2.53 -28.26
CA SER C 280 24.18 -3.11 -29.47
C SER C 280 24.13 -4.63 -29.36
N ILE C 281 25.20 -5.22 -28.87
CA ILE C 281 25.30 -6.67 -28.70
C ILE C 281 24.26 -7.18 -27.69
N ASN C 282 24.10 -6.48 -26.58
CA ASN C 282 23.13 -6.90 -25.58
C ASN C 282 21.70 -6.82 -26.09
N LEU C 283 21.38 -5.73 -26.78
CA LEU C 283 20.03 -5.57 -27.33
C LEU C 283 19.74 -6.67 -28.32
N ASN C 284 20.77 -7.03 -29.09
CA ASN C 284 20.66 -8.13 -30.03
C ASN C 284 20.45 -9.48 -29.32
N ALA C 285 21.21 -9.74 -28.26
CA ALA C 285 21.04 -10.98 -27.50
C ALA C 285 19.64 -11.05 -26.87
N ILE C 286 19.18 -9.92 -26.36
CA ILE C 286 17.83 -9.80 -25.79
C ILE C 286 16.74 -10.18 -26.78
N ASN C 287 16.91 -9.79 -28.04
CA ASN C 287 15.92 -10.11 -29.06
C ASN C 287 16.06 -11.54 -29.60
N LYS C 288 17.21 -12.15 -29.36
CA LYS C 288 17.41 -13.54 -29.73
C LYS C 288 17.08 -14.52 -28.57
N CYS C 289 16.93 -14.00 -27.35
CA CYS C 289 16.56 -14.83 -26.22
C CYS C 289 15.30 -15.62 -26.56
N PRO C 290 15.35 -16.95 -26.38
CA PRO C 290 14.30 -17.81 -26.95
C PRO C 290 12.93 -17.74 -26.25
N LEU C 291 12.84 -16.99 -25.15
CA LEU C 291 11.56 -16.86 -24.44
C LEU C 291 10.56 -16.01 -25.23
N LEU C 292 9.26 -16.17 -24.92
CA LEU C 292 8.23 -15.35 -25.55
C LEU C 292 8.31 -13.91 -25.02
N LYS C 293 8.39 -12.94 -25.94
CA LYS C 293 8.54 -11.53 -25.56
C LYS C 293 7.47 -10.71 -26.24
N PRO C 294 6.36 -10.41 -25.53
CA PRO C 294 5.19 -9.85 -26.19
C PRO C 294 5.18 -8.31 -26.25
N TRP C 295 6.35 -7.70 -26.23
CA TRP C 295 6.48 -6.27 -26.48
C TRP C 295 7.69 -6.04 -27.35
N ALA C 296 7.68 -4.96 -28.12
CA ALA C 296 8.86 -4.62 -28.90
C ALA C 296 10.00 -4.46 -27.94
N LEU C 297 11.19 -4.90 -28.33
CA LEU C 297 12.38 -4.73 -27.51
C LEU C 297 13.44 -3.98 -28.29
N THR C 298 13.58 -2.69 -28.02
CA THR C 298 14.42 -1.85 -28.87
C THR C 298 15.19 -0.88 -27.97
N PHE C 299 15.69 0.21 -28.54
CA PHE C 299 16.59 1.10 -27.84
C PHE C 299 16.03 2.51 -27.65
N SER C 300 16.39 3.13 -26.54
CA SER C 300 16.33 4.59 -26.42
C SER C 300 17.68 5.02 -25.90
N TYR C 301 18.60 5.29 -26.84
CA TYR C 301 20.02 5.44 -26.50
C TYR C 301 20.50 6.87 -26.63
N GLY C 302 21.23 7.34 -25.62
CA GLY C 302 21.91 8.62 -25.69
C GLY C 302 23.37 8.42 -26.07
N ARG C 303 24.18 8.12 -25.07
CA ARG C 303 25.60 7.83 -25.27
C ARG C 303 25.87 6.75 -26.31
N ALA C 304 25.08 5.69 -26.32
CA ALA C 304 25.37 4.56 -27.19
C ALA C 304 25.06 4.83 -28.66
N LEU C 305 24.43 5.97 -28.95
CA LEU C 305 24.22 6.38 -30.33
C LEU C 305 25.15 7.53 -30.73
N GLN C 306 25.70 8.22 -29.73
CA GLN C 306 26.36 9.49 -29.96
C GLN C 306 27.87 9.53 -29.66
N ALA C 307 28.37 8.59 -28.86
CA ALA C 307 29.72 8.73 -28.30
C ALA C 307 30.79 8.99 -29.36
N SER C 308 30.77 8.21 -30.43
CA SER C 308 31.72 8.36 -31.51
C SER C 308 31.46 9.63 -32.33
N ALA C 309 30.19 9.89 -32.64
CA ALA C 309 29.84 11.09 -33.39
C ALA C 309 30.37 12.34 -32.67
N LEU C 310 30.19 12.38 -31.36
CA LEU C 310 30.62 13.53 -30.56
C LEU C 310 32.14 13.66 -30.66
N LYS C 311 32.82 12.53 -30.56
CA LYS C 311 34.29 12.46 -30.71
C LYS C 311 34.76 12.94 -32.08
N ALA C 312 34.30 12.28 -33.14
CA ALA C 312 34.74 12.61 -34.49
C ALA C 312 34.55 14.10 -34.78
N TRP C 313 33.55 14.69 -34.14
CA TRP C 313 33.19 16.07 -34.42
C TRP C 313 34.19 17.04 -33.79
N GLY C 314 34.55 16.78 -32.53
CA GLY C 314 35.54 17.56 -31.83
C GLY C 314 35.23 19.05 -31.79
N GLY C 315 34.02 19.42 -32.19
CA GLY C 315 33.62 20.82 -32.16
C GLY C 315 33.98 21.58 -33.42
N LYS C 316 34.41 20.87 -34.46
CA LYS C 316 34.87 21.49 -35.69
C LYS C 316 33.97 21.15 -36.87
N LYS C 317 33.53 22.20 -37.57
CA LYS C 317 32.54 22.07 -38.63
C LYS C 317 32.98 21.20 -39.79
N GLU C 318 34.28 21.16 -40.07
CA GLU C 318 34.75 20.38 -41.22
C GLU C 318 34.64 18.88 -40.93
N ASN C 319 34.54 18.52 -39.65
CA ASN C 319 34.36 17.13 -39.25
C ASN C 319 32.90 16.67 -39.34
N LEU C 320 32.02 17.58 -39.70
CA LEU C 320 30.58 17.32 -39.68
C LEU C 320 30.22 15.98 -40.31
N LYS C 321 30.77 15.70 -41.48
CA LYS C 321 30.37 14.52 -42.26
C LYS C 321 30.86 13.22 -41.67
N ALA C 322 32.03 13.25 -41.04
CA ALA C 322 32.59 12.05 -40.40
C ALA C 322 31.86 11.76 -39.10
N ALA C 323 31.48 12.81 -38.39
CA ALA C 323 30.71 12.67 -37.15
C ALA C 323 29.34 12.06 -37.48
N GLN C 324 28.69 12.56 -38.52
CA GLN C 324 27.38 12.05 -38.91
C GLN C 324 27.49 10.59 -39.31
N GLU C 325 28.64 10.23 -39.88
CA GLU C 325 28.88 8.86 -40.32
C GLU C 325 28.94 7.91 -39.13
N GLU C 326 29.53 8.38 -38.03
CA GLU C 326 29.63 7.60 -36.81
C GLU C 326 28.24 7.33 -36.23
N TYR C 327 27.38 8.36 -36.21
CA TYR C 327 26.02 8.22 -35.71
C TYR C 327 25.23 7.25 -36.57
N VAL C 328 25.24 7.46 -37.89
CA VAL C 328 24.49 6.60 -38.81
C VAL C 328 24.86 5.12 -38.62
N LYS C 329 26.13 4.85 -38.36
CA LYS C 329 26.56 3.47 -38.21
C LYS C 329 26.00 2.83 -36.93
N ARG C 330 25.91 3.57 -35.84
CA ARG C 330 25.32 3.05 -34.60
C ARG C 330 23.81 2.93 -34.77
N ALA C 331 23.23 3.86 -35.53
CA ALA C 331 21.80 3.81 -35.84
C ALA C 331 21.49 2.54 -36.61
N LEU C 332 22.34 2.20 -37.57
CA LEU C 332 22.15 1.00 -38.37
C LEU C 332 22.35 -0.24 -37.53
N ALA C 333 23.36 -0.23 -36.67
CA ALA C 333 23.67 -1.39 -35.85
C ALA C 333 22.49 -1.70 -34.92
N ASN C 334 21.98 -0.68 -34.24
CA ASN C 334 20.91 -0.87 -33.28
C ASN C 334 19.56 -1.17 -33.93
N SER C 335 19.38 -0.74 -35.17
CA SER C 335 18.19 -1.12 -35.92
C SER C 335 18.20 -2.63 -36.18
N LEU C 336 19.38 -3.17 -36.50
CA LEU C 336 19.52 -4.61 -36.68
C LEU C 336 19.34 -5.35 -35.34
N ALA C 337 19.95 -4.82 -34.29
CA ALA C 337 19.91 -5.43 -32.95
C ALA C 337 18.46 -5.57 -32.43
N CYS C 338 17.66 -4.52 -32.61
CA CYS C 338 16.27 -4.55 -32.14
C CYS C 338 15.42 -5.50 -32.98
N GLN C 339 16.05 -6.17 -33.95
CA GLN C 339 15.41 -7.27 -34.69
C GLN C 339 16.15 -8.58 -34.47
N GLY C 340 17.27 -8.54 -33.76
CA GLY C 340 18.04 -9.73 -33.48
C GLY C 340 18.84 -10.15 -34.70
N LYS C 341 19.09 -9.20 -35.59
CA LYS C 341 19.78 -9.47 -36.85
C LYS C 341 21.12 -8.79 -36.90
N TYR C 342 21.63 -8.36 -35.75
CA TYR C 342 22.92 -7.71 -35.69
C TYR C 342 24.03 -8.74 -35.67
N THR C 343 25.01 -8.54 -36.54
CA THR C 343 26.26 -9.28 -36.47
C THR C 343 27.38 -8.27 -36.50
N PRO C 344 28.43 -8.48 -35.69
CA PRO C 344 29.58 -7.57 -35.77
C PRO C 344 29.97 -7.38 -37.23
N SER C 345 29.69 -8.42 -38.02
CA SER C 345 29.74 -8.34 -39.47
C SER C 345 28.87 -7.20 -39.99
N SER C 359 19.52 -22.62 -19.14
CA SER C 359 18.64 -23.15 -18.11
C SER C 359 17.88 -22.01 -17.43
N ASN C 360 16.68 -21.74 -17.93
CA ASN C 360 15.89 -20.61 -17.46
C ASN C 360 15.65 -20.61 -15.95
N HIS C 361 15.62 -21.81 -15.35
CA HIS C 361 15.27 -21.97 -13.95
C HIS C 361 16.36 -21.46 -13.02
N ALA C 362 17.52 -21.17 -13.57
CA ALA C 362 18.61 -20.57 -12.80
C ALA C 362 18.38 -19.06 -12.65
N TYR C 363 17.28 -18.56 -13.19
CA TYR C 363 16.96 -17.14 -13.15
C TYR C 363 15.72 -16.89 -12.31
N PRO D 1 13.96 -2.37 8.43
CA PRO D 1 14.42 -1.15 7.77
C PRO D 1 15.45 -0.41 8.60
N HIS D 2 16.30 0.40 7.95
CA HIS D 2 17.36 1.11 8.64
C HIS D 2 17.10 2.62 8.67
N SER D 3 17.61 3.27 9.72
CA SER D 3 17.39 4.70 9.93
C SER D 3 18.54 5.56 9.38
N HIS D 4 18.19 6.61 8.65
CA HIS D 4 19.14 7.62 8.23
C HIS D 4 18.49 8.94 8.59
N PRO D 5 18.71 9.40 9.83
CA PRO D 5 17.90 10.49 10.38
C PRO D 5 17.70 11.61 9.37
N ALA D 6 16.44 11.97 9.13
CA ALA D 6 16.14 13.11 8.27
C ALA D 6 16.62 14.39 8.93
N LEU D 7 16.59 14.40 10.26
CA LEU D 7 16.80 15.60 11.05
C LEU D 7 17.73 15.37 12.24
N THR D 8 18.53 16.38 12.59
CA THR D 8 19.36 16.28 13.79
C THR D 8 18.54 16.73 15.01
N PRO D 9 19.02 16.42 16.22
CA PRO D 9 18.35 16.90 17.44
C PRO D 9 18.13 18.41 17.42
N GLU D 10 19.11 19.14 16.92
CA GLU D 10 19.03 20.59 16.86
C GLU D 10 17.87 21.03 15.94
N GLN D 11 17.77 20.40 14.77
CA GLN D 11 16.69 20.72 13.83
C GLN D 11 15.31 20.38 14.42
N LYS D 12 15.21 19.21 15.06
CA LYS D 12 13.96 18.82 15.72
C LYS D 12 13.57 19.84 16.77
N LYS D 13 14.52 20.23 17.62
CA LYS D 13 14.25 21.25 18.63
C LYS D 13 13.65 22.51 18.01
N GLU D 14 14.25 22.97 16.92
CA GLU D 14 13.79 24.20 16.30
C GLU D 14 12.36 24.07 15.78
N LEU D 15 12.08 22.96 15.10
CA LEU D 15 10.75 22.70 14.52
C LEU D 15 9.71 22.52 15.62
N SER D 16 10.08 21.81 16.67
CA SER D 16 9.19 21.61 17.81
C SER D 16 8.87 22.96 18.48
N ASP D 17 9.90 23.77 18.73
CA ASP D 17 9.68 25.06 19.38
C ASP D 17 8.76 25.95 18.57
N ILE D 18 8.95 25.97 17.24
CA ILE D 18 8.10 26.78 16.37
C ILE D 18 6.65 26.30 16.48
N ALA D 19 6.45 24.98 16.39
CA ALA D 19 5.10 24.44 16.38
C ALA D 19 4.38 24.76 17.69
N HIS D 20 5.08 24.61 18.80
CA HIS D 20 4.47 24.87 20.10
C HIS D 20 4.12 26.35 20.26
N ARG D 21 4.97 27.24 19.72
CA ARG D 21 4.70 28.67 19.80
C ARG D 21 3.42 29.05 19.07
N ILE D 22 3.21 28.47 17.90
CA ILE D 22 2.03 28.81 17.10
C ILE D 22 0.72 28.47 17.81
N VAL D 23 0.71 27.37 18.55
CA VAL D 23 -0.52 26.90 19.18
C VAL D 23 -0.42 26.94 20.71
N ALA D 24 0.39 27.86 21.23
CA ALA D 24 0.50 28.08 22.66
C ALA D 24 -0.90 28.35 23.21
N PRO D 25 -1.09 28.16 24.52
CA PRO D 25 -2.44 28.28 25.07
C PRO D 25 -3.12 29.62 24.77
N GLY D 26 -4.38 29.55 24.36
CA GLY D 26 -5.15 30.72 24.01
C GLY D 26 -4.94 31.19 22.58
N LYS D 27 -3.91 30.67 21.90
CA LYS D 27 -3.51 31.20 20.59
C LYS D 27 -3.96 30.37 19.41
N GLY D 28 -4.27 31.06 18.30
CA GLY D 28 -4.57 30.41 17.04
C GLY D 28 -3.93 31.10 15.85
N ILE D 29 -4.46 30.80 14.66
CA ILE D 29 -3.81 31.26 13.44
C ILE D 29 -4.81 32.05 12.60
N LEU D 30 -4.34 33.16 12.04
CA LEU D 30 -5.12 33.90 11.07
C LEU D 30 -4.67 33.44 9.70
N ALA D 31 -5.61 32.94 8.91
CA ALA D 31 -5.31 32.48 7.56
C ALA D 31 -5.61 33.61 6.58
N ALA D 32 -4.58 34.39 6.27
CA ALA D 32 -4.71 35.54 5.38
C ALA D 32 -4.01 35.25 4.05
N ASP D 33 -4.04 33.98 3.64
CA ASP D 33 -3.20 33.52 2.55
C ASP D 33 -3.94 33.28 1.24
N GLU D 34 -5.11 33.91 1.09
CA GLU D 34 -5.83 33.86 -0.16
C GLU D 34 -4.91 34.26 -1.32
N SER D 35 -4.91 33.44 -2.37
CA SER D 35 -4.15 33.75 -3.56
C SER D 35 -4.80 34.89 -4.32
N THR D 36 -4.14 35.38 -5.36
CA THR D 36 -4.64 36.52 -6.13
C THR D 36 -6.08 36.28 -6.61
N GLY D 37 -6.35 35.07 -7.08
CA GLY D 37 -7.64 34.72 -7.64
C GLY D 37 -8.73 34.54 -6.60
N SER D 38 -8.34 34.25 -5.36
CA SER D 38 -9.31 34.01 -4.30
C SER D 38 -9.64 35.28 -3.53
N ILE D 39 -8.62 36.08 -3.24
CA ILE D 39 -8.84 37.35 -2.58
C ILE D 39 -9.68 38.23 -3.48
N ALA D 40 -9.51 38.07 -4.79
CA ALA D 40 -10.32 38.78 -5.78
C ALA D 40 -11.82 38.55 -5.58
N LYS D 41 -12.22 37.30 -5.39
CA LYS D 41 -13.62 36.98 -5.12
C LYS D 41 -14.07 37.55 -3.77
N ARG D 42 -13.12 37.67 -2.85
CA ARG D 42 -13.36 38.34 -1.58
C ARG D 42 -13.68 39.81 -1.79
N LEU D 43 -12.84 40.49 -2.57
CA LEU D 43 -12.98 41.92 -2.78
C LEU D 43 -14.22 42.22 -3.62
N GLN D 44 -14.54 41.30 -4.52
CA GLN D 44 -15.70 41.46 -5.38
C GLN D 44 -16.97 41.53 -4.53
N SER D 45 -17.05 40.71 -3.49
CA SER D 45 -18.24 40.67 -2.64
C SER D 45 -18.46 41.99 -1.90
N ILE D 46 -17.60 42.97 -2.13
CA ILE D 46 -17.76 44.30 -1.56
C ILE D 46 -17.37 45.38 -2.56
N GLY D 47 -17.64 45.13 -3.83
CA GLY D 47 -17.44 46.12 -4.88
C GLY D 47 -16.08 46.78 -4.87
N THR D 48 -15.09 46.07 -4.34
CA THR D 48 -13.72 46.59 -4.32
C THR D 48 -12.93 45.97 -5.47
N GLU D 49 -12.10 46.78 -6.11
CA GLU D 49 -11.30 46.33 -7.24
C GLU D 49 -10.14 45.46 -6.77
N ASN D 50 -9.76 44.47 -7.57
CA ASN D 50 -8.64 43.59 -7.20
C ASN D 50 -7.32 44.15 -7.72
N THR D 51 -6.72 45.05 -6.95
CA THR D 51 -5.46 45.68 -7.33
C THR D 51 -4.42 45.33 -6.28
N GLU D 52 -3.13 45.57 -6.57
CA GLU D 52 -2.12 45.22 -5.59
C GLU D 52 -2.25 46.09 -4.34
N GLU D 53 -2.68 47.35 -4.52
CA GLU D 53 -2.76 48.27 -3.39
C GLU D 53 -3.95 47.96 -2.49
N ASN D 54 -5.05 47.55 -3.09
CA ASN D 54 -6.23 47.17 -2.32
C ASN D 54 -5.94 45.91 -1.50
N ARG D 55 -5.32 44.92 -2.13
CA ARG D 55 -4.88 43.73 -1.41
C ARG D 55 -3.90 44.15 -0.30
N ARG D 56 -2.92 44.98 -0.63
CA ARG D 56 -1.93 45.40 0.37
C ARG D 56 -2.64 46.09 1.52
N PHE D 57 -3.62 46.92 1.21
CA PHE D 57 -4.27 47.72 2.23
C PHE D 57 -5.07 46.82 3.15
N TYR D 58 -5.78 45.87 2.56
CA TYR D 58 -6.68 45.01 3.32
C TYR D 58 -5.88 44.13 4.28
N ARG D 59 -4.75 43.63 3.79
CA ARG D 59 -3.87 42.80 4.59
C ARG D 59 -3.25 43.62 5.71
N GLN D 60 -2.89 44.87 5.42
CA GLN D 60 -2.40 45.77 6.46
C GLN D 60 -3.46 45.92 7.53
N LEU D 61 -4.69 46.14 7.09
CA LEU D 61 -5.80 46.34 7.99
C LEU D 61 -5.86 45.24 9.04
N LEU D 62 -5.70 43.99 8.62
CA LEU D 62 -5.77 42.85 9.53
C LEU D 62 -4.52 42.74 10.41
N LEU D 63 -3.35 42.89 9.80
CA LEU D 63 -2.10 42.63 10.52
C LEU D 63 -1.79 43.69 11.58
N THR D 64 -2.33 44.89 11.42
CA THR D 64 -2.00 45.99 12.31
C THR D 64 -3.16 46.37 13.23
N ALA D 65 -4.07 45.42 13.48
CA ALA D 65 -5.13 45.68 14.44
C ALA D 65 -4.46 45.89 15.79
N ASP D 66 -5.18 46.50 16.73
CA ASP D 66 -4.57 46.91 17.99
C ASP D 66 -4.03 45.72 18.80
N ASP D 67 -3.28 45.99 19.86
CA ASP D 67 -2.53 44.95 20.58
C ASP D 67 -3.40 43.95 21.36
N ARG D 68 -4.71 44.06 21.25
CA ARG D 68 -5.60 43.11 21.91
C ARG D 68 -5.53 41.74 21.24
N VAL D 69 -5.03 41.70 20.00
CA VAL D 69 -4.93 40.45 19.25
C VAL D 69 -3.66 39.67 19.58
N ASN D 70 -2.66 40.34 20.15
CA ASN D 70 -1.36 39.71 20.37
C ASN D 70 -1.44 38.35 21.08
N PRO D 71 -2.20 38.26 22.19
CA PRO D 71 -2.30 36.97 22.87
C PRO D 71 -3.30 36.00 22.22
N CYS D 72 -4.07 36.46 21.24
CA CYS D 72 -5.00 35.60 20.51
C CYS D 72 -4.38 34.93 19.29
N ILE D 73 -3.31 35.52 18.77
CA ILE D 73 -2.77 35.16 17.47
C ILE D 73 -1.35 34.63 17.58
N GLY D 74 -1.20 33.32 17.47
CA GLY D 74 0.11 32.69 17.50
C GLY D 74 0.80 32.66 16.15
N GLY D 75 0.02 32.75 15.08
CA GLY D 75 0.59 32.70 13.74
C GLY D 75 -0.29 33.35 12.71
N VAL D 76 0.34 33.80 11.62
CA VAL D 76 -0.39 34.39 10.52
C VAL D 76 0.13 33.82 9.21
N ILE D 77 -0.76 33.23 8.42
CA ILE D 77 -0.38 32.66 7.12
C ILE D 77 -0.56 33.70 6.03
N LEU D 78 0.46 33.86 5.21
CA LEU D 78 0.44 34.83 4.11
C LEU D 78 0.60 34.14 2.76
N PHE D 79 0.09 34.78 1.72
CA PHE D 79 0.37 34.41 0.33
C PHE D 79 1.68 35.10 -0.07
N HIS D 80 2.41 34.53 -1.03
CA HIS D 80 3.73 35.04 -1.42
C HIS D 80 3.79 36.56 -1.60
N GLU D 81 2.82 37.12 -2.32
CA GLU D 81 2.84 38.56 -2.56
C GLU D 81 2.96 39.32 -1.26
N THR D 82 2.09 38.97 -0.32
CA THR D 82 1.96 39.73 0.91
C THR D 82 3.22 39.63 1.75
N LEU D 83 3.93 38.51 1.62
CA LEU D 83 5.12 38.30 2.41
C LEU D 83 6.13 39.41 2.14
N TYR D 84 6.15 39.91 0.91
CA TYR D 84 7.14 40.91 0.51
C TYR D 84 6.52 42.31 0.36
N GLN D 85 5.40 42.53 1.03
CA GLN D 85 4.75 43.82 1.05
C GLN D 85 5.05 44.52 2.37
N LYS D 86 4.79 45.83 2.42
CA LYS D 86 5.12 46.64 3.58
C LYS D 86 3.90 47.41 4.03
N ALA D 87 3.82 47.69 5.33
CA ALA D 87 2.80 48.57 5.86
C ALA D 87 3.13 50.03 5.50
N ASP D 88 2.27 50.95 5.91
CA ASP D 88 2.40 52.37 5.59
C ASP D 88 3.63 52.98 6.25
N ASP D 89 4.08 52.37 7.34
CA ASP D 89 5.24 52.88 8.07
C ASP D 89 6.53 52.22 7.56
N GLY D 90 6.48 51.60 6.39
CA GLY D 90 7.65 51.02 5.76
C GLY D 90 8.09 49.64 6.25
N ARG D 91 7.46 49.11 7.31
CA ARG D 91 7.86 47.80 7.86
C ARG D 91 7.35 46.63 7.02
N PRO D 92 8.24 45.71 6.64
CA PRO D 92 7.74 44.49 5.98
C PRO D 92 6.66 43.82 6.82
N PHE D 93 5.66 43.23 6.17
CA PHE D 93 4.56 42.64 6.91
C PHE D 93 5.02 41.56 7.92
N PRO D 94 6.07 40.79 7.58
CA PRO D 94 6.59 39.81 8.55
C PRO D 94 7.13 40.46 9.83
N GLN D 95 7.84 41.56 9.69
CA GLN D 95 8.28 42.34 10.85
C GLN D 95 7.06 42.78 11.65
N VAL D 96 6.01 43.24 10.98
CA VAL D 96 4.81 43.66 11.68
C VAL D 96 4.28 42.51 12.52
N ILE D 97 4.23 41.31 11.92
CA ILE D 97 3.63 40.16 12.59
C ILE D 97 4.46 39.74 13.80
N LYS D 98 5.78 39.69 13.63
CA LYS D 98 6.66 39.30 14.72
C LYS D 98 6.60 40.30 15.87
N SER D 99 6.52 41.59 15.56
CA SER D 99 6.53 42.62 16.60
C SER D 99 5.29 42.49 17.49
N LYS D 100 4.25 41.84 16.98
CA LYS D 100 3.04 41.61 17.78
C LYS D 100 3.01 40.20 18.38
N GLY D 101 4.17 39.55 18.40
CA GLY D 101 4.31 38.24 19.02
C GLY D 101 3.89 37.04 18.16
N GLY D 102 3.64 37.25 16.88
CA GLY D 102 3.21 36.17 16.01
C GLY D 102 4.28 35.54 15.13
N VAL D 103 4.13 34.25 14.83
CA VAL D 103 5.00 33.55 13.89
C VAL D 103 4.48 33.77 12.47
N VAL D 104 5.39 33.84 11.49
CA VAL D 104 4.99 34.11 10.10
C VAL D 104 4.92 32.82 9.31
N GLY D 105 3.80 32.62 8.61
CA GLY D 105 3.59 31.40 7.84
C GLY D 105 3.42 31.73 6.38
N ILE D 106 3.79 30.79 5.51
CA ILE D 106 3.73 31.02 4.08
C ILE D 106 3.03 29.85 3.39
N LYS D 107 1.99 30.16 2.61
CA LYS D 107 1.32 29.16 1.82
C LYS D 107 2.22 28.84 0.63
N VAL D 108 2.50 27.55 0.40
CA VAL D 108 3.46 27.20 -0.64
C VAL D 108 2.90 26.28 -1.73
N ASP D 109 1.65 25.85 -1.62
CA ASP D 109 1.07 25.03 -2.69
C ASP D 109 0.66 25.87 -3.92
N LYS D 110 0.52 25.20 -5.06
CA LYS D 110 0.17 25.86 -6.31
C LYS D 110 -1.18 25.41 -6.85
N GLY D 111 -2.09 25.11 -5.95
CA GLY D 111 -3.48 24.86 -6.30
C GLY D 111 -3.74 23.43 -6.71
N VAL D 112 -5.03 23.11 -6.83
CA VAL D 112 -5.47 21.77 -7.14
C VAL D 112 -5.42 21.53 -8.65
N VAL D 113 -5.40 20.24 -9.02
CA VAL D 113 -5.42 19.81 -10.41
C VAL D 113 -6.22 18.51 -10.48
N PRO D 114 -6.89 18.26 -11.62
CA PRO D 114 -7.73 17.05 -11.70
C PRO D 114 -6.93 15.74 -11.76
N LEU D 115 -7.41 14.74 -11.02
CA LEU D 115 -6.93 13.38 -11.17
C LEU D 115 -7.75 12.68 -12.26
N ALA D 116 -7.07 12.25 -13.31
CA ALA D 116 -7.74 11.60 -14.42
C ALA D 116 -8.29 10.25 -14.00
N GLY D 117 -9.45 9.89 -14.54
CA GLY D 117 -10.08 8.62 -14.22
C GLY D 117 -10.85 8.66 -12.91
N THR D 118 -10.99 9.85 -12.33
CA THR D 118 -11.80 9.98 -11.12
C THR D 118 -13.05 10.81 -11.41
N ASN D 119 -13.99 10.77 -10.47
CA ASN D 119 -15.21 11.56 -10.56
C ASN D 119 -15.02 12.95 -9.96
N GLY D 120 -14.29 13.80 -10.68
CA GLY D 120 -14.10 15.19 -10.29
C GLY D 120 -13.15 15.42 -9.13
N GLU D 121 -12.27 14.45 -8.87
CA GLU D 121 -11.35 14.56 -7.74
C GLU D 121 -10.02 15.20 -8.14
N THR D 122 -9.32 15.74 -7.15
CA THR D 122 -8.08 16.46 -7.39
C THR D 122 -6.96 15.98 -6.50
N THR D 123 -5.73 16.27 -6.90
CA THR D 123 -4.59 16.29 -6.00
C THR D 123 -4.05 17.73 -6.03
N THR D 124 -2.95 17.98 -5.35
CA THR D 124 -2.41 19.35 -5.27
C THR D 124 -0.97 19.42 -5.80
N GLN D 125 -0.67 20.48 -6.54
CA GLN D 125 0.66 20.63 -7.13
C GLN D 125 1.42 21.69 -6.35
N GLY D 126 2.75 21.72 -6.52
CA GLY D 126 3.56 22.70 -5.83
C GLY D 126 4.92 22.19 -5.34
N LEU D 127 5.30 20.95 -5.62
CA LEU D 127 6.60 20.44 -5.11
C LEU D 127 7.83 20.97 -5.88
N ASP D 128 7.68 21.38 -7.13
CA ASP D 128 8.83 21.77 -7.94
C ASP D 128 9.55 23.00 -7.38
N GLY D 129 10.84 22.85 -7.11
CA GLY D 129 11.64 23.90 -6.50
C GLY D 129 11.17 24.30 -5.12
N LEU D 130 10.44 23.42 -4.44
CA LEU D 130 9.90 23.78 -3.13
C LEU D 130 11.03 23.98 -2.11
N SER D 131 12.06 23.15 -2.18
CA SER D 131 13.15 23.27 -1.23
C SER D 131 13.79 24.65 -1.30
N GLU D 132 14.18 25.06 -2.51
CA GLU D 132 14.74 26.41 -2.75
C GLU D 132 13.79 27.52 -2.31
N ARG D 133 12.50 27.34 -2.55
CA ARG D 133 11.52 28.37 -2.15
C ARG D 133 11.47 28.47 -0.62
N CYS D 134 11.48 27.31 0.04
CA CYS D 134 11.43 27.24 1.50
C CYS D 134 12.68 27.87 2.16
N ALA D 135 13.86 27.62 1.60
CA ALA D 135 15.10 28.16 2.16
C ALA D 135 15.02 29.68 2.14
N GLN D 136 14.49 30.20 1.04
CA GLN D 136 14.34 31.63 0.83
C GLN D 136 13.29 32.21 1.77
N TYR D 137 12.19 31.49 1.97
CA TYR D 137 11.09 31.98 2.81
C TYR D 137 11.56 32.02 4.26
N LYS D 138 12.38 31.05 4.62
CA LYS D 138 12.95 30.98 5.96
C LYS D 138 13.81 32.23 6.20
N LYS D 139 14.66 32.52 5.23
CA LYS D 139 15.57 33.66 5.30
C LYS D 139 14.80 34.96 5.47
N ASP D 140 13.65 35.03 4.82
CA ASP D 140 12.82 36.22 4.81
C ASP D 140 11.75 36.21 5.91
N GLY D 141 11.91 35.38 6.95
CA GLY D 141 11.10 35.52 8.15
C GLY D 141 10.00 34.48 8.41
N ALA D 142 9.72 33.63 7.45
CA ALA D 142 8.66 32.62 7.64
C ALA D 142 9.20 31.42 8.42
N ASP D 143 8.42 30.94 9.38
CA ASP D 143 8.80 29.77 10.19
C ASP D 143 7.85 28.58 10.00
N PHE D 144 6.71 28.79 9.34
CA PHE D 144 5.86 27.66 9.00
C PHE D 144 5.22 27.83 7.63
N ALA D 145 4.62 26.75 7.11
CA ALA D 145 4.01 26.78 5.79
C ALA D 145 2.67 26.10 5.83
N LYS D 146 1.91 26.24 4.74
CA LYS D 146 0.58 25.66 4.64
C LYS D 146 0.46 25.06 3.25
N TRP D 147 -0.15 23.89 3.15
CA TRP D 147 -0.38 23.25 1.86
C TRP D 147 -1.76 22.61 1.94
N ARG D 148 -2.61 22.88 0.96
CA ARG D 148 -4.00 22.44 1.02
C ARG D 148 -4.33 21.39 -0.05
N CYS D 149 -4.78 20.23 0.41
CA CYS D 149 -5.35 19.19 -0.45
C CYS D 149 -6.87 19.19 -0.25
N VAL D 150 -7.60 18.83 -1.29
CA VAL D 150 -9.06 18.91 -1.20
C VAL D 150 -9.74 17.59 -1.59
N LEU D 151 -10.60 17.10 -0.70
CA LEU D 151 -11.34 15.86 -0.90
C LEU D 151 -12.83 16.12 -0.77
N LYS D 152 -13.63 15.28 -1.39
CA LYS D 152 -15.07 15.51 -1.46
C LYS D 152 -15.82 14.24 -1.13
N ILE D 153 -16.81 14.34 -0.25
CA ILE D 153 -17.68 13.22 0.07
C ILE D 153 -18.79 13.12 -0.95
N GLY D 154 -18.92 11.93 -1.55
CA GLY D 154 -19.95 11.66 -2.54
C GLY D 154 -20.17 10.17 -2.66
N GLU D 155 -20.80 9.75 -3.76
CA GLU D 155 -21.12 8.33 -3.93
C GLU D 155 -19.88 7.46 -4.11
N HIS D 156 -18.88 7.97 -4.82
CA HIS D 156 -17.69 7.18 -5.11
C HIS D 156 -16.42 7.87 -4.60
N THR D 157 -16.60 8.94 -3.83
CA THR D 157 -15.47 9.72 -3.36
C THR D 157 -15.56 9.92 -1.87
N PRO D 158 -14.40 10.11 -1.21
CA PRO D 158 -13.07 10.07 -1.83
C PRO D 158 -12.69 8.67 -2.26
N SER D 159 -12.06 8.55 -3.42
CA SER D 159 -11.60 7.25 -3.89
C SER D 159 -10.29 6.85 -3.22
N ALA D 160 -9.98 5.55 -3.28
CA ALA D 160 -8.69 5.06 -2.80
C ALA D 160 -7.55 5.84 -3.46
N LEU D 161 -7.65 6.10 -4.76
CA LEU D 161 -6.60 6.84 -5.47
C LEU D 161 -6.44 8.23 -4.89
N ALA D 162 -7.55 8.96 -4.75
CA ALA D 162 -7.52 10.35 -4.30
C ALA D 162 -6.93 10.44 -2.90
N ILE D 163 -7.25 9.46 -2.06
CA ILE D 163 -6.82 9.47 -0.66
C ILE D 163 -5.32 9.20 -0.55
N MET D 164 -4.87 8.16 -1.25
CA MET D 164 -3.46 7.81 -1.27
C MET D 164 -2.61 8.95 -1.86
N GLU D 165 -2.97 9.40 -3.06
CA GLU D 165 -2.17 10.40 -3.77
C GLU D 165 -2.10 11.71 -2.98
N ASN D 166 -3.23 12.17 -2.44
CA ASN D 166 -3.21 13.39 -1.64
C ASN D 166 -2.39 13.27 -0.36
N ALA D 167 -2.47 12.12 0.29
CA ALA D 167 -1.72 11.89 1.52
C ALA D 167 -0.23 11.83 1.21
N ASN D 168 0.12 11.19 0.09
CA ASN D 168 1.51 11.10 -0.36
C ASN D 168 2.10 12.49 -0.64
N VAL D 169 1.38 13.33 -1.38
CA VAL D 169 1.95 14.63 -1.77
C VAL D 169 2.05 15.52 -0.54
N LEU D 170 1.10 15.38 0.39
CA LEU D 170 1.21 16.08 1.66
C LEU D 170 2.49 15.65 2.38
N ALA D 171 2.82 14.37 2.31
CA ALA D 171 4.01 13.89 3.00
C ALA D 171 5.28 14.46 2.32
N ARG D 172 5.29 14.50 1.00
CA ARG D 172 6.45 15.03 0.28
C ARG D 172 6.66 16.49 0.69
N TYR D 173 5.57 17.24 0.79
CA TYR D 173 5.64 18.66 1.11
C TYR D 173 6.11 18.87 2.54
N ALA D 174 5.62 18.03 3.45
CA ALA D 174 6.03 18.10 4.85
C ALA D 174 7.52 17.84 4.97
N SER D 175 8.00 16.86 4.21
CA SER D 175 9.41 16.46 4.28
C SER D 175 10.34 17.59 3.82
N ILE D 176 10.00 18.19 2.68
CA ILE D 176 10.79 19.30 2.14
C ILE D 176 10.81 20.48 3.10
N CYS D 177 9.64 20.86 3.63
CA CYS D 177 9.56 21.92 4.64
C CYS D 177 10.51 21.67 5.82
N GLN D 178 10.48 20.46 6.39
CA GLN D 178 11.26 20.19 7.60
C GLN D 178 12.77 20.23 7.34
N GLN D 179 13.19 19.88 6.12
CA GLN D 179 14.59 19.97 5.74
C GLN D 179 15.09 21.41 5.73
N ASN D 180 14.15 22.37 5.71
CA ASN D 180 14.50 23.79 5.64
C ASN D 180 14.07 24.60 6.89
N GLY D 181 13.84 23.90 7.99
CA GLY D 181 13.50 24.55 9.24
C GLY D 181 12.11 25.16 9.27
N ILE D 182 11.24 24.71 8.36
CA ILE D 182 9.87 25.21 8.29
C ILE D 182 8.90 24.17 8.84
N VAL D 183 8.01 24.59 9.73
CA VAL D 183 6.97 23.71 10.26
C VAL D 183 5.86 23.62 9.23
N PRO D 184 5.58 22.41 8.71
CA PRO D 184 4.46 22.28 7.78
C PRO D 184 3.13 22.07 8.50
N ILE D 185 2.15 22.85 8.11
CA ILE D 185 0.77 22.57 8.44
C ILE D 185 0.20 21.66 7.36
N VAL D 186 -0.20 20.50 7.77
CA VAL D 186 -0.78 19.49 6.90
C VAL D 186 -2.31 19.63 6.84
N GLU D 187 -2.82 20.09 5.71
CA GLU D 187 -4.26 20.32 5.51
C GLU D 187 -4.94 19.37 4.52
N PRO D 188 -5.58 18.37 5.06
CA PRO D 188 -6.32 17.46 4.21
C PRO D 188 -7.83 17.83 4.28
N GLU D 189 -8.29 18.84 3.57
CA GLU D 189 -9.64 19.26 3.70
C GLU D 189 -10.68 18.35 3.02
N ILE D 190 -11.64 17.86 3.79
CA ILE D 190 -12.79 17.16 3.29
C ILE D 190 -13.92 18.17 3.25
N LEU D 191 -14.36 18.48 2.06
CA LEU D 191 -15.38 19.49 1.84
C LEU D 191 -16.71 19.13 2.51
N PRO D 192 -17.45 20.14 2.95
CA PRO D 192 -18.73 19.87 3.59
C PRO D 192 -19.87 19.82 2.58
N ASP D 193 -19.53 19.85 1.28
CA ASP D 193 -20.51 19.80 0.21
C ASP D 193 -21.24 18.46 0.17
N GLY D 194 -22.55 18.50 -0.04
CA GLY D 194 -23.35 17.30 -0.18
C GLY D 194 -24.34 17.17 0.97
N ASP D 195 -25.17 16.12 0.94
CA ASP D 195 -26.18 15.94 1.96
C ASP D 195 -25.92 14.71 2.84
N HIS D 196 -24.67 14.32 2.98
CA HIS D 196 -24.30 13.23 3.91
C HIS D 196 -24.55 13.67 5.35
N ASP D 197 -24.67 12.70 6.26
CA ASP D 197 -24.93 13.02 7.66
C ASP D 197 -23.63 13.03 8.47
N LEU D 198 -23.77 13.26 9.77
CA LEU D 198 -22.62 13.43 10.65
C LEU D 198 -21.69 12.20 10.65
N LYS D 199 -22.27 11.02 10.83
CA LYS D 199 -21.45 9.82 10.97
C LYS D 199 -20.72 9.46 9.67
N ARG D 200 -21.25 9.87 8.53
CA ARG D 200 -20.57 9.64 7.28
C ARG D 200 -19.30 10.49 7.20
N CYS D 201 -19.43 11.77 7.55
CA CYS D 201 -18.27 12.65 7.61
C CYS D 201 -17.24 12.13 8.60
N GLN D 202 -17.69 11.69 9.77
CA GLN D 202 -16.76 11.14 10.76
C GLN D 202 -15.98 9.94 10.21
N TYR D 203 -16.68 9.07 9.47
CA TYR D 203 -16.09 7.87 8.88
C TYR D 203 -15.02 8.24 7.85
N VAL D 204 -15.35 9.17 6.98
CA VAL D 204 -14.45 9.59 5.91
C VAL D 204 -13.25 10.30 6.52
N THR D 205 -13.49 11.13 7.52
CA THR D 205 -12.42 11.86 8.19
C THR D 205 -11.41 10.89 8.86
N GLU D 206 -11.93 9.87 9.53
CA GLU D 206 -11.08 8.87 10.15
C GLU D 206 -10.22 8.15 9.11
N LYS D 207 -10.84 7.71 8.01
CA LYS D 207 -10.12 7.04 6.92
C LYS D 207 -9.05 7.93 6.29
N VAL D 208 -9.37 9.21 6.10
CA VAL D 208 -8.44 10.11 5.42
C VAL D 208 -7.26 10.38 6.33
N LEU D 209 -7.54 10.62 7.60
CA LEU D 209 -6.47 10.90 8.55
C LEU D 209 -5.59 9.68 8.80
N ALA D 210 -6.15 8.47 8.74
CA ALA D 210 -5.32 7.28 8.97
C ALA D 210 -4.30 7.20 7.82
N ALA D 211 -4.75 7.52 6.63
CA ALA D 211 -3.89 7.50 5.46
C ALA D 211 -2.83 8.60 5.48
N VAL D 212 -3.23 9.80 5.87
CA VAL D 212 -2.30 10.91 5.98
C VAL D 212 -1.16 10.56 6.96
N TYR D 213 -1.49 10.04 8.15
CA TYR D 213 -0.43 9.70 9.12
C TYR D 213 0.41 8.49 8.72
N LYS D 214 -0.15 7.53 7.99
CA LYS D 214 0.66 6.45 7.44
C LYS D 214 1.67 7.02 6.42
N ALA D 215 1.22 7.91 5.57
CA ALA D 215 2.09 8.52 4.56
C ALA D 215 3.23 9.28 5.23
N LEU D 216 2.87 10.07 6.24
CA LEU D 216 3.84 10.85 6.98
C LEU D 216 4.84 9.93 7.63
N SER D 217 4.38 8.79 8.14
CA SER D 217 5.32 7.85 8.73
C SER D 217 6.25 7.30 7.64
N ASP D 218 5.69 6.91 6.49
CA ASP D 218 6.51 6.35 5.40
C ASP D 218 7.60 7.31 4.94
N HIS D 219 7.30 8.63 5.00
CA HIS D 219 8.22 9.67 4.53
C HIS D 219 9.06 10.27 5.66
N HIS D 220 9.04 9.61 6.82
CA HIS D 220 9.90 10.00 7.95
C HIS D 220 9.64 11.42 8.48
N ILE D 221 8.38 11.83 8.51
CA ILE D 221 8.02 13.13 9.05
C ILE D 221 8.06 13.17 10.59
N TYR D 222 8.63 14.24 11.12
CA TYR D 222 8.76 14.47 12.55
C TYR D 222 7.49 15.17 13.05
N LEU D 223 6.61 14.41 13.71
CA LEU D 223 5.24 14.88 13.97
C LEU D 223 5.18 16.01 14.98
N GLU D 224 6.11 15.99 15.93
CA GLU D 224 6.18 17.05 16.93
C GLU D 224 6.42 18.41 16.26
N GLY D 225 7.00 18.38 15.06
CA GLY D 225 7.26 19.59 14.30
C GLY D 225 6.28 19.75 13.14
N THR D 226 5.04 19.33 13.34
CA THR D 226 3.98 19.57 12.38
C THR D 226 2.76 20.07 13.11
N LEU D 227 1.82 20.62 12.33
CA LEU D 227 0.47 20.86 12.79
C LEU D 227 -0.47 20.23 11.79
N LEU D 228 -1.66 19.86 12.25
CA LEU D 228 -2.68 19.31 11.38
C LEU D 228 -3.81 20.32 11.22
N LYS D 229 -4.32 20.48 9.99
CA LYS D 229 -5.42 21.40 9.71
C LYS D 229 -6.55 20.67 9.00
N PRO D 230 -7.39 19.96 9.76
CA PRO D 230 -8.49 19.19 9.22
C PRO D 230 -9.79 19.98 9.26
N ASN D 231 -10.79 19.55 8.49
CA ASN D 231 -12.16 19.97 8.71
C ASN D 231 -12.59 19.48 10.08
N MET D 232 -13.54 20.19 10.69
CA MET D 232 -14.27 19.63 11.81
C MET D 232 -15.19 18.56 11.23
N VAL D 233 -15.57 17.57 12.02
CA VAL D 233 -16.58 16.63 11.56
C VAL D 233 -17.98 17.23 11.73
N THR D 234 -18.65 17.40 10.60
CA THR D 234 -19.98 18.02 10.57
C THR D 234 -20.81 17.28 9.52
N PRO D 235 -22.14 17.37 9.64
CA PRO D 235 -22.97 16.92 8.54
C PRO D 235 -22.69 17.73 7.29
N GLY D 236 -23.11 17.23 6.13
CA GLY D 236 -23.01 17.95 4.88
C GLY D 236 -23.90 19.19 4.84
N HIS D 237 -23.58 20.11 3.94
CA HIS D 237 -24.24 21.41 3.91
C HIS D 237 -25.72 21.27 3.55
N ALA D 238 -26.05 20.19 2.85
CA ALA D 238 -27.42 19.98 2.38
C ALA D 238 -28.10 18.87 3.17
N CYS D 239 -27.51 18.49 4.30
CA CYS D 239 -28.10 17.45 5.13
C CYS D 239 -29.30 18.01 5.89
N THR D 240 -30.42 17.29 5.84
CA THR D 240 -31.64 17.74 6.51
C THR D 240 -31.59 17.49 8.01
N GLN D 241 -30.98 16.38 8.44
CA GLN D 241 -30.88 16.08 9.86
C GLN D 241 -30.08 17.14 10.58
N LYS D 242 -30.49 17.47 11.80
CA LYS D 242 -29.84 18.52 12.59
C LYS D 242 -29.10 17.94 13.79
N TYR D 243 -28.01 18.60 14.19
CA TYR D 243 -27.18 18.14 15.28
C TYR D 243 -26.84 19.28 16.23
N SER D 244 -26.58 18.97 17.48
CA SER D 244 -26.12 19.97 18.42
C SER D 244 -24.62 20.19 18.29
N HIS D 245 -24.12 21.26 18.91
CA HIS D 245 -22.70 21.56 18.89
C HIS D 245 -21.92 20.52 19.69
N GLU D 246 -22.58 19.94 20.69
CA GLU D 246 -21.95 18.92 21.50
C GLU D 246 -21.73 17.64 20.67
N GLU D 247 -22.63 17.38 19.73
CA GLU D 247 -22.52 16.20 18.89
C GLU D 247 -21.42 16.38 17.83
N ILE D 248 -21.39 17.54 17.20
CA ILE D 248 -20.34 17.86 16.26
C ILE D 248 -18.98 17.73 16.95
N ALA D 249 -18.86 18.29 18.16
CA ALA D 249 -17.63 18.25 18.93
C ALA D 249 -17.20 16.82 19.25
N MET D 250 -18.18 16.01 19.64
CA MET D 250 -17.94 14.62 20.00
C MET D 250 -17.42 13.83 18.80
N ALA D 251 -18.08 14.02 17.66
CA ALA D 251 -17.73 13.29 16.45
C ALA D 251 -16.34 13.73 15.94
N THR D 252 -16.05 15.03 16.09
CA THR D 252 -14.76 15.58 15.70
C THR D 252 -13.61 15.06 16.56
N VAL D 253 -13.80 15.07 17.88
CA VAL D 253 -12.74 14.73 18.80
C VAL D 253 -12.51 13.21 18.80
N THR D 254 -13.59 12.48 18.57
CA THR D 254 -13.54 11.03 18.44
C THR D 254 -12.75 10.64 17.20
N ALA D 255 -13.06 11.27 16.07
CA ALA D 255 -12.34 11.02 14.82
C ALA D 255 -10.85 11.31 14.99
N LEU D 256 -10.53 12.42 15.66
CA LEU D 256 -9.13 12.77 15.88
C LEU D 256 -8.45 11.75 16.80
N ARG D 257 -9.14 11.37 17.86
CA ARG D 257 -8.58 10.48 18.87
C ARG D 257 -8.23 9.12 18.28
N ARG D 258 -8.96 8.73 17.24
CA ARG D 258 -8.78 7.42 16.62
C ARG D 258 -7.69 7.41 15.56
N THR D 259 -7.14 8.58 15.19
CA THR D 259 -6.19 8.67 14.08
C THR D 259 -4.91 9.51 14.31
N VAL D 260 -5.02 10.61 15.05
CA VAL D 260 -3.90 11.56 15.23
C VAL D 260 -3.00 11.16 16.39
N PRO D 261 -1.77 10.72 16.11
CA PRO D 261 -0.84 10.36 17.20
C PRO D 261 -0.61 11.52 18.19
N PRO D 262 -0.47 11.22 19.49
CA PRO D 262 -0.23 12.24 20.52
C PRO D 262 0.97 13.15 20.22
N ALA D 263 1.94 12.68 19.45
CA ALA D 263 3.15 13.46 19.19
C ALA D 263 2.84 14.72 18.39
N VAL D 264 1.76 14.69 17.61
CA VAL D 264 1.38 15.88 16.83
C VAL D 264 1.15 17.03 17.80
N THR D 265 1.74 18.17 17.51
CA THR D 265 1.75 19.26 18.49
C THR D 265 0.40 19.96 18.56
N GLY D 266 -0.25 20.15 17.43
CA GLY D 266 -1.55 20.77 17.48
C GLY D 266 -2.38 20.60 16.24
N VAL D 267 -3.66 20.91 16.40
CA VAL D 267 -4.67 20.74 15.39
C VAL D 267 -5.29 22.11 15.26
N THR D 268 -5.22 22.67 14.07
CA THR D 268 -5.70 24.02 13.83
C THR D 268 -6.79 23.94 12.78
N PHE D 269 -8.03 23.92 13.26
CA PHE D 269 -9.17 23.62 12.39
C PHE D 269 -9.41 24.68 11.32
N LEU D 270 -9.80 24.23 10.13
CA LEU D 270 -10.31 25.13 9.11
C LEU D 270 -11.78 25.39 9.41
N SER D 271 -12.27 26.58 9.07
CA SER D 271 -13.65 26.93 9.38
C SER D 271 -14.63 26.44 8.32
N GLY D 272 -14.14 26.23 7.09
CA GLY D 272 -14.99 25.77 6.02
C GLY D 272 -16.01 26.85 5.69
N GLY D 273 -17.25 26.45 5.45
CA GLY D 273 -18.30 27.42 5.18
C GLY D 273 -19.06 27.84 6.42
N GLN D 274 -18.49 27.61 7.59
CA GLN D 274 -19.15 27.93 8.85
C GLN D 274 -19.15 29.44 9.07
N SER D 275 -20.22 29.94 9.68
CA SER D 275 -20.27 31.36 10.01
C SER D 275 -19.21 31.64 11.06
N GLU D 276 -18.96 32.92 11.33
CA GLU D 276 -17.96 33.32 12.31
C GLU D 276 -18.31 32.82 13.69
N GLU D 277 -19.60 32.88 14.02
CA GLU D 277 -20.09 32.46 15.34
C GLU D 277 -20.17 30.94 15.45
N GLU D 278 -20.65 30.31 14.38
CA GLU D 278 -20.71 28.86 14.31
C GLU D 278 -19.32 28.26 14.53
N ALA D 279 -18.31 28.88 13.93
CA ALA D 279 -16.94 28.38 13.99
C ALA D 279 -16.38 28.50 15.40
N SER D 280 -16.79 29.54 16.12
CA SER D 280 -16.30 29.78 17.47
C SER D 280 -17.01 28.90 18.49
N ILE D 281 -18.30 28.66 18.28
CA ILE D 281 -19.09 27.84 19.20
C ILE D 281 -18.66 26.38 19.09
N ASN D 282 -18.52 25.90 17.86
CA ASN D 282 -18.01 24.56 17.64
C ASN D 282 -16.61 24.37 18.22
N LEU D 283 -15.70 25.28 17.90
CA LEU D 283 -14.36 25.21 18.47
C LEU D 283 -14.43 25.15 20.00
N ASN D 284 -15.35 25.91 20.59
CA ASN D 284 -15.51 25.91 22.04
C ASN D 284 -16.05 24.57 22.55
N ALA D 285 -17.02 24.01 21.83
CA ALA D 285 -17.59 22.71 22.22
C ALA D 285 -16.52 21.62 22.17
N ILE D 286 -15.70 21.68 21.12
CA ILE D 286 -14.60 20.74 20.91
C ILE D 286 -13.64 20.74 22.11
N ASN D 287 -13.28 21.92 22.59
CA ASN D 287 -12.36 22.01 23.72
C ASN D 287 -12.98 21.63 25.04
N LYS D 288 -14.31 21.70 25.13
CA LYS D 288 -15.00 21.28 26.34
C LYS D 288 -15.32 19.78 26.31
N CYS D 289 -15.17 19.15 25.16
CA CYS D 289 -15.52 17.74 25.00
C CYS D 289 -14.79 16.91 26.03
N PRO D 290 -15.53 16.13 26.84
CA PRO D 290 -14.95 15.47 28.02
C PRO D 290 -14.13 14.21 27.72
N LEU D 291 -13.48 14.16 26.56
CA LEU D 291 -12.53 13.10 26.27
C LEU D 291 -11.12 13.69 26.32
N LEU D 292 -10.14 12.81 26.51
CA LEU D 292 -8.75 13.23 26.64
C LEU D 292 -8.22 13.67 25.28
N LYS D 293 -7.66 14.89 25.22
CA LYS D 293 -7.21 15.46 23.94
C LYS D 293 -5.75 15.90 24.04
N PRO D 294 -4.83 15.05 23.54
CA PRO D 294 -3.39 15.24 23.78
C PRO D 294 -2.70 16.16 22.78
N TRP D 295 -3.49 16.98 22.08
CA TRP D 295 -2.93 18.03 21.25
C TRP D 295 -3.73 19.31 21.46
N ALA D 296 -3.08 20.46 21.30
CA ALA D 296 -3.78 21.75 21.26
C ALA D 296 -4.87 21.67 20.21
N LEU D 297 -6.03 22.21 20.54
CA LEU D 297 -7.17 22.24 19.62
C LEU D 297 -7.59 23.69 19.42
N THR D 298 -7.25 24.25 18.27
CA THR D 298 -7.40 25.69 18.06
C THR D 298 -7.85 25.99 16.63
N PHE D 299 -7.58 27.20 16.16
CA PHE D 299 -8.13 27.63 14.89
C PHE D 299 -7.04 28.01 13.91
N SER D 300 -7.34 27.81 12.63
CA SER D 300 -6.61 28.45 11.55
C SER D 300 -7.70 28.90 10.57
N TYR D 301 -8.31 30.06 10.87
CA TYR D 301 -9.50 30.53 10.17
C TYR D 301 -9.21 31.61 9.11
N GLY D 302 -9.80 31.46 7.93
CA GLY D 302 -9.78 32.53 6.95
C GLY D 302 -11.07 33.33 7.10
N ARG D 303 -12.13 32.83 6.48
CA ARG D 303 -13.42 33.50 6.44
C ARG D 303 -13.98 33.83 7.83
N ALA D 304 -13.78 32.92 8.79
CA ALA D 304 -14.40 33.06 10.10
C ALA D 304 -13.72 34.09 11.00
N LEU D 305 -12.57 34.59 10.57
CA LEU D 305 -11.93 35.71 11.26
C LEU D 305 -12.14 37.02 10.49
N GLN D 306 -12.51 36.92 9.21
CA GLN D 306 -12.46 38.07 8.28
C GLN D 306 -13.80 38.57 7.76
N ALA D 307 -14.86 37.78 7.89
CA ALA D 307 -16.12 38.13 7.21
C ALA D 307 -16.59 39.54 7.57
N SER D 308 -16.84 39.76 8.86
CA SER D 308 -17.33 41.05 9.35
C SER D 308 -16.38 42.20 9.06
N ALA D 309 -15.08 41.91 9.08
CA ALA D 309 -14.07 42.95 8.87
C ALA D 309 -14.08 43.39 7.41
N LEU D 310 -14.33 42.42 6.53
CA LEU D 310 -14.37 42.68 5.12
C LEU D 310 -15.54 43.59 4.80
N LYS D 311 -16.71 43.21 5.32
CA LYS D 311 -17.96 43.93 5.08
C LYS D 311 -17.94 45.35 5.64
N ALA D 312 -17.34 45.50 6.83
CA ALA D 312 -17.25 46.81 7.48
C ALA D 312 -16.28 47.73 6.74
N TRP D 313 -15.23 47.16 6.16
CA TRP D 313 -14.26 47.92 5.39
C TRP D 313 -14.90 48.46 4.11
N GLY D 314 -15.51 47.57 3.33
CA GLY D 314 -16.21 47.97 2.12
C GLY D 314 -15.30 48.62 1.10
N GLY D 315 -13.99 48.52 1.33
CA GLY D 315 -13.02 49.09 0.41
C GLY D 315 -12.70 50.56 0.67
N LYS D 316 -13.34 51.13 1.69
CA LYS D 316 -13.18 52.55 2.00
C LYS D 316 -12.08 52.76 3.04
N LYS D 317 -11.15 53.63 2.70
CA LYS D 317 -10.03 53.96 3.56
C LYS D 317 -10.49 54.34 4.98
N GLU D 318 -11.58 55.08 5.07
CA GLU D 318 -12.01 55.66 6.35
C GLU D 318 -12.67 54.64 7.27
N ASN D 319 -12.92 53.44 6.75
CA ASN D 319 -13.52 52.39 7.56
C ASN D 319 -12.46 51.48 8.17
N LEU D 320 -11.21 51.93 8.11
CA LEU D 320 -10.09 51.19 8.68
C LEU D 320 -10.43 50.66 10.07
N LYS D 321 -10.65 51.57 11.02
CA LYS D 321 -10.84 51.20 12.41
C LYS D 321 -12.08 50.36 12.65
N ALA D 322 -13.15 50.65 11.92
CA ALA D 322 -14.38 49.90 12.10
C ALA D 322 -14.14 48.44 11.74
N ALA D 323 -13.38 48.23 10.66
CA ALA D 323 -13.04 46.88 10.19
C ALA D 323 -12.18 46.16 11.21
N GLN D 324 -11.11 46.82 11.67
CA GLN D 324 -10.19 46.21 12.60
C GLN D 324 -10.89 45.78 13.88
N GLU D 325 -11.94 46.52 14.26
CA GLU D 325 -12.68 46.22 15.48
C GLU D 325 -13.44 44.91 15.32
N GLU D 326 -14.01 44.67 14.15
CA GLU D 326 -14.71 43.42 13.84
C GLU D 326 -13.76 42.23 13.89
N TYR D 327 -12.56 42.42 13.37
CA TYR D 327 -11.56 41.36 13.36
C TYR D 327 -11.13 41.04 14.79
N VAL D 328 -10.71 42.07 15.51
CA VAL D 328 -10.30 41.90 16.91
C VAL D 328 -11.36 41.14 17.68
N LYS D 329 -12.64 41.45 17.40
CA LYS D 329 -13.74 40.78 18.10
C LYS D 329 -13.75 39.27 17.84
N ARG D 330 -13.63 38.87 16.57
CA ARG D 330 -13.56 37.46 16.22
C ARG D 330 -12.31 36.81 16.81
N ALA D 331 -11.21 37.56 16.88
CA ALA D 331 -9.96 36.99 17.38
C ALA D 331 -10.05 36.68 18.86
N LEU D 332 -10.67 37.59 19.62
CA LEU D 332 -10.87 37.40 21.05
C LEU D 332 -11.85 36.24 21.28
N ALA D 333 -12.92 36.20 20.49
CA ALA D 333 -13.88 35.13 20.61
C ALA D 333 -13.20 33.77 20.46
N ASN D 334 -12.31 33.66 19.49
CA ASN D 334 -11.67 32.39 19.18
C ASN D 334 -10.52 32.01 20.11
N SER D 335 -9.82 33.02 20.65
CA SER D 335 -8.83 32.76 21.69
C SER D 335 -9.48 32.14 22.92
N LEU D 336 -10.72 32.56 23.21
CA LEU D 336 -11.46 32.00 24.35
C LEU D 336 -11.97 30.61 23.98
N ALA D 337 -12.38 30.44 22.73
CA ALA D 337 -12.96 29.19 22.28
C ALA D 337 -11.94 28.07 22.42
N CYS D 338 -10.69 28.37 22.06
CA CYS D 338 -9.66 27.34 22.05
C CYS D 338 -9.14 27.08 23.47
N GLN D 339 -9.83 27.64 24.46
CA GLN D 339 -9.59 27.36 25.86
C GLN D 339 -10.85 26.79 26.52
N GLY D 340 -11.94 26.75 25.75
CA GLY D 340 -13.22 26.27 26.26
C GLY D 340 -13.92 27.30 27.11
N LYS D 341 -13.57 28.57 26.93
CA LYS D 341 -14.08 29.65 27.77
C LYS D 341 -14.93 30.63 27.00
N TYR D 342 -15.47 30.23 25.86
CA TYR D 342 -16.24 31.15 25.03
C TYR D 342 -17.74 30.97 25.19
N THR D 343 -18.42 32.06 25.52
CA THR D 343 -19.87 32.06 25.60
C THR D 343 -20.39 33.24 24.80
N PRO D 344 -21.34 32.98 23.88
CA PRO D 344 -21.86 34.03 23.01
C PRO D 344 -22.63 35.10 23.78
N ALA D 351 -23.56 39.37 10.22
CA ALA D 351 -22.43 38.91 9.43
C ALA D 351 -21.68 37.79 10.16
N ALA D 352 -21.68 37.86 11.48
CA ALA D 352 -21.09 36.81 12.31
C ALA D 352 -22.03 35.59 12.36
N SER D 353 -23.18 35.72 11.69
CA SER D 353 -24.22 34.70 11.73
C SER D 353 -24.51 34.19 10.32
N GLU D 354 -24.03 34.91 9.31
CA GLU D 354 -24.27 34.55 7.93
C GLU D 354 -23.38 33.37 7.53
N SER D 355 -24.00 32.33 6.96
CA SER D 355 -23.27 31.19 6.45
C SER D 355 -22.24 31.63 5.41
N LEU D 356 -21.02 31.11 5.52
CA LEU D 356 -19.92 31.51 4.65
C LEU D 356 -19.58 30.41 3.63
N PHE D 357 -20.53 29.52 3.39
CA PHE D 357 -20.33 28.36 2.53
C PHE D 357 -19.87 28.75 1.12
C01 5MM E . 3.08 -16.52 28.66
C01 5MM E . 5.64 -12.57 24.58
O02 5MM E . 3.99 -16.70 27.59
O02 5MM E . 4.30 -12.99 24.64
C03 5MM E . 3.53 -16.66 26.24
C03 5MM E . 3.53 -12.76 25.81
C04 5MM E . 4.13 -17.88 25.48
C04 5MM E . 4.37 -11.98 26.82
O05 5MM E . 3.82 -17.81 24.10
O05 5MM E . 5.28 -12.86 27.42
P06 5MM E . 3.75 -19.19 23.17
P06 5MM E . 6.56 -12.20 28.23
O07 5MM E . 3.04 -18.89 21.91
O07 5MM E . 6.06 -11.13 29.08
O08 5MM E . 5.28 -19.70 22.88
O08 5MM E . 7.31 -13.35 29.13
O09 5MM E . 2.91 -20.34 23.96
O09 5MM E . 7.60 -11.59 27.09
C10 5MM E . 3.93 -15.30 25.60
C10 5MM E . 3.16 -14.11 26.47
O11 5MM E . 3.55 -15.28 24.23
O11 5MM E . 1.76 -14.27 26.45
C12 5MM E . 3.25 -14.11 26.34
C12 5MM E . 3.84 -15.33 25.77
O13 5MM E . 1.86 -14.18 26.28
O13 5MM E . 3.64 -15.25 24.37
C14 5MM E . 3.69 -12.73 25.78
C14 5MM E . 3.24 -16.67 26.29
O15 5MM E . 4.57 -12.90 24.70
O15 5MM E . 3.30 -16.69 27.70
C16 5MM E . 4.42 -11.97 26.92
C16 5MM E . 4.01 -17.87 25.69
O17 5MM E . 5.21 -12.88 27.64
O17 5MM E . 3.71 -17.94 24.31
P18 5MM E . 6.64 -12.32 28.28
P18 5MM E . 3.68 -19.39 23.50
O19 5MM E . 7.37 -13.39 28.96
O19 5MM E . 4.93 -20.10 23.72
O20 5MM E . 6.22 -11.16 29.39
O20 5MM E . 3.44 -19.09 21.90
O21 5MM E . 7.54 -11.64 27.08
O21 5MM E . 2.41 -20.28 24.04
C01 5MM F . -17.00 -26.46 -7.97
C01 5MM F . -15.02 -22.00 -9.23
O02 5MM F . -16.40 -26.33 -6.70
O02 5MM F . -15.48 -22.87 -8.21
C03 5MM F . -16.52 -25.17 -5.90
C03 5MM F . -16.12 -24.09 -8.58
C04 5MM F . -17.89 -25.08 -5.17
C04 5MM F . -17.60 -23.82 -8.96
O05 5MM F . -17.71 -24.49 -3.91
O05 5MM F . -17.66 -23.03 -10.10
P06 5MM F . -16.93 -25.30 -2.67
P06 5MM F . -17.04 -23.57 -11.54
O07 5MM F . -15.49 -24.55 -2.38
O07 5MM F . -15.60 -24.35 -11.29
O08 5MM F . -16.68 -26.70 -3.01
O08 5MM F . -18.02 -24.47 -12.18
O09 5MM F . -17.85 -25.24 -1.31
O09 5MM F . -16.80 -22.26 -12.50
C10 5MM F . -16.09 -23.83 -6.58
C10 5MM F . -16.09 -25.11 -7.43
O11 5MM F . -14.78 -23.57 -6.15
O11 5MM F . -15.01 -26.00 -7.59
C12 5MM F . -16.01 -23.94 -8.12
C12 5MM F . -15.99 -24.37 -6.07
O13 5MM F . -14.87 -24.69 -8.42
O13 5MM F . -14.68 -23.90 -5.92
C14 5MM F . -15.86 -22.54 -8.83
C14 5MM F . -16.31 -25.36 -4.90
O15 5MM F . -14.80 -21.81 -8.30
O15 5MM F . -15.86 -26.64 -5.24
C16 5MM F . -17.18 -21.72 -8.85
C16 5MM F . -17.83 -25.39 -4.61
O17 5MM F . -18.05 -22.31 -9.79
O17 5MM F . -18.04 -25.13 -3.24
P18 5MM F . -17.43 -22.90 -11.22
P18 5MM F . -16.84 -25.45 -2.14
O19 5MM F . -16.28 -24.05 -10.88
O19 5MM F . -17.46 -25.41 -0.61
O20 5MM F . -18.62 -23.60 -12.12
O20 5MM F . -16.22 -26.93 -2.43
O21 5MM F . -16.84 -21.78 -11.94
O21 5MM F . -15.78 -24.44 -2.26
C01 5MM G . 21.46 12.85 -20.29
C01 5MM G . 19.38 7.27 -18.87
O02 5MM G . 20.10 12.54 -20.46
O02 5MM G . 18.50 8.31 -19.23
C03 5MM G . 19.26 12.43 -19.32
C03 5MM G . 18.38 8.68 -20.59
C04 5MM G . 20.07 12.68 -18.01
C04 5MM G . 19.14 7.67 -21.48
O05 5MM G . 20.47 14.02 -17.86
O05 5MM G . 20.51 7.87 -21.33
P06 5MM G . 19.32 15.19 -17.77
P06 5MM G . 21.57 6.64 -21.65
O07 5MM G . 19.79 16.47 -16.84
O07 5MM G . 23.03 7.25 -22.08
O08 5MM G . 17.93 14.55 -17.16
O08 5MM G . 20.97 5.72 -22.88
O09 5MM G . 19.11 15.69 -19.13
O09 5MM G . 21.70 5.82 -20.44
C10 5MM G . 18.65 11.00 -19.23
C10 5MM G . 19.04 10.08 -20.78
O11 5MM G . 17.27 11.13 -19.10
O11 5MM G . 18.33 10.83 -21.72
C12 5MM G . 18.95 10.09 -20.46
C12 5MM G . 19.09 10.83 -19.42
O13 5MM G . 18.28 10.64 -21.57
O13 5MM G . 17.80 10.89 -18.88
C14 5MM G . 18.38 8.64 -20.27
C14 5MM G . 19.60 12.29 -19.65
O15 5MM G . 18.79 8.08 -19.06
O15 5MM G . 20.60 12.28 -20.64
C16 5MM G . 18.81 7.71 -21.44
C16 5MM G . 20.19 12.81 -18.33
O17 5MM G . 20.19 7.90 -21.74
O17 5MM G . 20.40 14.20 -18.42
P18 5MM G . 21.25 6.62 -21.81
P18 5MM G . 19.38 15.23 -17.63
O19 5MM G . 21.26 5.81 -20.36
O19 5MM G . 18.94 16.44 -18.65
O20 5MM G . 20.76 5.60 -23.01
O20 5MM G . 18.04 14.43 -17.12
O21 5MM G . 22.60 7.11 -22.13
O21 5MM G . 20.07 15.80 -16.47
C01 5MM H . -7.16 31.61 3.35
C01 5MM H . -9.28 25.84 4.00
O02 5MM H . -7.95 30.86 2.46
O02 5MM H . -8.04 26.47 3.85
C03 5MM H . -7.37 29.91 1.59
C03 5MM H . -7.63 27.47 4.76
C04 5MM H . -7.81 30.16 0.13
C04 5MM H . -8.78 27.77 5.75
O05 5MM H . -7.43 29.09 -0.71
O05 5MM H . -9.85 28.35 5.06
P06 5MM H . -6.56 29.35 -2.11
P06 5MM H . -11.30 28.39 5.85
O07 5MM H . -5.89 30.64 -2.08
O07 5MM H . -12.07 27.21 5.49
O08 5MM H . -5.43 28.17 -2.25
O08 5MM H . -10.95 28.38 7.45
O09 5MM H . -7.55 29.29 -3.44
O09 5MM H . -12.11 29.77 5.46
C10 5MM H . -7.76 28.48 2.04
C10 5MM H . -7.31 28.79 4.01
O11 5MM H . -6.82 27.56 1.52
O11 5MM H . -5.97 29.15 4.29
C12 5MM H . -7.79 28.39 3.59
C12 5MM H . -7.58 28.68 2.49
O13 5MM H . -6.59 28.89 4.13
O13 5MM H . -6.76 27.70 1.92
C14 5MM H . -8.02 26.94 4.13
C14 5MM H . -7.28 30.04 1.77
O15 5MM H . -8.89 26.22 3.28
O15 5MM H . -8.09 31.04 2.33
C16 5MM H . -8.70 27.07 5.52
C16 5MM H . -7.56 29.91 0.25
O17 5MM H . -9.40 28.30 5.53
O17 5MM H . -6.54 29.16 -0.39
P18 5MM H . -10.98 28.34 6.01
P18 5MM H . -6.33 29.28 -2.04
O19 5MM H . -11.65 27.07 5.69
O19 5MM H . -5.54 30.44 -2.39
O20 5MM H . -10.97 28.58 7.65
O20 5MM H . -5.56 27.92 -2.56
O21 5MM H . -11.75 29.59 5.27
O21 5MM H . -7.79 29.38 -2.78
#